data_2TGI
# 
_entry.id   2TGI 
# 
_audit_conform.dict_name       mmcif_pdbx.dic 
_audit_conform.dict_version    5.397 
_audit_conform.dict_location   http://mmcif.pdb.org/dictionaries/ascii/mmcif_pdbx.dic 
# 
loop_
_database_2.database_id 
_database_2.database_code 
_database_2.pdbx_database_accession 
_database_2.pdbx_DOI 
PDB   2TGI         pdb_00002tgi 10.2210/pdb2tgi/pdb 
WWPDB D_1000178674 ?            ?                   
# 
loop_
_pdbx_audit_revision_history.ordinal 
_pdbx_audit_revision_history.data_content_type 
_pdbx_audit_revision_history.major_revision 
_pdbx_audit_revision_history.minor_revision 
_pdbx_audit_revision_history.revision_date 
1 'Structure model' 1 0 1994-01-31 
2 'Structure model' 1 1 2008-03-25 
3 'Structure model' 1 2 2011-07-13 
4 'Structure model' 1 3 2017-11-29 
5 'Structure model' 1 4 2024-10-16 
# 
_pdbx_audit_revision_details.ordinal             1 
_pdbx_audit_revision_details.revision_ordinal    1 
_pdbx_audit_revision_details.data_content_type   'Structure model' 
_pdbx_audit_revision_details.provider            repository 
_pdbx_audit_revision_details.type                'Initial release' 
_pdbx_audit_revision_details.description         ? 
_pdbx_audit_revision_details.details             ? 
# 
loop_
_pdbx_audit_revision_group.ordinal 
_pdbx_audit_revision_group.revision_ordinal 
_pdbx_audit_revision_group.data_content_type 
_pdbx_audit_revision_group.group 
1 2 'Structure model' 'Version format compliance' 
2 3 'Structure model' 'Derived calculations'      
3 3 'Structure model' 'Version format compliance' 
4 4 'Structure model' 'Derived calculations'      
5 4 'Structure model' Other                       
6 5 'Structure model' 'Data collection'           
7 5 'Structure model' 'Database references'       
8 5 'Structure model' 'Structure summary'         
# 
loop_
_pdbx_audit_revision_category.ordinal 
_pdbx_audit_revision_category.revision_ordinal 
_pdbx_audit_revision_category.data_content_type 
_pdbx_audit_revision_category.category 
1 4 'Structure model' pdbx_database_status      
2 4 'Structure model' struct_conf               
3 4 'Structure model' struct_conf_type          
4 5 'Structure model' chem_comp_atom            
5 5 'Structure model' chem_comp_bond            
6 5 'Structure model' database_2                
7 5 'Structure model' pdbx_entry_details        
8 5 'Structure model' pdbx_modification_feature 
# 
loop_
_pdbx_audit_revision_item.ordinal 
_pdbx_audit_revision_item.revision_ordinal 
_pdbx_audit_revision_item.data_content_type 
_pdbx_audit_revision_item.item 
1 4 'Structure model' '_pdbx_database_status.process_site'  
2 5 'Structure model' '_database_2.pdbx_DOI'                
3 5 'Structure model' '_database_2.pdbx_database_accession' 
# 
_pdbx_database_status.status_code                     REL 
_pdbx_database_status.entry_id                        2TGI 
_pdbx_database_status.recvd_initial_deposition_date   1993-10-20 
_pdbx_database_status.deposit_site                    ? 
_pdbx_database_status.process_site                    BNL 
_pdbx_database_status.SG_entry                        . 
_pdbx_database_status.pdb_format_compatible           Y 
_pdbx_database_status.status_code_mr                  ? 
_pdbx_database_status.status_code_sf                  ? 
_pdbx_database_status.status_code_cs                  ? 
_pdbx_database_status.methods_development_category    ? 
_pdbx_database_status.status_code_nmr_data            ? 
# 
loop_
_audit_author.name 
_audit_author.pdbx_ordinal 
'Daopin, S.'   1 
'Davies, D.R.' 2 
# 
loop_
_citation.id 
_citation.title 
_citation.journal_abbrev 
_citation.journal_volume 
_citation.page_first 
_citation.page_last 
_citation.year 
_citation.journal_id_ASTM 
_citation.country 
_citation.journal_id_ISSN 
_citation.journal_id_CSD 
_citation.book_publisher 
_citation.pdbx_database_id_PubMed 
_citation.pdbx_database_id_DOI 
primary 'Crystal structure of transforming growth factor-beta 2: an unusual fold for the superfamily.' Science  257 369 373 1992 
SCIEAS US 0036-8075 0038 ? 1631557 ? 
1       'Crystal Structure of Tgf-Beta2 Refined at 1.8 Angstroms Resolution'                           Proteins 17  176 ?   1993 
PSFGEY US 0887-3585 0867 ? ?       ? 
# 
loop_
_citation_author.citation_id 
_citation_author.name 
_citation_author.ordinal 
_citation_author.identifier_ORCID 
primary 'Daopin, S.'   1 ? 
primary 'Piez, K.A.'   2 ? 
primary 'Ogawa, Y.'    3 ? 
primary 'Davies, D.R.' 4 ? 
1       'Daopin, S.'   5 ? 
1       'Li, M.'       6 ? 
1       'Davies, D.R.' 7 ? 
# 
loop_
_entity.id 
_entity.type 
_entity.src_method 
_entity.pdbx_description 
_entity.formula_weight 
_entity.pdbx_number_of_molecules 
_entity.pdbx_ec 
_entity.pdbx_mutation 
_entity.pdbx_fragment 
_entity.details 
1 polymer man 'TRANSFORMING GROWTH FACTOR ,BETA 2' 12732.597 1  ? ? ? ? 
2 water   nat water                                18.015    58 ? ? ? ? 
# 
_entity_poly.entity_id                      1 
_entity_poly.type                           'polypeptide(L)' 
_entity_poly.nstd_linkage                   no 
_entity_poly.nstd_monomer                   no 
_entity_poly.pdbx_seq_one_letter_code       
;ALDAAYCFRNVQDNCCLRPLYIDFKRDLGWKWIHEPKGYNANFCAGACPYLWSSDTQHSRVLSLYNTINPEASASPCCVS
QDLEPLTILYYIGKTPKIEQLSNMIVKSCKCS
;
_entity_poly.pdbx_seq_one_letter_code_can   
;ALDAAYCFRNVQDNCCLRPLYIDFKRDLGWKWIHEPKGYNANFCAGACPYLWSSDTQHSRVLSLYNTINPEASASPCCVS
QDLEPLTILYYIGKTPKIEQLSNMIVKSCKCS
;
_entity_poly.pdbx_strand_id                 A 
_entity_poly.pdbx_target_identifier         ? 
# 
_pdbx_entity_nonpoly.entity_id   2 
_pdbx_entity_nonpoly.name        water 
_pdbx_entity_nonpoly.comp_id     HOH 
# 
loop_
_entity_poly_seq.entity_id 
_entity_poly_seq.num 
_entity_poly_seq.mon_id 
_entity_poly_seq.hetero 
1 1   ALA n 
1 2   LEU n 
1 3   ASP n 
1 4   ALA n 
1 5   ALA n 
1 6   TYR n 
1 7   CYS n 
1 8   PHE n 
1 9   ARG n 
1 10  ASN n 
1 11  VAL n 
1 12  GLN n 
1 13  ASP n 
1 14  ASN n 
1 15  CYS n 
1 16  CYS n 
1 17  LEU n 
1 18  ARG n 
1 19  PRO n 
1 20  LEU n 
1 21  TYR n 
1 22  ILE n 
1 23  ASP n 
1 24  PHE n 
1 25  LYS n 
1 26  ARG n 
1 27  ASP n 
1 28  LEU n 
1 29  GLY n 
1 30  TRP n 
1 31  LYS n 
1 32  TRP n 
1 33  ILE n 
1 34  HIS n 
1 35  GLU n 
1 36  PRO n 
1 37  LYS n 
1 38  GLY n 
1 39  TYR n 
1 40  ASN n 
1 41  ALA n 
1 42  ASN n 
1 43  PHE n 
1 44  CYS n 
1 45  ALA n 
1 46  GLY n 
1 47  ALA n 
1 48  CYS n 
1 49  PRO n 
1 50  TYR n 
1 51  LEU n 
1 52  TRP n 
1 53  SER n 
1 54  SER n 
1 55  ASP n 
1 56  THR n 
1 57  GLN n 
1 58  HIS n 
1 59  SER n 
1 60  ARG n 
1 61  VAL n 
1 62  LEU n 
1 63  SER n 
1 64  LEU n 
1 65  TYR n 
1 66  ASN n 
1 67  THR n 
1 68  ILE n 
1 69  ASN n 
1 70  PRO n 
1 71  GLU n 
1 72  ALA n 
1 73  SER n 
1 74  ALA n 
1 75  SER n 
1 76  PRO n 
1 77  CYS n 
1 78  CYS n 
1 79  VAL n 
1 80  SER n 
1 81  GLN n 
1 82  ASP n 
1 83  LEU n 
1 84  GLU n 
1 85  PRO n 
1 86  LEU n 
1 87  THR n 
1 88  ILE n 
1 89  LEU n 
1 90  TYR n 
1 91  TYR n 
1 92  ILE n 
1 93  GLY n 
1 94  LYS n 
1 95  THR n 
1 96  PRO n 
1 97  LYS n 
1 98  ILE n 
1 99  GLU n 
1 100 GLN n 
1 101 LEU n 
1 102 SER n 
1 103 ASN n 
1 104 MET n 
1 105 ILE n 
1 106 VAL n 
1 107 LYS n 
1 108 SER n 
1 109 CYS n 
1 110 LYS n 
1 111 CYS n 
1 112 SER n 
# 
_entity_src_gen.entity_id                          1 
_entity_src_gen.pdbx_src_id                        1 
_entity_src_gen.pdbx_alt_source_flag               sample 
_entity_src_gen.pdbx_seq_type                      ? 
_entity_src_gen.pdbx_beg_seq_num                   ? 
_entity_src_gen.pdbx_end_seq_num                   ? 
_entity_src_gen.gene_src_common_name               human 
_entity_src_gen.gene_src_genus                     Homo 
_entity_src_gen.pdbx_gene_src_gene                 ? 
_entity_src_gen.gene_src_species                   ? 
_entity_src_gen.gene_src_strain                    ? 
_entity_src_gen.gene_src_tissue                    ? 
_entity_src_gen.gene_src_tissue_fraction           ? 
_entity_src_gen.gene_src_details                   ? 
_entity_src_gen.pdbx_gene_src_fragment             ? 
_entity_src_gen.pdbx_gene_src_scientific_name      'Homo sapiens' 
_entity_src_gen.pdbx_gene_src_ncbi_taxonomy_id     9606 
_entity_src_gen.pdbx_gene_src_variant              ? 
_entity_src_gen.pdbx_gene_src_cell_line            ? 
_entity_src_gen.pdbx_gene_src_atcc                 ? 
_entity_src_gen.pdbx_gene_src_organ                ? 
_entity_src_gen.pdbx_gene_src_organelle            ? 
_entity_src_gen.pdbx_gene_src_cell                 ? 
_entity_src_gen.pdbx_gene_src_cellular_location    ? 
_entity_src_gen.host_org_common_name               ? 
_entity_src_gen.pdbx_host_org_scientific_name      ? 
_entity_src_gen.pdbx_host_org_ncbi_taxonomy_id     ? 
_entity_src_gen.host_org_genus                     ? 
_entity_src_gen.pdbx_host_org_gene                 ? 
_entity_src_gen.pdbx_host_org_organ                ? 
_entity_src_gen.host_org_species                   ? 
_entity_src_gen.pdbx_host_org_tissue               ? 
_entity_src_gen.pdbx_host_org_tissue_fraction      ? 
_entity_src_gen.pdbx_host_org_strain               ? 
_entity_src_gen.pdbx_host_org_variant              ? 
_entity_src_gen.pdbx_host_org_cell_line            ? 
_entity_src_gen.pdbx_host_org_atcc                 ? 
_entity_src_gen.pdbx_host_org_culture_collection   ? 
_entity_src_gen.pdbx_host_org_cell                 ? 
_entity_src_gen.pdbx_host_org_organelle            ? 
_entity_src_gen.pdbx_host_org_cellular_location    ? 
_entity_src_gen.pdbx_host_org_vector_type          ? 
_entity_src_gen.pdbx_host_org_vector               ? 
_entity_src_gen.host_org_details                   ? 
_entity_src_gen.expression_system_id               ? 
_entity_src_gen.plasmid_name                       ? 
_entity_src_gen.plasmid_details                    ? 
_entity_src_gen.pdbx_description                   ? 
# 
loop_
_chem_comp.id 
_chem_comp.type 
_chem_comp.mon_nstd_flag 
_chem_comp.name 
_chem_comp.pdbx_synonyms 
_chem_comp.formula 
_chem_comp.formula_weight 
ALA 'L-peptide linking' y ALANINE         ? 'C3 H7 N O2'     89.093  
ARG 'L-peptide linking' y ARGININE        ? 'C6 H15 N4 O2 1' 175.209 
ASN 'L-peptide linking' y ASPARAGINE      ? 'C4 H8 N2 O3'    132.118 
ASP 'L-peptide linking' y 'ASPARTIC ACID' ? 'C4 H7 N O4'     133.103 
CYS 'L-peptide linking' y CYSTEINE        ? 'C3 H7 N O2 S'   121.158 
GLN 'L-peptide linking' y GLUTAMINE       ? 'C5 H10 N2 O3'   146.144 
GLU 'L-peptide linking' y 'GLUTAMIC ACID' ? 'C5 H9 N O4'     147.129 
GLY 'peptide linking'   y GLYCINE         ? 'C2 H5 N O2'     75.067  
HIS 'L-peptide linking' y HISTIDINE       ? 'C6 H10 N3 O2 1' 156.162 
HOH non-polymer         . WATER           ? 'H2 O'           18.015  
ILE 'L-peptide linking' y ISOLEUCINE      ? 'C6 H13 N O2'    131.173 
LEU 'L-peptide linking' y LEUCINE         ? 'C6 H13 N O2'    131.173 
LYS 'L-peptide linking' y LYSINE          ? 'C6 H15 N2 O2 1' 147.195 
MET 'L-peptide linking' y METHIONINE      ? 'C5 H11 N O2 S'  149.211 
PHE 'L-peptide linking' y PHENYLALANINE   ? 'C9 H11 N O2'    165.189 
PRO 'L-peptide linking' y PROLINE         ? 'C5 H9 N O2'     115.130 
SER 'L-peptide linking' y SERINE          ? 'C3 H7 N O3'     105.093 
THR 'L-peptide linking' y THREONINE       ? 'C4 H9 N O3'     119.119 
TRP 'L-peptide linking' y TRYPTOPHAN      ? 'C11 H12 N2 O2'  204.225 
TYR 'L-peptide linking' y TYROSINE        ? 'C9 H11 N O3'    181.189 
VAL 'L-peptide linking' y VALINE          ? 'C5 H11 N O2'    117.146 
# 
loop_
_pdbx_poly_seq_scheme.asym_id 
_pdbx_poly_seq_scheme.entity_id 
_pdbx_poly_seq_scheme.seq_id 
_pdbx_poly_seq_scheme.mon_id 
_pdbx_poly_seq_scheme.ndb_seq_num 
_pdbx_poly_seq_scheme.pdb_seq_num 
_pdbx_poly_seq_scheme.auth_seq_num 
_pdbx_poly_seq_scheme.pdb_mon_id 
_pdbx_poly_seq_scheme.auth_mon_id 
_pdbx_poly_seq_scheme.pdb_strand_id 
_pdbx_poly_seq_scheme.pdb_ins_code 
_pdbx_poly_seq_scheme.hetero 
A 1 1   ALA 1   1   1   ALA ALA A . n 
A 1 2   LEU 2   2   2   LEU LEU A . n 
A 1 3   ASP 3   3   3   ASP ASP A . n 
A 1 4   ALA 4   4   4   ALA ALA A . n 
A 1 5   ALA 5   5   5   ALA ALA A . n 
A 1 6   TYR 6   6   6   TYR TYR A . n 
A 1 7   CYS 7   7   7   CYS CYS A . n 
A 1 8   PHE 8   8   8   PHE PHE A . n 
A 1 9   ARG 9   9   9   ARG ARG A . n 
A 1 10  ASN 10  10  10  ASN ASN A . n 
A 1 11  VAL 11  11  11  VAL VAL A . n 
A 1 12  GLN 12  12  12  GLN GLN A . n 
A 1 13  ASP 13  13  13  ASP ASP A . n 
A 1 14  ASN 14  14  14  ASN ASN A . n 
A 1 15  CYS 15  15  15  CYS CYS A . n 
A 1 16  CYS 16  16  16  CYS CYS A . n 
A 1 17  LEU 17  17  17  LEU LEU A . n 
A 1 18  ARG 18  18  18  ARG ARG A . n 
A 1 19  PRO 19  19  19  PRO PRO A . n 
A 1 20  LEU 20  20  20  LEU LEU A . n 
A 1 21  TYR 21  21  21  TYR TYR A . n 
A 1 22  ILE 22  22  22  ILE ILE A . n 
A 1 23  ASP 23  23  23  ASP ASP A . n 
A 1 24  PHE 24  24  24  PHE PHE A . n 
A 1 25  LYS 25  25  25  LYS LYS A . n 
A 1 26  ARG 26  26  26  ARG ARG A . n 
A 1 27  ASP 27  27  27  ASP ASP A . n 
A 1 28  LEU 28  28  28  LEU LEU A . n 
A 1 29  GLY 29  29  29  GLY GLY A . n 
A 1 30  TRP 30  30  30  TRP TRP A . n 
A 1 31  LYS 31  31  31  LYS LYS A . n 
A 1 32  TRP 32  32  32  TRP TRP A . n 
A 1 33  ILE 33  33  33  ILE ILE A . n 
A 1 34  HIS 34  34  34  HIS HIS A . n 
A 1 35  GLU 35  35  35  GLU GLU A . n 
A 1 36  PRO 36  36  36  PRO PRO A . n 
A 1 37  LYS 37  37  37  LYS LYS A . n 
A 1 38  GLY 38  38  38  GLY GLY A . n 
A 1 39  TYR 39  39  39  TYR TYR A . n 
A 1 40  ASN 40  40  40  ASN ASN A . n 
A 1 41  ALA 41  41  41  ALA ALA A . n 
A 1 42  ASN 42  42  42  ASN ASN A . n 
A 1 43  PHE 43  43  43  PHE PHE A . n 
A 1 44  CYS 44  44  44  CYS CYS A . n 
A 1 45  ALA 45  45  45  ALA ALA A . n 
A 1 46  GLY 46  46  46  GLY GLY A . n 
A 1 47  ALA 47  47  47  ALA ALA A . n 
A 1 48  CYS 48  48  48  CYS CYS A . n 
A 1 49  PRO 49  49  49  PRO PRO A . n 
A 1 50  TYR 50  50  50  TYR TYR A . n 
A 1 51  LEU 51  51  51  LEU LEU A . n 
A 1 52  TRP 52  52  52  TRP TRP A . n 
A 1 53  SER 53  53  53  SER SER A . n 
A 1 54  SER 54  54  54  SER SER A . n 
A 1 55  ASP 55  55  55  ASP ASP A . n 
A 1 56  THR 56  56  56  THR THR A . n 
A 1 57  GLN 57  57  57  GLN GLN A . n 
A 1 58  HIS 58  58  58  HIS HIS A . n 
A 1 59  SER 59  59  59  SER SER A . n 
A 1 60  ARG 60  60  60  ARG ARG A . n 
A 1 61  VAL 61  61  61  VAL VAL A . n 
A 1 62  LEU 62  62  62  LEU LEU A . n 
A 1 63  SER 63  63  63  SER SER A . n 
A 1 64  LEU 64  64  64  LEU LEU A . n 
A 1 65  TYR 65  65  65  TYR TYR A . n 
A 1 66  ASN 66  66  66  ASN ASN A . n 
A 1 67  THR 67  67  67  THR THR A . n 
A 1 68  ILE 68  68  68  ILE ILE A . n 
A 1 69  ASN 69  69  69  ASN ASN A . n 
A 1 70  PRO 70  70  70  PRO PRO A . n 
A 1 71  GLU 71  71  71  GLU GLU A . n 
A 1 72  ALA 72  72  72  ALA ALA A . n 
A 1 73  SER 73  73  73  SER SER A . n 
A 1 74  ALA 74  74  74  ALA ALA A . n 
A 1 75  SER 75  75  75  SER SER A . n 
A 1 76  PRO 76  76  76  PRO PRO A . n 
A 1 77  CYS 77  77  77  CYS CYS A . n 
A 1 78  CYS 78  78  78  CYS CYS A . n 
A 1 79  VAL 79  79  79  VAL VAL A . n 
A 1 80  SER 80  80  80  SER SER A . n 
A 1 81  GLN 81  81  81  GLN GLN A . n 
A 1 82  ASP 82  82  82  ASP ASP A . n 
A 1 83  LEU 83  83  83  LEU LEU A . n 
A 1 84  GLU 84  84  84  GLU GLU A . n 
A 1 85  PRO 85  85  85  PRO PRO A . n 
A 1 86  LEU 86  86  86  LEU LEU A . n 
A 1 87  THR 87  87  87  THR THR A . n 
A 1 88  ILE 88  88  88  ILE ILE A . n 
A 1 89  LEU 89  89  89  LEU LEU A . n 
A 1 90  TYR 90  90  90  TYR TYR A . n 
A 1 91  TYR 91  91  91  TYR TYR A . n 
A 1 92  ILE 92  92  92  ILE ILE A . n 
A 1 93  GLY 93  93  93  GLY GLY A . n 
A 1 94  LYS 94  94  94  LYS LYS A . n 
A 1 95  THR 95  95  95  THR THR A . n 
A 1 96  PRO 96  96  96  PRO PRO A . n 
A 1 97  LYS 97  97  97  LYS LYS A . n 
A 1 98  ILE 98  98  98  ILE ILE A . n 
A 1 99  GLU 99  99  99  GLU GLU A . n 
A 1 100 GLN 100 100 100 GLN GLN A . n 
A 1 101 LEU 101 101 101 LEU LEU A . n 
A 1 102 SER 102 102 102 SER SER A . n 
A 1 103 ASN 103 103 103 ASN ASN A . n 
A 1 104 MET 104 104 104 MET MET A . n 
A 1 105 ILE 105 105 105 ILE ILE A . n 
A 1 106 VAL 106 106 106 VAL VAL A . n 
A 1 107 LYS 107 107 107 LYS LYS A . n 
A 1 108 SER 108 108 108 SER SER A . n 
A 1 109 CYS 109 109 109 CYS CYS A . n 
A 1 110 LYS 110 110 110 LYS LYS A . n 
A 1 111 CYS 111 111 111 CYS CYS A . n 
A 1 112 SER 112 112 112 SER SER A . n 
# 
loop_
_pdbx_nonpoly_scheme.asym_id 
_pdbx_nonpoly_scheme.entity_id 
_pdbx_nonpoly_scheme.mon_id 
_pdbx_nonpoly_scheme.ndb_seq_num 
_pdbx_nonpoly_scheme.pdb_seq_num 
_pdbx_nonpoly_scheme.auth_seq_num 
_pdbx_nonpoly_scheme.pdb_mon_id 
_pdbx_nonpoly_scheme.auth_mon_id 
_pdbx_nonpoly_scheme.pdb_strand_id 
_pdbx_nonpoly_scheme.pdb_ins_code 
B 2 HOH 1  251 251 HOH HOH A . 
B 2 HOH 2  252 252 HOH HOH A . 
B 2 HOH 3  253 253 HOH HOH A . 
B 2 HOH 4  254 254 HOH HOH A . 
B 2 HOH 5  256 256 HOH HOH A . 
B 2 HOH 6  257 257 HOH HOH A . 
B 2 HOH 7  258 258 HOH HOH A . 
B 2 HOH 8  259 259 HOH HOH A . 
B 2 HOH 9  260 260 HOH HOH A . 
B 2 HOH 10 261 261 HOH HOH A . 
B 2 HOH 11 262 262 HOH HOH A . 
B 2 HOH 12 263 263 HOH HOH A . 
B 2 HOH 13 264 264 HOH HOH A . 
B 2 HOH 14 265 265 HOH HOH A . 
B 2 HOH 15 266 266 HOH HOH A . 
B 2 HOH 16 267 267 HOH HOH A . 
B 2 HOH 17 268 268 HOH HOH A . 
B 2 HOH 18 269 269 HOH HOH A . 
B 2 HOH 19 270 270 HOH HOH A . 
B 2 HOH 20 271 271 HOH HOH A . 
B 2 HOH 21 272 272 HOH HOH A . 
B 2 HOH 22 273 273 HOH HOH A . 
B 2 HOH 23 274 274 HOH HOH A . 
B 2 HOH 24 275 275 HOH HOH A . 
B 2 HOH 25 276 276 HOH HOH A . 
B 2 HOH 26 277 277 HOH HOH A . 
B 2 HOH 27 278 278 HOH HOH A . 
B 2 HOH 28 279 279 HOH HOH A . 
B 2 HOH 29 280 280 HOH HOH A . 
B 2 HOH 30 281 281 HOH HOH A . 
B 2 HOH 31 282 282 HOH HOH A . 
B 2 HOH 32 283 283 HOH HOH A . 
B 2 HOH 33 284 284 HOH HOH A . 
B 2 HOH 34 287 287 HOH HOH A . 
B 2 HOH 35 288 288 HOH HOH A . 
B 2 HOH 36 289 289 HOH HOH A . 
B 2 HOH 37 290 290 HOH HOH A . 
B 2 HOH 38 291 291 HOH HOH A . 
B 2 HOH 39 292 292 HOH HOH A . 
B 2 HOH 40 293 293 HOH HOH A . 
B 2 HOH 41 294 294 HOH HOH A . 
B 2 HOH 42 295 295 HOH HOH A . 
B 2 HOH 43 296 296 HOH HOH A . 
B 2 HOH 44 297 297 HOH HOH A . 
B 2 HOH 45 298 298 HOH HOH A . 
B 2 HOH 46 299 299 HOH HOH A . 
B 2 HOH 47 300 300 HOH HOH A . 
B 2 HOH 48 301 301 HOH HOH A . 
B 2 HOH 49 302 302 HOH HOH A . 
B 2 HOH 50 303 303 HOH HOH A . 
B 2 HOH 51 304 304 HOH HOH A . 
B 2 HOH 52 305 305 HOH HOH A . 
B 2 HOH 53 306 306 HOH HOH A . 
B 2 HOH 54 307 307 HOH HOH A . 
B 2 HOH 55 309 309 HOH HOH A . 
B 2 HOH 56 310 310 HOH HOH A . 
B 2 HOH 57 311 311 HOH HOH A . 
B 2 HOH 58 312 312 HOH HOH A . 
# 
_software.name             TNT 
_software.classification   refinement 
_software.version          . 
_software.citation_id      ? 
_software.pdbx_ordinal     1 
# 
_cell.entry_id           2TGI 
_cell.length_a           60.600 
_cell.length_b           60.600 
_cell.length_c           75.300 
_cell.angle_alpha        90.00 
_cell.angle_beta         90.00 
_cell.angle_gamma        120.00 
_cell.Z_PDB              6 
_cell.pdbx_unique_axis   ? 
# 
_symmetry.entry_id                         2TGI 
_symmetry.space_group_name_H-M             'P 32 2 1' 
_symmetry.pdbx_full_space_group_name_H-M   ? 
_symmetry.cell_setting                     ? 
_symmetry.Int_Tables_number                154 
# 
_exptl.entry_id          2TGI 
_exptl.method            'X-RAY DIFFRACTION' 
_exptl.crystals_number   ? 
# 
_exptl_crystal.id                    1 
_exptl_crystal.density_meas          ? 
_exptl_crystal.density_Matthews      3.13 
_exptl_crystal.density_percent_sol   60.74 
_exptl_crystal.description           ? 
# 
_diffrn.id                     1 
_diffrn.crystal_id             1 
_diffrn.ambient_temp           ? 
_diffrn.ambient_temp_details   ? 
# 
_refine.entry_id                                 2TGI 
_refine.ls_number_reflns_obs                     ? 
_refine.ls_number_reflns_all                     ? 
_refine.pdbx_ls_sigma_I                          ? 
_refine.pdbx_ls_sigma_F                          ? 
_refine.pdbx_data_cutoff_high_absF               ? 
_refine.pdbx_data_cutoff_low_absF                ? 
_refine.pdbx_data_cutoff_high_rms_absF           ? 
_refine.ls_d_res_low                             8. 
_refine.ls_d_res_high                            1.8 
_refine.ls_percent_reflns_obs                    ? 
_refine.ls_R_factor_obs                          0.173 
_refine.ls_R_factor_all                          ? 
_refine.ls_R_factor_R_work                       ? 
_refine.ls_R_factor_R_free                       ? 
_refine.ls_R_factor_R_free_error                 ? 
_refine.ls_R_factor_R_free_error_details         ? 
_refine.ls_percent_reflns_R_free                 ? 
_refine.ls_number_reflns_R_free                  ? 
_refine.ls_number_parameters                     ? 
_refine.ls_number_restraints                     ? 
_refine.occupancy_min                            ? 
_refine.occupancy_max                            ? 
_refine.B_iso_mean                               ? 
_refine.aniso_B[1][1]                            ? 
_refine.aniso_B[2][2]                            ? 
_refine.aniso_B[3][3]                            ? 
_refine.aniso_B[1][2]                            ? 
_refine.aniso_B[1][3]                            ? 
_refine.aniso_B[2][3]                            ? 
_refine.solvent_model_details                    ? 
_refine.solvent_model_param_ksol                 ? 
_refine.solvent_model_param_bsol                 ? 
_refine.pdbx_ls_cross_valid_method               ? 
_refine.details                                  ? 
_refine.pdbx_starting_model                      ? 
_refine.pdbx_method_to_determine_struct          ? 
_refine.pdbx_isotropic_thermal_model             ? 
_refine.pdbx_stereochemistry_target_values       ? 
_refine.pdbx_stereochem_target_val_spec_case     ? 
_refine.pdbx_R_Free_selection_details            ? 
_refine.pdbx_overall_ESU_R                       ? 
_refine.pdbx_overall_ESU_R_Free                  ? 
_refine.overall_SU_ML                            ? 
_refine.overall_SU_B                             ? 
_refine.pdbx_refine_id                           'X-RAY DIFFRACTION' 
_refine.pdbx_diffrn_id                           1 
_refine.pdbx_TLS_residual_ADP_flag               ? 
_refine.correlation_coeff_Fo_to_Fc               ? 
_refine.correlation_coeff_Fo_to_Fc_free          ? 
_refine.pdbx_solvent_vdw_probe_radii             ? 
_refine.pdbx_solvent_ion_probe_radii             ? 
_refine.pdbx_solvent_shrinkage_radii             ? 
_refine.pdbx_overall_phase_error                 ? 
_refine.overall_SU_R_Cruickshank_DPI             ? 
_refine.pdbx_overall_SU_R_free_Cruickshank_DPI   ? 
_refine.pdbx_overall_SU_R_Blow_DPI               ? 
_refine.pdbx_overall_SU_R_free_Blow_DPI          ? 
# 
_refine_hist.pdbx_refine_id                   'X-RAY DIFFRACTION' 
_refine_hist.cycle_id                         LAST 
_refine_hist.pdbx_number_atoms_protein        890 
_refine_hist.pdbx_number_atoms_nucleic_acid   0 
_refine_hist.pdbx_number_atoms_ligand         0 
_refine_hist.number_atoms_solvent             58 
_refine_hist.number_atoms_total               948 
_refine_hist.d_res_high                       1.8 
_refine_hist.d_res_low                        8. 
# 
loop_
_refine_ls_restr.type 
_refine_ls_restr.dev_ideal 
_refine_ls_restr.dev_ideal_target 
_refine_ls_restr.weight 
_refine_ls_restr.number 
_refine_ls_restr.pdbx_refine_id 
_refine_ls_restr.pdbx_restraint_function 
t_bond_d           0.017 ? ? ? 'X-RAY DIFFRACTION' ? 
t_angle_deg        2.28  ? ? ? 'X-RAY DIFFRACTION' ? 
t_dihedral_angle_d ?     ? ? ? 'X-RAY DIFFRACTION' ? 
t_incorr_chiral_ct ?     ? ? ? 'X-RAY DIFFRACTION' ? 
t_pseud_angle      ?     ? ? ? 'X-RAY DIFFRACTION' ? 
t_trig_c_planes    ?     ? ? ? 'X-RAY DIFFRACTION' ? 
t_gen_planes       ?     ? ? ? 'X-RAY DIFFRACTION' ? 
t_it               ?     ? ? ? 'X-RAY DIFFRACTION' ? 
t_nbd              ?     ? ? ? 'X-RAY DIFFRACTION' ? 
# 
_struct.entry_id                  2TGI 
_struct.title                     'CRYSTAL STRUCTURE OF TRANSFORMING GROWTH FACTOR-BETA2: AN UNUSUAL FOLD FOR THE SUPERFAMILY' 
_struct.pdbx_model_details        ? 
_struct.pdbx_CASP_flag            ? 
_struct.pdbx_model_type_details   ? 
# 
_struct_keywords.entry_id        2TGI 
_struct_keywords.pdbx_keywords   'GROWTH FACTOR' 
_struct_keywords.text            'GROWTH FACTOR' 
# 
loop_
_struct_asym.id 
_struct_asym.pdbx_blank_PDB_chainid_flag 
_struct_asym.pdbx_modified 
_struct_asym.entity_id 
_struct_asym.details 
A N N 1 ? 
B N N 2 ? 
# 
_struct_ref.id                         1 
_struct_ref.db_name                    UNP 
_struct_ref.db_code                    TGF2_HUMAN 
_struct_ref.entity_id                  1 
_struct_ref.pdbx_db_accession          P61812 
_struct_ref.pdbx_align_begin           1 
_struct_ref.pdbx_seq_one_letter_code   
;MHYCVLSAFLILHLVTVALSLSTCSTLDMDQFMRKRIEAIRGQILSKLKLTSPPEDYPEPEEVPPEVISIYNSTRDLLQE
KASRRAAACERERSDEEYYAKEVYKIDMPPFFPSENAIPPTFYRPYFRIVRFDVSAMEKNASNLVKAEFRVFRLQNPKAR
VPEQRIELYQILKSKDLTSPTQRYIDSKVVKTRAEGEWLSFDVTDAVHEWLHHKDRNLGFKISLHCPCCTFVPSNNYIIP
NKSEELEARFAGIDGTSTYTSGDQKTIKSTRKKNSGKTPHLLLMLLPSYRLESQQTNRRKKRALDAAYCFRNVQDNCCLR
PLYIDFKRDLGWKWIHEPKGYNANFCAGACPYLWSSDTQHSRVLSLYNTINPEASASPCCVSQDLEPLTILYYIGKTPKI
EQLSNMIVKSCKCS
;
_struct_ref.pdbx_db_isoform            ? 
# 
_struct_ref_seq.align_id                      1 
_struct_ref_seq.ref_id                        1 
_struct_ref_seq.pdbx_PDB_id_code              2TGI 
_struct_ref_seq.pdbx_strand_id                A 
_struct_ref_seq.seq_align_beg                 1 
_struct_ref_seq.pdbx_seq_align_beg_ins_code   ? 
_struct_ref_seq.seq_align_end                 112 
_struct_ref_seq.pdbx_seq_align_end_ins_code   ? 
_struct_ref_seq.pdbx_db_accession             P61812 
_struct_ref_seq.db_align_beg                  303 
_struct_ref_seq.pdbx_db_align_beg_ins_code    ? 
_struct_ref_seq.db_align_end                  414 
_struct_ref_seq.pdbx_db_align_end_ins_code    ? 
_struct_ref_seq.pdbx_auth_seq_align_beg       1 
_struct_ref_seq.pdbx_auth_seq_align_end       112 
# 
_pdbx_struct_assembly.id                   1 
_pdbx_struct_assembly.details              author_and_software_defined_assembly 
_pdbx_struct_assembly.method_details       PISA,PQS 
_pdbx_struct_assembly.oligomeric_details   dimeric 
_pdbx_struct_assembly.oligomeric_count     2 
# 
loop_
_pdbx_struct_assembly_prop.biol_id 
_pdbx_struct_assembly_prop.type 
_pdbx_struct_assembly_prop.value 
_pdbx_struct_assembly_prop.details 
1 'ABSA (A^2)' 2520  ? 
1 MORE         -28   ? 
1 'SSA (A^2)'  11790 ? 
# 
_pdbx_struct_assembly_gen.assembly_id       1 
_pdbx_struct_assembly_gen.oper_expression   1,2 
_pdbx_struct_assembly_gen.asym_id_list      A,B 
# 
loop_
_pdbx_struct_oper_list.id 
_pdbx_struct_oper_list.type 
_pdbx_struct_oper_list.name 
_pdbx_struct_oper_list.symmetry_operation 
_pdbx_struct_oper_list.matrix[1][1] 
_pdbx_struct_oper_list.matrix[1][2] 
_pdbx_struct_oper_list.matrix[1][3] 
_pdbx_struct_oper_list.vector[1] 
_pdbx_struct_oper_list.matrix[2][1] 
_pdbx_struct_oper_list.matrix[2][2] 
_pdbx_struct_oper_list.matrix[2][3] 
_pdbx_struct_oper_list.vector[2] 
_pdbx_struct_oper_list.matrix[3][1] 
_pdbx_struct_oper_list.matrix[3][2] 
_pdbx_struct_oper_list.matrix[3][3] 
_pdbx_struct_oper_list.vector[3] 
1 'identity operation'         1_555 x,y,z          1.0000000000 0.0000000000 0.0000000000  0.0000000000 0.0000000000 1.0000000000  0.0000000000  0.0000000000   0.0000000000  0.0000000000  1.0000000000  0.0000000000 
2 'crystal symmetry operation' 6_556 -x,-x+y,-z+5/3 0.3042505796 0.1251226254 -0.9443388764 7.5305710695 0.1251226254 -0.9879964237 -0.0905946766 -14.9411521418 -0.9443388764 -0.0905946766 -0.3162541559 8.4209976918 
# 
_struct_biol.id   1 
# 
loop_
_struct_conf.conf_type_id 
_struct_conf.id 
_struct_conf.pdbx_PDB_helix_id 
_struct_conf.beg_label_comp_id 
_struct_conf.beg_label_asym_id 
_struct_conf.beg_label_seq_id 
_struct_conf.pdbx_beg_PDB_ins_code 
_struct_conf.end_label_comp_id 
_struct_conf.end_label_asym_id 
_struct_conf.end_label_seq_id 
_struct_conf.pdbx_end_PDB_ins_code 
_struct_conf.beg_auth_comp_id 
_struct_conf.beg_auth_asym_id 
_struct_conf.beg_auth_seq_id 
_struct_conf.end_auth_comp_id 
_struct_conf.end_auth_asym_id 
_struct_conf.end_auth_seq_id 
_struct_conf.pdbx_PDB_helix_class 
_struct_conf.details 
_struct_conf.pdbx_PDB_helix_length 
HELX_P HELX_P1 A1 ALA A 4  ? PHE A 8  ? ALA A 4  PHE A 8  1 ? 5 
HELX_P HELX_P2 A2 PHE A 24 ? LEU A 28 ? PHE A 24 LEU A 28 1 ? 5 
HELX_P HELX_P3 A3 HIS A 58 ? TYR A 65 ? HIS A 58 TYR A 65 1 ? 8 
# 
_struct_conf_type.id          HELX_P 
_struct_conf_type.criteria    ? 
_struct_conf_type.reference   ? 
# 
loop_
_struct_conn.id 
_struct_conn.conn_type_id 
_struct_conn.pdbx_leaving_atom_flag 
_struct_conn.pdbx_PDB_id 
_struct_conn.ptnr1_label_asym_id 
_struct_conn.ptnr1_label_comp_id 
_struct_conn.ptnr1_label_seq_id 
_struct_conn.ptnr1_label_atom_id 
_struct_conn.pdbx_ptnr1_label_alt_id 
_struct_conn.pdbx_ptnr1_PDB_ins_code 
_struct_conn.pdbx_ptnr1_standard_comp_id 
_struct_conn.ptnr1_symmetry 
_struct_conn.ptnr2_label_asym_id 
_struct_conn.ptnr2_label_comp_id 
_struct_conn.ptnr2_label_seq_id 
_struct_conn.ptnr2_label_atom_id 
_struct_conn.pdbx_ptnr2_label_alt_id 
_struct_conn.pdbx_ptnr2_PDB_ins_code 
_struct_conn.ptnr1_auth_asym_id 
_struct_conn.ptnr1_auth_comp_id 
_struct_conn.ptnr1_auth_seq_id 
_struct_conn.ptnr2_auth_asym_id 
_struct_conn.ptnr2_auth_comp_id 
_struct_conn.ptnr2_auth_seq_id 
_struct_conn.ptnr2_symmetry 
_struct_conn.pdbx_ptnr3_label_atom_id 
_struct_conn.pdbx_ptnr3_label_seq_id 
_struct_conn.pdbx_ptnr3_label_comp_id 
_struct_conn.pdbx_ptnr3_label_asym_id 
_struct_conn.pdbx_ptnr3_label_alt_id 
_struct_conn.pdbx_ptnr3_PDB_ins_code 
_struct_conn.details 
_struct_conn.pdbx_dist_value 
_struct_conn.pdbx_value_order 
_struct_conn.pdbx_role 
disulf1 disulf ? ? A CYS 7  SG ? ? ? 1_555 A CYS 16  SG ? ? A CYS 7  A CYS 16  1_555 ? ? ? ? ? ? ? 2.064 ? ? 
disulf2 disulf ? ? A CYS 15 SG ? ? ? 1_555 A CYS 78  SG ? ? A CYS 15 A CYS 78  1_555 ? ? ? ? ? ? ? 2.004 ? ? 
disulf3 disulf ? ? A CYS 44 SG ? ? ? 1_555 A CYS 109 SG ? ? A CYS 44 A CYS 109 1_555 ? ? ? ? ? ? ? 2.021 ? ? 
disulf4 disulf ? ? A CYS 48 SG ? ? ? 1_555 A CYS 111 SG ? ? A CYS 48 A CYS 111 1_555 ? ? ? ? ? ? ? 2.007 ? ? 
disulf5 disulf ? ? A CYS 77 SG ? ? ? 1_555 A CYS 77  SG ? ? A CYS 77 A CYS 77  6_556 ? ? ? ? ? ? ? 1.861 ? ? 
# 
_struct_conn_type.id          disulf 
_struct_conn_type.criteria    ? 
_struct_conn_type.reference   ? 
# 
loop_
_pdbx_modification_feature.ordinal 
_pdbx_modification_feature.label_comp_id 
_pdbx_modification_feature.label_asym_id 
_pdbx_modification_feature.label_seq_id 
_pdbx_modification_feature.label_alt_id 
_pdbx_modification_feature.modified_residue_label_comp_id 
_pdbx_modification_feature.modified_residue_label_asym_id 
_pdbx_modification_feature.modified_residue_label_seq_id 
_pdbx_modification_feature.modified_residue_label_alt_id 
_pdbx_modification_feature.auth_comp_id 
_pdbx_modification_feature.auth_asym_id 
_pdbx_modification_feature.auth_seq_id 
_pdbx_modification_feature.PDB_ins_code 
_pdbx_modification_feature.symmetry 
_pdbx_modification_feature.modified_residue_auth_comp_id 
_pdbx_modification_feature.modified_residue_auth_asym_id 
_pdbx_modification_feature.modified_residue_auth_seq_id 
_pdbx_modification_feature.modified_residue_PDB_ins_code 
_pdbx_modification_feature.modified_residue_symmetry 
_pdbx_modification_feature.comp_id_linking_atom 
_pdbx_modification_feature.modified_residue_id_linking_atom 
_pdbx_modification_feature.modified_residue_id 
_pdbx_modification_feature.ref_pcm_id 
_pdbx_modification_feature.ref_comp_id 
_pdbx_modification_feature.type 
_pdbx_modification_feature.category 
1 CYS A 7  ? CYS A 16  ? CYS A 7  ? 1_555 CYS A 16  ? 1_555 SG SG . . . None 'Disulfide bridge' 
2 CYS A 15 ? CYS A 78  ? CYS A 15 ? 1_555 CYS A 78  ? 1_555 SG SG . . . None 'Disulfide bridge' 
3 CYS A 44 ? CYS A 109 ? CYS A 44 ? 1_555 CYS A 109 ? 1_555 SG SG . . . None 'Disulfide bridge' 
4 CYS A 48 ? CYS A 111 ? CYS A 48 ? 1_555 CYS A 111 ? 1_555 SG SG . . . None 'Disulfide bridge' 
5 CYS A 77 ? CYS A 77  ? CYS A 77 ? 1_555 CYS A 77  ? 6_556 SG SG . . . None 'Disulfide bridge' 
# 
_struct_mon_prot_cis.pdbx_id                1 
_struct_mon_prot_cis.label_comp_id          GLU 
_struct_mon_prot_cis.label_seq_id           35 
_struct_mon_prot_cis.label_asym_id          A 
_struct_mon_prot_cis.label_alt_id           . 
_struct_mon_prot_cis.pdbx_PDB_ins_code      ? 
_struct_mon_prot_cis.auth_comp_id           GLU 
_struct_mon_prot_cis.auth_seq_id            35 
_struct_mon_prot_cis.auth_asym_id           A 
_struct_mon_prot_cis.pdbx_label_comp_id_2   PRO 
_struct_mon_prot_cis.pdbx_label_seq_id_2    36 
_struct_mon_prot_cis.pdbx_label_asym_id_2   A 
_struct_mon_prot_cis.pdbx_PDB_ins_code_2    ? 
_struct_mon_prot_cis.pdbx_auth_comp_id_2    PRO 
_struct_mon_prot_cis.pdbx_auth_seq_id_2     36 
_struct_mon_prot_cis.pdbx_auth_asym_id_2    A 
_struct_mon_prot_cis.pdbx_PDB_model_num     1 
_struct_mon_prot_cis.pdbx_omega_angle       -0.77 
# 
loop_
_struct_sheet.id 
_struct_sheet.type 
_struct_sheet.number_strands 
_struct_sheet.details 
S1 ? 2 ? 
S2 ? 2 ? 
S3 ? 2 ? 
S4 ? 2 ? 
S5 ? 2 ? 
# 
loop_
_struct_sheet_order.sheet_id 
_struct_sheet_order.range_id_1 
_struct_sheet_order.range_id_2 
_struct_sheet_order.offset 
_struct_sheet_order.sense 
S1 1 2 ? anti-parallel 
S2 1 2 ? anti-parallel 
S3 1 2 ? anti-parallel 
S4 1 2 ? anti-parallel 
S5 1 2 ? anti-parallel 
# 
loop_
_struct_sheet_range.sheet_id 
_struct_sheet_range.id 
_struct_sheet_range.beg_label_comp_id 
_struct_sheet_range.beg_label_asym_id 
_struct_sheet_range.beg_label_seq_id 
_struct_sheet_range.pdbx_beg_PDB_ins_code 
_struct_sheet_range.end_label_comp_id 
_struct_sheet_range.end_label_asym_id 
_struct_sheet_range.end_label_seq_id 
_struct_sheet_range.pdbx_end_PDB_ins_code 
_struct_sheet_range.beg_auth_comp_id 
_struct_sheet_range.beg_auth_asym_id 
_struct_sheet_range.beg_auth_seq_id 
_struct_sheet_range.end_auth_comp_id 
_struct_sheet_range.end_auth_asym_id 
_struct_sheet_range.end_auth_seq_id 
S1 1 CYS A 15  ? ARG A 18  ? CYS A 15  ARG A 18  
S1 2 ASN A 42  ? ALA A 45  ? ASN A 42  ALA A 45  
S2 1 LEU A 20  ? ASP A 23  ? LEU A 20  ASP A 23  
S2 2 LYS A 37  ? ALA A 41  ? LYS A 37  ALA A 41  
S3 1 CYS A 77  ? SER A 80  ? CYS A 77  SER A 80  
S3 2 CYS A 109 ? SER A 112 ? CYS A 109 SER A 112 
S4 1 ASP A 82  ? GLU A 84  ? ASP A 82  GLU A 84  
S4 2 MET A 104 ? LYS A 107 ? MET A 104 LYS A 107 
S5 1 PRO A 85  ? TYR A 91  ? PRO A 85  TYR A 91  
S5 2 PRO A 96  ? SER A 102 ? PRO A 96  SER A 102 
# 
loop_
_pdbx_struct_sheet_hbond.sheet_id 
_pdbx_struct_sheet_hbond.range_id_1 
_pdbx_struct_sheet_hbond.range_id_2 
_pdbx_struct_sheet_hbond.range_1_label_atom_id 
_pdbx_struct_sheet_hbond.range_1_label_comp_id 
_pdbx_struct_sheet_hbond.range_1_label_asym_id 
_pdbx_struct_sheet_hbond.range_1_label_seq_id 
_pdbx_struct_sheet_hbond.range_1_PDB_ins_code 
_pdbx_struct_sheet_hbond.range_1_auth_atom_id 
_pdbx_struct_sheet_hbond.range_1_auth_comp_id 
_pdbx_struct_sheet_hbond.range_1_auth_asym_id 
_pdbx_struct_sheet_hbond.range_1_auth_seq_id 
_pdbx_struct_sheet_hbond.range_2_label_atom_id 
_pdbx_struct_sheet_hbond.range_2_label_comp_id 
_pdbx_struct_sheet_hbond.range_2_label_asym_id 
_pdbx_struct_sheet_hbond.range_2_label_seq_id 
_pdbx_struct_sheet_hbond.range_2_PDB_ins_code 
_pdbx_struct_sheet_hbond.range_2_auth_atom_id 
_pdbx_struct_sheet_hbond.range_2_auth_comp_id 
_pdbx_struct_sheet_hbond.range_2_auth_asym_id 
_pdbx_struct_sheet_hbond.range_2_auth_seq_id 
S1 1 2 O CYS A 16 ? O CYS A 16 N ALA A 45  ? N ALA A 45  
S2 1 2 O LEU A 20 ? O LEU A 20 N ALA A 41  ? N ALA A 41  
S3 1 2 N CYS A 77 ? N CYS A 77 O SER A 112 ? O SER A 112 
S4 1 2 O ASP A 82 ? O ASP A 82 N LYS A 107 ? N LYS A 107 
S5 1 2 N LEU A 86 ? N LEU A 86 O LEU A 101 ? O LEU A 101 
# 
_pdbx_entry_details.entry_id                   2TGI 
_pdbx_entry_details.compound_details           ? 
_pdbx_entry_details.source_details             ? 
_pdbx_entry_details.nonpolymer_details         ? 
_pdbx_entry_details.sequence_details           ? 
_pdbx_entry_details.has_ligand_of_interest     ? 
_pdbx_entry_details.has_protein_modification   Y 
# 
_pdbx_validate_rmsd_bond.id                        1 
_pdbx_validate_rmsd_bond.PDB_model_num             1 
_pdbx_validate_rmsd_bond.auth_atom_id_1            CD 
_pdbx_validate_rmsd_bond.auth_asym_id_1            A 
_pdbx_validate_rmsd_bond.auth_comp_id_1            GLU 
_pdbx_validate_rmsd_bond.auth_seq_id_1             99 
_pdbx_validate_rmsd_bond.PDB_ins_code_1            ? 
_pdbx_validate_rmsd_bond.label_alt_id_1            ? 
_pdbx_validate_rmsd_bond.auth_atom_id_2            OE1 
_pdbx_validate_rmsd_bond.auth_asym_id_2            A 
_pdbx_validate_rmsd_bond.auth_comp_id_2            GLU 
_pdbx_validate_rmsd_bond.auth_seq_id_2             99 
_pdbx_validate_rmsd_bond.PDB_ins_code_2            ? 
_pdbx_validate_rmsd_bond.label_alt_id_2            ? 
_pdbx_validate_rmsd_bond.bond_value                1.322 
_pdbx_validate_rmsd_bond.bond_target_value         1.252 
_pdbx_validate_rmsd_bond.bond_deviation            0.070 
_pdbx_validate_rmsd_bond.bond_standard_deviation   0.011 
_pdbx_validate_rmsd_bond.linker_flag               N 
# 
loop_
_pdbx_validate_rmsd_angle.id 
_pdbx_validate_rmsd_angle.PDB_model_num 
_pdbx_validate_rmsd_angle.auth_atom_id_1 
_pdbx_validate_rmsd_angle.auth_asym_id_1 
_pdbx_validate_rmsd_angle.auth_comp_id_1 
_pdbx_validate_rmsd_angle.auth_seq_id_1 
_pdbx_validate_rmsd_angle.PDB_ins_code_1 
_pdbx_validate_rmsd_angle.label_alt_id_1 
_pdbx_validate_rmsd_angle.auth_atom_id_2 
_pdbx_validate_rmsd_angle.auth_asym_id_2 
_pdbx_validate_rmsd_angle.auth_comp_id_2 
_pdbx_validate_rmsd_angle.auth_seq_id_2 
_pdbx_validate_rmsd_angle.PDB_ins_code_2 
_pdbx_validate_rmsd_angle.label_alt_id_2 
_pdbx_validate_rmsd_angle.auth_atom_id_3 
_pdbx_validate_rmsd_angle.auth_asym_id_3 
_pdbx_validate_rmsd_angle.auth_comp_id_3 
_pdbx_validate_rmsd_angle.auth_seq_id_3 
_pdbx_validate_rmsd_angle.PDB_ins_code_3 
_pdbx_validate_rmsd_angle.label_alt_id_3 
_pdbx_validate_rmsd_angle.angle_value 
_pdbx_validate_rmsd_angle.angle_target_value 
_pdbx_validate_rmsd_angle.angle_deviation 
_pdbx_validate_rmsd_angle.angle_standard_deviation 
_pdbx_validate_rmsd_angle.linker_flag 
1 1 CB A ASP 3  ? ? CG A ASP 3  ? ? OD1 A ASP 3  ? ? 124.57 118.30 6.27  0.90 N 
2 1 CB A ASP 55 ? ? CG A ASP 55 ? ? OD1 A ASP 55 ? ? 123.87 118.30 5.57  0.90 N 
3 1 CB A TYR 91 ? ? CG A TYR 91 ? ? CD2 A TYR 91 ? ? 116.82 121.00 -4.18 0.60 N 
# 
loop_
_pdbx_validate_torsion.id 
_pdbx_validate_torsion.PDB_model_num 
_pdbx_validate_torsion.auth_comp_id 
_pdbx_validate_torsion.auth_asym_id 
_pdbx_validate_torsion.auth_seq_id 
_pdbx_validate_torsion.PDB_ins_code 
_pdbx_validate_torsion.label_alt_id 
_pdbx_validate_torsion.phi 
_pdbx_validate_torsion.psi 
1 1 ASP A 3  ? ? -123.73 -167.73 
2 1 ASN A 42 ? ? 61.34   177.79  
3 1 GLN A 81 ? ? -115.02 -70.77  
# 
loop_
_chem_comp_atom.comp_id 
_chem_comp_atom.atom_id 
_chem_comp_atom.type_symbol 
_chem_comp_atom.pdbx_aromatic_flag 
_chem_comp_atom.pdbx_stereo_config 
_chem_comp_atom.pdbx_ordinal 
ALA N    N N N 1   
ALA CA   C N S 2   
ALA C    C N N 3   
ALA O    O N N 4   
ALA CB   C N N 5   
ALA OXT  O N N 6   
ALA H    H N N 7   
ALA H2   H N N 8   
ALA HA   H N N 9   
ALA HB1  H N N 10  
ALA HB2  H N N 11  
ALA HB3  H N N 12  
ALA HXT  H N N 13  
ARG N    N N N 14  
ARG CA   C N S 15  
ARG C    C N N 16  
ARG O    O N N 17  
ARG CB   C N N 18  
ARG CG   C N N 19  
ARG CD   C N N 20  
ARG NE   N N N 21  
ARG CZ   C N N 22  
ARG NH1  N N N 23  
ARG NH2  N N N 24  
ARG OXT  O N N 25  
ARG H    H N N 26  
ARG H2   H N N 27  
ARG HA   H N N 28  
ARG HB2  H N N 29  
ARG HB3  H N N 30  
ARG HG2  H N N 31  
ARG HG3  H N N 32  
ARG HD2  H N N 33  
ARG HD3  H N N 34  
ARG HE   H N N 35  
ARG HH11 H N N 36  
ARG HH12 H N N 37  
ARG HH21 H N N 38  
ARG HH22 H N N 39  
ARG HXT  H N N 40  
ASN N    N N N 41  
ASN CA   C N S 42  
ASN C    C N N 43  
ASN O    O N N 44  
ASN CB   C N N 45  
ASN CG   C N N 46  
ASN OD1  O N N 47  
ASN ND2  N N N 48  
ASN OXT  O N N 49  
ASN H    H N N 50  
ASN H2   H N N 51  
ASN HA   H N N 52  
ASN HB2  H N N 53  
ASN HB3  H N N 54  
ASN HD21 H N N 55  
ASN HD22 H N N 56  
ASN HXT  H N N 57  
ASP N    N N N 58  
ASP CA   C N S 59  
ASP C    C N N 60  
ASP O    O N N 61  
ASP CB   C N N 62  
ASP CG   C N N 63  
ASP OD1  O N N 64  
ASP OD2  O N N 65  
ASP OXT  O N N 66  
ASP H    H N N 67  
ASP H2   H N N 68  
ASP HA   H N N 69  
ASP HB2  H N N 70  
ASP HB3  H N N 71  
ASP HD2  H N N 72  
ASP HXT  H N N 73  
CYS N    N N N 74  
CYS CA   C N R 75  
CYS C    C N N 76  
CYS O    O N N 77  
CYS CB   C N N 78  
CYS SG   S N N 79  
CYS OXT  O N N 80  
CYS H    H N N 81  
CYS H2   H N N 82  
CYS HA   H N N 83  
CYS HB2  H N N 84  
CYS HB3  H N N 85  
CYS HG   H N N 86  
CYS HXT  H N N 87  
GLN N    N N N 88  
GLN CA   C N S 89  
GLN C    C N N 90  
GLN O    O N N 91  
GLN CB   C N N 92  
GLN CG   C N N 93  
GLN CD   C N N 94  
GLN OE1  O N N 95  
GLN NE2  N N N 96  
GLN OXT  O N N 97  
GLN H    H N N 98  
GLN H2   H N N 99  
GLN HA   H N N 100 
GLN HB2  H N N 101 
GLN HB3  H N N 102 
GLN HG2  H N N 103 
GLN HG3  H N N 104 
GLN HE21 H N N 105 
GLN HE22 H N N 106 
GLN HXT  H N N 107 
GLU N    N N N 108 
GLU CA   C N S 109 
GLU C    C N N 110 
GLU O    O N N 111 
GLU CB   C N N 112 
GLU CG   C N N 113 
GLU CD   C N N 114 
GLU OE1  O N N 115 
GLU OE2  O N N 116 
GLU OXT  O N N 117 
GLU H    H N N 118 
GLU H2   H N N 119 
GLU HA   H N N 120 
GLU HB2  H N N 121 
GLU HB3  H N N 122 
GLU HG2  H N N 123 
GLU HG3  H N N 124 
GLU HE2  H N N 125 
GLU HXT  H N N 126 
GLY N    N N N 127 
GLY CA   C N N 128 
GLY C    C N N 129 
GLY O    O N N 130 
GLY OXT  O N N 131 
GLY H    H N N 132 
GLY H2   H N N 133 
GLY HA2  H N N 134 
GLY HA3  H N N 135 
GLY HXT  H N N 136 
HIS N    N N N 137 
HIS CA   C N S 138 
HIS C    C N N 139 
HIS O    O N N 140 
HIS CB   C N N 141 
HIS CG   C Y N 142 
HIS ND1  N Y N 143 
HIS CD2  C Y N 144 
HIS CE1  C Y N 145 
HIS NE2  N Y N 146 
HIS OXT  O N N 147 
HIS H    H N N 148 
HIS H2   H N N 149 
HIS HA   H N N 150 
HIS HB2  H N N 151 
HIS HB3  H N N 152 
HIS HD1  H N N 153 
HIS HD2  H N N 154 
HIS HE1  H N N 155 
HIS HE2  H N N 156 
HIS HXT  H N N 157 
HOH O    O N N 158 
HOH H1   H N N 159 
HOH H2   H N N 160 
ILE N    N N N 161 
ILE CA   C N S 162 
ILE C    C N N 163 
ILE O    O N N 164 
ILE CB   C N S 165 
ILE CG1  C N N 166 
ILE CG2  C N N 167 
ILE CD1  C N N 168 
ILE OXT  O N N 169 
ILE H    H N N 170 
ILE H2   H N N 171 
ILE HA   H N N 172 
ILE HB   H N N 173 
ILE HG12 H N N 174 
ILE HG13 H N N 175 
ILE HG21 H N N 176 
ILE HG22 H N N 177 
ILE HG23 H N N 178 
ILE HD11 H N N 179 
ILE HD12 H N N 180 
ILE HD13 H N N 181 
ILE HXT  H N N 182 
LEU N    N N N 183 
LEU CA   C N S 184 
LEU C    C N N 185 
LEU O    O N N 186 
LEU CB   C N N 187 
LEU CG   C N N 188 
LEU CD1  C N N 189 
LEU CD2  C N N 190 
LEU OXT  O N N 191 
LEU H    H N N 192 
LEU H2   H N N 193 
LEU HA   H N N 194 
LEU HB2  H N N 195 
LEU HB3  H N N 196 
LEU HG   H N N 197 
LEU HD11 H N N 198 
LEU HD12 H N N 199 
LEU HD13 H N N 200 
LEU HD21 H N N 201 
LEU HD22 H N N 202 
LEU HD23 H N N 203 
LEU HXT  H N N 204 
LYS N    N N N 205 
LYS CA   C N S 206 
LYS C    C N N 207 
LYS O    O N N 208 
LYS CB   C N N 209 
LYS CG   C N N 210 
LYS CD   C N N 211 
LYS CE   C N N 212 
LYS NZ   N N N 213 
LYS OXT  O N N 214 
LYS H    H N N 215 
LYS H2   H N N 216 
LYS HA   H N N 217 
LYS HB2  H N N 218 
LYS HB3  H N N 219 
LYS HG2  H N N 220 
LYS HG3  H N N 221 
LYS HD2  H N N 222 
LYS HD3  H N N 223 
LYS HE2  H N N 224 
LYS HE3  H N N 225 
LYS HZ1  H N N 226 
LYS HZ2  H N N 227 
LYS HZ3  H N N 228 
LYS HXT  H N N 229 
MET N    N N N 230 
MET CA   C N S 231 
MET C    C N N 232 
MET O    O N N 233 
MET CB   C N N 234 
MET CG   C N N 235 
MET SD   S N N 236 
MET CE   C N N 237 
MET OXT  O N N 238 
MET H    H N N 239 
MET H2   H N N 240 
MET HA   H N N 241 
MET HB2  H N N 242 
MET HB3  H N N 243 
MET HG2  H N N 244 
MET HG3  H N N 245 
MET HE1  H N N 246 
MET HE2  H N N 247 
MET HE3  H N N 248 
MET HXT  H N N 249 
PHE N    N N N 250 
PHE CA   C N S 251 
PHE C    C N N 252 
PHE O    O N N 253 
PHE CB   C N N 254 
PHE CG   C Y N 255 
PHE CD1  C Y N 256 
PHE CD2  C Y N 257 
PHE CE1  C Y N 258 
PHE CE2  C Y N 259 
PHE CZ   C Y N 260 
PHE OXT  O N N 261 
PHE H    H N N 262 
PHE H2   H N N 263 
PHE HA   H N N 264 
PHE HB2  H N N 265 
PHE HB3  H N N 266 
PHE HD1  H N N 267 
PHE HD2  H N N 268 
PHE HE1  H N N 269 
PHE HE2  H N N 270 
PHE HZ   H N N 271 
PHE HXT  H N N 272 
PRO N    N N N 273 
PRO CA   C N S 274 
PRO C    C N N 275 
PRO O    O N N 276 
PRO CB   C N N 277 
PRO CG   C N N 278 
PRO CD   C N N 279 
PRO OXT  O N N 280 
PRO H    H N N 281 
PRO HA   H N N 282 
PRO HB2  H N N 283 
PRO HB3  H N N 284 
PRO HG2  H N N 285 
PRO HG3  H N N 286 
PRO HD2  H N N 287 
PRO HD3  H N N 288 
PRO HXT  H N N 289 
SER N    N N N 290 
SER CA   C N S 291 
SER C    C N N 292 
SER O    O N N 293 
SER CB   C N N 294 
SER OG   O N N 295 
SER OXT  O N N 296 
SER H    H N N 297 
SER H2   H N N 298 
SER HA   H N N 299 
SER HB2  H N N 300 
SER HB3  H N N 301 
SER HG   H N N 302 
SER HXT  H N N 303 
THR N    N N N 304 
THR CA   C N S 305 
THR C    C N N 306 
THR O    O N N 307 
THR CB   C N R 308 
THR OG1  O N N 309 
THR CG2  C N N 310 
THR OXT  O N N 311 
THR H    H N N 312 
THR H2   H N N 313 
THR HA   H N N 314 
THR HB   H N N 315 
THR HG1  H N N 316 
THR HG21 H N N 317 
THR HG22 H N N 318 
THR HG23 H N N 319 
THR HXT  H N N 320 
TRP N    N N N 321 
TRP CA   C N S 322 
TRP C    C N N 323 
TRP O    O N N 324 
TRP CB   C N N 325 
TRP CG   C Y N 326 
TRP CD1  C Y N 327 
TRP CD2  C Y N 328 
TRP NE1  N Y N 329 
TRP CE2  C Y N 330 
TRP CE3  C Y N 331 
TRP CZ2  C Y N 332 
TRP CZ3  C Y N 333 
TRP CH2  C Y N 334 
TRP OXT  O N N 335 
TRP H    H N N 336 
TRP H2   H N N 337 
TRP HA   H N N 338 
TRP HB2  H N N 339 
TRP HB3  H N N 340 
TRP HD1  H N N 341 
TRP HE1  H N N 342 
TRP HE3  H N N 343 
TRP HZ2  H N N 344 
TRP HZ3  H N N 345 
TRP HH2  H N N 346 
TRP HXT  H N N 347 
TYR N    N N N 348 
TYR CA   C N S 349 
TYR C    C N N 350 
TYR O    O N N 351 
TYR CB   C N N 352 
TYR CG   C Y N 353 
TYR CD1  C Y N 354 
TYR CD2  C Y N 355 
TYR CE1  C Y N 356 
TYR CE2  C Y N 357 
TYR CZ   C Y N 358 
TYR OH   O N N 359 
TYR OXT  O N N 360 
TYR H    H N N 361 
TYR H2   H N N 362 
TYR HA   H N N 363 
TYR HB2  H N N 364 
TYR HB3  H N N 365 
TYR HD1  H N N 366 
TYR HD2  H N N 367 
TYR HE1  H N N 368 
TYR HE2  H N N 369 
TYR HH   H N N 370 
TYR HXT  H N N 371 
VAL N    N N N 372 
VAL CA   C N S 373 
VAL C    C N N 374 
VAL O    O N N 375 
VAL CB   C N N 376 
VAL CG1  C N N 377 
VAL CG2  C N N 378 
VAL OXT  O N N 379 
VAL H    H N N 380 
VAL H2   H N N 381 
VAL HA   H N N 382 
VAL HB   H N N 383 
VAL HG11 H N N 384 
VAL HG12 H N N 385 
VAL HG13 H N N 386 
VAL HG21 H N N 387 
VAL HG22 H N N 388 
VAL HG23 H N N 389 
VAL HXT  H N N 390 
# 
loop_
_chem_comp_bond.comp_id 
_chem_comp_bond.atom_id_1 
_chem_comp_bond.atom_id_2 
_chem_comp_bond.value_order 
_chem_comp_bond.pdbx_aromatic_flag 
_chem_comp_bond.pdbx_stereo_config 
_chem_comp_bond.pdbx_ordinal 
ALA N   CA   sing N N 1   
ALA N   H    sing N N 2   
ALA N   H2   sing N N 3   
ALA CA  C    sing N N 4   
ALA CA  CB   sing N N 5   
ALA CA  HA   sing N N 6   
ALA C   O    doub N N 7   
ALA C   OXT  sing N N 8   
ALA CB  HB1  sing N N 9   
ALA CB  HB2  sing N N 10  
ALA CB  HB3  sing N N 11  
ALA OXT HXT  sing N N 12  
ARG N   CA   sing N N 13  
ARG N   H    sing N N 14  
ARG N   H2   sing N N 15  
ARG CA  C    sing N N 16  
ARG CA  CB   sing N N 17  
ARG CA  HA   sing N N 18  
ARG C   O    doub N N 19  
ARG C   OXT  sing N N 20  
ARG CB  CG   sing N N 21  
ARG CB  HB2  sing N N 22  
ARG CB  HB3  sing N N 23  
ARG CG  CD   sing N N 24  
ARG CG  HG2  sing N N 25  
ARG CG  HG3  sing N N 26  
ARG CD  NE   sing N N 27  
ARG CD  HD2  sing N N 28  
ARG CD  HD3  sing N N 29  
ARG NE  CZ   sing N N 30  
ARG NE  HE   sing N N 31  
ARG CZ  NH1  sing N N 32  
ARG CZ  NH2  doub N N 33  
ARG NH1 HH11 sing N N 34  
ARG NH1 HH12 sing N N 35  
ARG NH2 HH21 sing N N 36  
ARG NH2 HH22 sing N N 37  
ARG OXT HXT  sing N N 38  
ASN N   CA   sing N N 39  
ASN N   H    sing N N 40  
ASN N   H2   sing N N 41  
ASN CA  C    sing N N 42  
ASN CA  CB   sing N N 43  
ASN CA  HA   sing N N 44  
ASN C   O    doub N N 45  
ASN C   OXT  sing N N 46  
ASN CB  CG   sing N N 47  
ASN CB  HB2  sing N N 48  
ASN CB  HB3  sing N N 49  
ASN CG  OD1  doub N N 50  
ASN CG  ND2  sing N N 51  
ASN ND2 HD21 sing N N 52  
ASN ND2 HD22 sing N N 53  
ASN OXT HXT  sing N N 54  
ASP N   CA   sing N N 55  
ASP N   H    sing N N 56  
ASP N   H2   sing N N 57  
ASP CA  C    sing N N 58  
ASP CA  CB   sing N N 59  
ASP CA  HA   sing N N 60  
ASP C   O    doub N N 61  
ASP C   OXT  sing N N 62  
ASP CB  CG   sing N N 63  
ASP CB  HB2  sing N N 64  
ASP CB  HB3  sing N N 65  
ASP CG  OD1  doub N N 66  
ASP CG  OD2  sing N N 67  
ASP OD2 HD2  sing N N 68  
ASP OXT HXT  sing N N 69  
CYS N   CA   sing N N 70  
CYS N   H    sing N N 71  
CYS N   H2   sing N N 72  
CYS CA  C    sing N N 73  
CYS CA  CB   sing N N 74  
CYS CA  HA   sing N N 75  
CYS C   O    doub N N 76  
CYS C   OXT  sing N N 77  
CYS CB  SG   sing N N 78  
CYS CB  HB2  sing N N 79  
CYS CB  HB3  sing N N 80  
CYS SG  HG   sing N N 81  
CYS OXT HXT  sing N N 82  
GLN N   CA   sing N N 83  
GLN N   H    sing N N 84  
GLN N   H2   sing N N 85  
GLN CA  C    sing N N 86  
GLN CA  CB   sing N N 87  
GLN CA  HA   sing N N 88  
GLN C   O    doub N N 89  
GLN C   OXT  sing N N 90  
GLN CB  CG   sing N N 91  
GLN CB  HB2  sing N N 92  
GLN CB  HB3  sing N N 93  
GLN CG  CD   sing N N 94  
GLN CG  HG2  sing N N 95  
GLN CG  HG3  sing N N 96  
GLN CD  OE1  doub N N 97  
GLN CD  NE2  sing N N 98  
GLN NE2 HE21 sing N N 99  
GLN NE2 HE22 sing N N 100 
GLN OXT HXT  sing N N 101 
GLU N   CA   sing N N 102 
GLU N   H    sing N N 103 
GLU N   H2   sing N N 104 
GLU CA  C    sing N N 105 
GLU CA  CB   sing N N 106 
GLU CA  HA   sing N N 107 
GLU C   O    doub N N 108 
GLU C   OXT  sing N N 109 
GLU CB  CG   sing N N 110 
GLU CB  HB2  sing N N 111 
GLU CB  HB3  sing N N 112 
GLU CG  CD   sing N N 113 
GLU CG  HG2  sing N N 114 
GLU CG  HG3  sing N N 115 
GLU CD  OE1  doub N N 116 
GLU CD  OE2  sing N N 117 
GLU OE2 HE2  sing N N 118 
GLU OXT HXT  sing N N 119 
GLY N   CA   sing N N 120 
GLY N   H    sing N N 121 
GLY N   H2   sing N N 122 
GLY CA  C    sing N N 123 
GLY CA  HA2  sing N N 124 
GLY CA  HA3  sing N N 125 
GLY C   O    doub N N 126 
GLY C   OXT  sing N N 127 
GLY OXT HXT  sing N N 128 
HIS N   CA   sing N N 129 
HIS N   H    sing N N 130 
HIS N   H2   sing N N 131 
HIS CA  C    sing N N 132 
HIS CA  CB   sing N N 133 
HIS CA  HA   sing N N 134 
HIS C   O    doub N N 135 
HIS C   OXT  sing N N 136 
HIS CB  CG   sing N N 137 
HIS CB  HB2  sing N N 138 
HIS CB  HB3  sing N N 139 
HIS CG  ND1  sing Y N 140 
HIS CG  CD2  doub Y N 141 
HIS ND1 CE1  doub Y N 142 
HIS ND1 HD1  sing N N 143 
HIS CD2 NE2  sing Y N 144 
HIS CD2 HD2  sing N N 145 
HIS CE1 NE2  sing Y N 146 
HIS CE1 HE1  sing N N 147 
HIS NE2 HE2  sing N N 148 
HIS OXT HXT  sing N N 149 
HOH O   H1   sing N N 150 
HOH O   H2   sing N N 151 
ILE N   CA   sing N N 152 
ILE N   H    sing N N 153 
ILE N   H2   sing N N 154 
ILE CA  C    sing N N 155 
ILE CA  CB   sing N N 156 
ILE CA  HA   sing N N 157 
ILE C   O    doub N N 158 
ILE C   OXT  sing N N 159 
ILE CB  CG1  sing N N 160 
ILE CB  CG2  sing N N 161 
ILE CB  HB   sing N N 162 
ILE CG1 CD1  sing N N 163 
ILE CG1 HG12 sing N N 164 
ILE CG1 HG13 sing N N 165 
ILE CG2 HG21 sing N N 166 
ILE CG2 HG22 sing N N 167 
ILE CG2 HG23 sing N N 168 
ILE CD1 HD11 sing N N 169 
ILE CD1 HD12 sing N N 170 
ILE CD1 HD13 sing N N 171 
ILE OXT HXT  sing N N 172 
LEU N   CA   sing N N 173 
LEU N   H    sing N N 174 
LEU N   H2   sing N N 175 
LEU CA  C    sing N N 176 
LEU CA  CB   sing N N 177 
LEU CA  HA   sing N N 178 
LEU C   O    doub N N 179 
LEU C   OXT  sing N N 180 
LEU CB  CG   sing N N 181 
LEU CB  HB2  sing N N 182 
LEU CB  HB3  sing N N 183 
LEU CG  CD1  sing N N 184 
LEU CG  CD2  sing N N 185 
LEU CG  HG   sing N N 186 
LEU CD1 HD11 sing N N 187 
LEU CD1 HD12 sing N N 188 
LEU CD1 HD13 sing N N 189 
LEU CD2 HD21 sing N N 190 
LEU CD2 HD22 sing N N 191 
LEU CD2 HD23 sing N N 192 
LEU OXT HXT  sing N N 193 
LYS N   CA   sing N N 194 
LYS N   H    sing N N 195 
LYS N   H2   sing N N 196 
LYS CA  C    sing N N 197 
LYS CA  CB   sing N N 198 
LYS CA  HA   sing N N 199 
LYS C   O    doub N N 200 
LYS C   OXT  sing N N 201 
LYS CB  CG   sing N N 202 
LYS CB  HB2  sing N N 203 
LYS CB  HB3  sing N N 204 
LYS CG  CD   sing N N 205 
LYS CG  HG2  sing N N 206 
LYS CG  HG3  sing N N 207 
LYS CD  CE   sing N N 208 
LYS CD  HD2  sing N N 209 
LYS CD  HD3  sing N N 210 
LYS CE  NZ   sing N N 211 
LYS CE  HE2  sing N N 212 
LYS CE  HE3  sing N N 213 
LYS NZ  HZ1  sing N N 214 
LYS NZ  HZ2  sing N N 215 
LYS NZ  HZ3  sing N N 216 
LYS OXT HXT  sing N N 217 
MET N   CA   sing N N 218 
MET N   H    sing N N 219 
MET N   H2   sing N N 220 
MET CA  C    sing N N 221 
MET CA  CB   sing N N 222 
MET CA  HA   sing N N 223 
MET C   O    doub N N 224 
MET C   OXT  sing N N 225 
MET CB  CG   sing N N 226 
MET CB  HB2  sing N N 227 
MET CB  HB3  sing N N 228 
MET CG  SD   sing N N 229 
MET CG  HG2  sing N N 230 
MET CG  HG3  sing N N 231 
MET SD  CE   sing N N 232 
MET CE  HE1  sing N N 233 
MET CE  HE2  sing N N 234 
MET CE  HE3  sing N N 235 
MET OXT HXT  sing N N 236 
PHE N   CA   sing N N 237 
PHE N   H    sing N N 238 
PHE N   H2   sing N N 239 
PHE CA  C    sing N N 240 
PHE CA  CB   sing N N 241 
PHE CA  HA   sing N N 242 
PHE C   O    doub N N 243 
PHE C   OXT  sing N N 244 
PHE CB  CG   sing N N 245 
PHE CB  HB2  sing N N 246 
PHE CB  HB3  sing N N 247 
PHE CG  CD1  doub Y N 248 
PHE CG  CD2  sing Y N 249 
PHE CD1 CE1  sing Y N 250 
PHE CD1 HD1  sing N N 251 
PHE CD2 CE2  doub Y N 252 
PHE CD2 HD2  sing N N 253 
PHE CE1 CZ   doub Y N 254 
PHE CE1 HE1  sing N N 255 
PHE CE2 CZ   sing Y N 256 
PHE CE2 HE2  sing N N 257 
PHE CZ  HZ   sing N N 258 
PHE OXT HXT  sing N N 259 
PRO N   CA   sing N N 260 
PRO N   CD   sing N N 261 
PRO N   H    sing N N 262 
PRO CA  C    sing N N 263 
PRO CA  CB   sing N N 264 
PRO CA  HA   sing N N 265 
PRO C   O    doub N N 266 
PRO C   OXT  sing N N 267 
PRO CB  CG   sing N N 268 
PRO CB  HB2  sing N N 269 
PRO CB  HB3  sing N N 270 
PRO CG  CD   sing N N 271 
PRO CG  HG2  sing N N 272 
PRO CG  HG3  sing N N 273 
PRO CD  HD2  sing N N 274 
PRO CD  HD3  sing N N 275 
PRO OXT HXT  sing N N 276 
SER N   CA   sing N N 277 
SER N   H    sing N N 278 
SER N   H2   sing N N 279 
SER CA  C    sing N N 280 
SER CA  CB   sing N N 281 
SER CA  HA   sing N N 282 
SER C   O    doub N N 283 
SER C   OXT  sing N N 284 
SER CB  OG   sing N N 285 
SER CB  HB2  sing N N 286 
SER CB  HB3  sing N N 287 
SER OG  HG   sing N N 288 
SER OXT HXT  sing N N 289 
THR N   CA   sing N N 290 
THR N   H    sing N N 291 
THR N   H2   sing N N 292 
THR CA  C    sing N N 293 
THR CA  CB   sing N N 294 
THR CA  HA   sing N N 295 
THR C   O    doub N N 296 
THR C   OXT  sing N N 297 
THR CB  OG1  sing N N 298 
THR CB  CG2  sing N N 299 
THR CB  HB   sing N N 300 
THR OG1 HG1  sing N N 301 
THR CG2 HG21 sing N N 302 
THR CG2 HG22 sing N N 303 
THR CG2 HG23 sing N N 304 
THR OXT HXT  sing N N 305 
TRP N   CA   sing N N 306 
TRP N   H    sing N N 307 
TRP N   H2   sing N N 308 
TRP CA  C    sing N N 309 
TRP CA  CB   sing N N 310 
TRP CA  HA   sing N N 311 
TRP C   O    doub N N 312 
TRP C   OXT  sing N N 313 
TRP CB  CG   sing N N 314 
TRP CB  HB2  sing N N 315 
TRP CB  HB3  sing N N 316 
TRP CG  CD1  doub Y N 317 
TRP CG  CD2  sing Y N 318 
TRP CD1 NE1  sing Y N 319 
TRP CD1 HD1  sing N N 320 
TRP CD2 CE2  doub Y N 321 
TRP CD2 CE3  sing Y N 322 
TRP NE1 CE2  sing Y N 323 
TRP NE1 HE1  sing N N 324 
TRP CE2 CZ2  sing Y N 325 
TRP CE3 CZ3  doub Y N 326 
TRP CE3 HE3  sing N N 327 
TRP CZ2 CH2  doub Y N 328 
TRP CZ2 HZ2  sing N N 329 
TRP CZ3 CH2  sing Y N 330 
TRP CZ3 HZ3  sing N N 331 
TRP CH2 HH2  sing N N 332 
TRP OXT HXT  sing N N 333 
TYR N   CA   sing N N 334 
TYR N   H    sing N N 335 
TYR N   H2   sing N N 336 
TYR CA  C    sing N N 337 
TYR CA  CB   sing N N 338 
TYR CA  HA   sing N N 339 
TYR C   O    doub N N 340 
TYR C   OXT  sing N N 341 
TYR CB  CG   sing N N 342 
TYR CB  HB2  sing N N 343 
TYR CB  HB3  sing N N 344 
TYR CG  CD1  doub Y N 345 
TYR CG  CD2  sing Y N 346 
TYR CD1 CE1  sing Y N 347 
TYR CD1 HD1  sing N N 348 
TYR CD2 CE2  doub Y N 349 
TYR CD2 HD2  sing N N 350 
TYR CE1 CZ   doub Y N 351 
TYR CE1 HE1  sing N N 352 
TYR CE2 CZ   sing Y N 353 
TYR CE2 HE2  sing N N 354 
TYR CZ  OH   sing N N 355 
TYR OH  HH   sing N N 356 
TYR OXT HXT  sing N N 357 
VAL N   CA   sing N N 358 
VAL N   H    sing N N 359 
VAL N   H2   sing N N 360 
VAL CA  C    sing N N 361 
VAL CA  CB   sing N N 362 
VAL CA  HA   sing N N 363 
VAL C   O    doub N N 364 
VAL C   OXT  sing N N 365 
VAL CB  CG1  sing N N 366 
VAL CB  CG2  sing N N 367 
VAL CB  HB   sing N N 368 
VAL CG1 HG11 sing N N 369 
VAL CG1 HG12 sing N N 370 
VAL CG1 HG13 sing N N 371 
VAL CG2 HG21 sing N N 372 
VAL CG2 HG22 sing N N 373 
VAL CG2 HG23 sing N N 374 
VAL OXT HXT  sing N N 375 
# 
_atom_sites.entry_id                    2TGI 
_atom_sites.fract_transf_matrix[1][1]   -0.00183867 
_atom_sites.fract_transf_matrix[1][2]   0.01896572 
_atom_sites.fract_transf_matrix[1][3]   -0.00002588 
_atom_sites.fract_transf_matrix[2][1]   0.01240631 
_atom_sites.fract_transf_matrix[2][2]   0.01076092 
_atom_sites.fract_transf_matrix[2][3]   -0.00966131 
_atom_sites.fract_transf_matrix[3][1]   -0.00772716 
_atom_sites.fract_transf_matrix[3][2]   -0.00076383 
_atom_sites.fract_transf_matrix[3][3]   -0.01077339 
_atom_sites.fract_transf_vector[1]      0.148704 
_atom_sites.fract_transf_vector[2]      0.633886 
_atom_sites.fract_transf_vector[3]      0.902070 
# 
loop_
_atom_sites_footnote.id 
_atom_sites_footnote.text 
1 'RESIDUE PRO 36 IS A CIS PROLINE.'                               
2 'RESIDUES 92 - 96 ARE ILL-DEFINED IN THE ELECTRON DENSITY. MAP.' 
# 
loop_
_atom_type.symbol 
C 
N 
O 
S 
# 
loop_
_atom_site.group_PDB 
_atom_site.id 
_atom_site.type_symbol 
_atom_site.label_atom_id 
_atom_site.label_alt_id 
_atom_site.label_comp_id 
_atom_site.label_asym_id 
_atom_site.label_entity_id 
_atom_site.label_seq_id 
_atom_site.pdbx_PDB_ins_code 
_atom_site.Cartn_x 
_atom_site.Cartn_y 
_atom_site.Cartn_z 
_atom_site.occupancy 
_atom_site.B_iso_or_equiv 
_atom_site.pdbx_formal_charge 
_atom_site.auth_seq_id 
_atom_site.auth_comp_id 
_atom_site.auth_asym_id 
_atom_site.auth_atom_id 
_atom_site.pdbx_PDB_model_num 
ATOM   1   N N   . ALA A 1 1   ? -2.735  -8.394  -12.238 1.00 26.52  ? 1   ALA A N   1 
ATOM   2   C CA  . ALA A 1 1   ? -2.056  -7.870  -11.067 1.00 25.05  ? 1   ALA A CA  1 
ATOM   3   C C   . ALA A 1 1   ? -3.066  -7.435  -10.055 1.00 19.28  ? 1   ALA A C   1 
ATOM   4   O O   . ALA A 1 1   ? -4.240  -7.263  -10.379 1.00 17.89  ? 1   ALA A O   1 
ATOM   5   C CB  . ALA A 1 1   ? -1.218  -6.652  -11.442 1.00 21.66  ? 1   ALA A CB  1 
ATOM   6   N N   . LEU A 1 2   ? -2.621  -7.235  -8.816  1.00 13.74  ? 2   LEU A N   1 
ATOM   7   C CA  . LEU A 1 2   ? -3.571  -6.766  -7.848  1.00 9.16   ? 2   LEU A CA  1 
ATOM   8   C C   . LEU A 1 2   ? -3.452  -5.261  -7.894  1.00 21.83  ? 2   LEU A C   1 
ATOM   9   O O   . LEU A 1 2   ? -2.812  -4.640  -7.042  1.00 15.94  ? 2   LEU A O   1 
ATOM   10  C CB  . LEU A 1 2   ? -3.287  -7.355  -6.435  1.00 14.15  ? 2   LEU A CB  1 
ATOM   11  C CG  . LEU A 1 2   ? -3.390  -8.905  -6.338  1.00 14.50  ? 2   LEU A CG  1 
ATOM   12  C CD1 . LEU A 1 2   ? -3.049  -9.355  -4.901  1.00 10.96  ? 2   LEU A CD1 1 
ATOM   13  C CD2 . LEU A 1 2   ? -4.801  -9.364  -6.710  1.00 12.49  ? 2   LEU A CD2 1 
ATOM   14  N N   . ASP A 1 3   ? -4.011  -4.673  -8.936  1.00 13.43  ? 3   ASP A N   1 
ATOM   15  C CA  . ASP A 1 3   ? -3.836  -3.246  -9.131  1.00 12.19  ? 3   ASP A CA  1 
ATOM   16  C C   . ASP A 1 3   ? -5.172  -2.538  -9.221  1.00 15.85  ? 3   ASP A C   1 
ATOM   17  O O   . ASP A 1 3   ? -6.186  -3.123  -8.934  1.00 13.47  ? 3   ASP A O   1 
ATOM   18  C CB  . ASP A 1 3   ? -2.975  -3.021  -10.381 1.00 14.00  ? 3   ASP A CB  1 
ATOM   19  C CG  . ASP A 1 3   ? -3.662  -3.618  -11.616 1.00 24.31  ? 3   ASP A CG  1 
ATOM   20  O OD1 . ASP A 1 3   ? -4.779  -4.102  -11.619 1.00 19.72  ? 3   ASP A OD1 1 
ATOM   21  O OD2 . ASP A 1 3   ? -2.943  -3.592  -12.685 1.00 26.80  ? 3   ASP A OD2 1 
ATOM   22  N N   . ALA A 1 4   ? -5.178  -1.273  -9.647  1.00 12.36  ? 4   ALA A N   1 
ATOM   23  C CA  . ALA A 1 4   ? -6.411  -0.513  -9.751  1.00 15.81  ? 4   ALA A CA  1 
ATOM   24  C C   . ALA A 1 4   ? -7.482  -1.133  -10.679 1.00 12.91  ? 4   ALA A C   1 
ATOM   25  O O   . ALA A 1 4   ? -8.672  -1.074  -10.402 1.00 15.73  ? 4   ALA A O   1 
ATOM   26  C CB  . ALA A 1 4   ? -6.109  0.943   -10.152 1.00 14.91  ? 4   ALA A CB  1 
ATOM   27  N N   . ALA A 1 5   ? -7.035  -1.651  -11.811 1.00 16.11  ? 5   ALA A N   1 
ATOM   28  C CA  . ALA A 1 5   ? -7.902  -2.238  -12.860 1.00 22.09  ? 5   ALA A CA  1 
ATOM   29  C C   . ALA A 1 5   ? -8.716  -3.412  -12.318 1.00 20.13  ? 5   ALA A C   1 
ATOM   30  O O   . ALA A 1 5   ? -9.923  -3.525  -12.491 1.00 19.94  ? 5   ALA A O   1 
ATOM   31  C CB  . ALA A 1 5   ? -7.039  -2.591  -14.081 1.00 15.91  ? 5   ALA A CB  1 
ATOM   32  N N   . TYR A 1 6   ? -8.042  -4.264  -11.573 1.00 15.74  ? 6   TYR A N   1 
ATOM   33  C CA  . TYR A 1 6   ? -8.697  -5.396  -10.950 1.00 14.40  ? 6   TYR A CA  1 
ATOM   34  C C   . TYR A 1 6   ? -9.449  -5.058  -9.672  1.00 14.50  ? 6   TYR A C   1 
ATOM   35  O O   . TYR A 1 6   ? -10.535 -5.544  -9.398  1.00 17.07  ? 6   TYR A O   1 
ATOM   36  C CB  . TYR A 1 6   ? -7.617  -6.505  -10.693 1.00 12.70  ? 6   TYR A CB  1 
ATOM   37  C CG  . TYR A 1 6   ? -8.198  -7.764  -10.105 1.00 16.75  ? 6   TYR A CG  1 
ATOM   38  C CD1 . TYR A 1 6   ? -9.141  -8.517  -10.805 1.00 23.79  ? 6   TYR A CD1 1 
ATOM   39  C CD2 . TYR A 1 6   ? -7.821  -8.216  -8.842  1.00 16.99  ? 6   TYR A CD2 1 
ATOM   40  C CE1 . TYR A 1 6   ? -9.695  -9.671  -10.244 1.00 22.10  ? 6   TYR A CE1 1 
ATOM   41  C CE2 . TYR A 1 6   ? -8.348  -9.385  -8.277  1.00 17.02  ? 6   TYR A CE2 1 
ATOM   42  C CZ  . TYR A 1 6   ? -9.290  -10.129 -8.989  1.00 23.58  ? 6   TYR A CZ  1 
ATOM   43  O OH  . TYR A 1 6   ? -9.883  -11.250 -8.428  1.00 17.23  ? 6   TYR A OH  1 
ATOM   44  N N   . CYS A 1 7   ? -8.861  -4.201  -8.836  1.00 14.16  ? 7   CYS A N   1 
ATOM   45  C CA  . CYS A 1 7   ? -9.302  -3.980  -7.510  1.00 13.70  ? 7   CYS A CA  1 
ATOM   46  C C   . CYS A 1 7   ? -10.233 -2.879  -7.256  1.00 17.05  ? 7   CYS A C   1 
ATOM   47  O O   . CYS A 1 7   ? -10.974 -2.961  -6.298  1.00 18.52  ? 7   CYS A O   1 
ATOM   48  C CB  . CYS A 1 7   ? -8.075  -3.859  -6.526  1.00 11.66  ? 7   CYS A CB  1 
ATOM   49  S SG  . CYS A 1 7   ? -6.934  -5.254  -6.603  1.00 14.33  ? 7   CYS A SG  1 
ATOM   50  N N   . PHE A 1 8   ? -10.118 -1.775  -7.959  1.00 16.93  ? 8   PHE A N   1 
ATOM   51  C CA  . PHE A 1 8   ? -10.994 -0.678  -7.588  1.00 22.14  ? 8   PHE A CA  1 
ATOM   52  C C   . PHE A 1 8   ? -12.349 -0.980  -8.221  1.00 35.03  ? 8   PHE A C   1 
ATOM   53  O O   . PHE A 1 8   ? -12.443 -1.702  -9.251  1.00 33.95  ? 8   PHE A O   1 
ATOM   54  C CB  . PHE A 1 8   ? -10.482 0.695   -8.106  1.00 17.05  ? 8   PHE A CB  1 
ATOM   55  C CG  . PHE A 1 8   ? -9.226  1.228   -7.455  1.00 26.02  ? 8   PHE A CG  1 
ATOM   56  C CD1 . PHE A 1 8   ? -8.516  0.452   -6.541  1.00 21.35  ? 8   PHE A CD1 1 
ATOM   57  C CD2 . PHE A 1 8   ? -8.735  2.499   -7.786  1.00 22.94  ? 8   PHE A CD2 1 
ATOM   58  C CE1 . PHE A 1 8   ? -7.349  0.942   -5.956  1.00 15.28  ? 8   PHE A CE1 1 
ATOM   59  C CE2 . PHE A 1 8   ? -7.575  3.012   -7.192  1.00 21.95  ? 8   PHE A CE2 1 
ATOM   60  C CZ  . PHE A 1 8   ? -6.881  2.217   -6.278  1.00 19.15  ? 8   PHE A CZ  1 
ATOM   61  N N   . ARG A 1 9   ? -13.374 -0.440  -7.630  1.00 23.92  ? 9   ARG A N   1 
ATOM   62  C CA  . ARG A 1 9   ? -14.722 -0.665  -8.149  1.00 100.00 ? 9   ARG A CA  1 
ATOM   63  C C   . ARG A 1 9   ? -15.199 -2.135  -8.240  1.00 100.00 ? 9   ARG A C   1 
ATOM   64  O O   . ARG A 1 9   ? -16.093 -2.466  -9.013  1.00 100.00 ? 9   ARG A O   1 
ATOM   65  C CB  . ARG A 1 9   ? -15.176 0.256   -9.305  1.00 57.12  ? 9   ARG A CB  1 
ATOM   66  C CG  . ARG A 1 9   ? -14.236 0.223   -10.503 1.00 70.82  ? 9   ARG A CG  1 
ATOM   67  C CD  . ARG A 1 9   ? -14.567 -0.837  -11.554 1.00 27.87  ? 9   ARG A CD  1 
ATOM   68  N NE  . ARG A 1 9   ? -13.420 -1.163  -12.438 1.00 79.89  ? 9   ARG A NE  1 
ATOM   69  C CZ  . ARG A 1 9   ? -13.563 -1.806  -13.591 1.00 44.22  ? 9   ARG A CZ  1 
ATOM   70  N NH1 . ARG A 1 9   ? -14.823 -2.119  -14.040 1.00 100.00 ? 9   ARG A NH1 1 
ATOM   71  N NH2 . ARG A 1 9   ? -12.406 -2.160  -14.286 1.00 28.50  ? 9   ARG A NH2 1 
ATOM   72  N N   . ASN A 1 10  ? -14.601 -2.964  -7.365  1.00 59.60  ? 10  ASN A N   1 
ATOM   73  C CA  . ASN A 1 10  ? -14.911 -4.383  -7.068  1.00 51.97  ? 10  ASN A CA  1 
ATOM   74  C C   . ASN A 1 10  ? -14.838 -4.441  -5.510  1.00 55.12  ? 10  ASN A C   1 
ATOM   75  O O   . ASN A 1 10  ? -13.911 -3.880  -4.917  1.00 100.00 ? 10  ASN A O   1 
ATOM   76  C CB  . ASN A 1 10  ? -13.918 -5.409  -7.732  1.00 40.45  ? 10  ASN A CB  1 
ATOM   77  C CG  . ASN A 1 10  ? -12.815 -6.102  -6.824  1.00 100.00 ? 10  ASN A CG  1 
ATOM   78  O OD1 . ASN A 1 10  ? -12.630 -5.764  -5.655  1.00 100.00 ? 10  ASN A OD1 1 
ATOM   79  N ND2 . ASN A 1 10  ? -12.035 -7.079  -7.317  1.00 29.56  ? 10  ASN A ND2 1 
ATOM   80  N N   . VAL A 1 11  ? -15.751 -5.076  -4.805  1.00 100.00 ? 11  VAL A N   1 
ATOM   81  C CA  . VAL A 1 11  ? -15.501 -5.179  -3.374  1.00 100.00 ? 11  VAL A CA  1 
ATOM   82  C C   . VAL A 1 11  ? -15.234 -6.592  -3.001  1.00 37.36  ? 11  VAL A C   1 
ATOM   83  O O   . VAL A 1 11  ? -16.119 -7.458  -2.914  1.00 100.00 ? 11  VAL A O   1 
ATOM   84  C CB  . VAL A 1 11  ? -16.260 -4.380  -2.329  1.00 100.00 ? 11  VAL A CB  1 
ATOM   85  C CG1 . VAL A 1 11  ? -16.750 -5.319  -1.228  1.00 100.00 ? 11  VAL A CG1 1 
ATOM   86  C CG2 . VAL A 1 11  ? -15.251 -3.409  -1.716  1.00 82.87  ? 11  VAL A CG2 1 
ATOM   87  N N   . GLN A 1 12  ? -13.951 -6.849  -2.899  1.00 42.77  ? 12  GLN A N   1 
ATOM   88  C CA  . GLN A 1 12  ? -13.566 -8.183  -2.635  1.00 36.55  ? 12  GLN A CA  1 
ATOM   89  C C   . GLN A 1 12  ? -12.791 -8.267  -1.368  1.00 22.79  ? 12  GLN A C   1 
ATOM   90  O O   . GLN A 1 12  ? -12.187 -7.291  -0.898  1.00 24.75  ? 12  GLN A O   1 
ATOM   91  C CB  . GLN A 1 12  ? -12.941 -8.820  -3.870  1.00 30.78  ? 12  GLN A CB  1 
ATOM   92  C CG  . GLN A 1 12  ? -11.471 -8.455  -4.100  1.00 27.83  ? 12  GLN A CG  1 
ATOM   93  C CD  . GLN A 1 12  ? -10.992 -9.596  -4.931  1.00 30.44  ? 12  GLN A CD  1 
ATOM   94  O OE1 . GLN A 1 12  ? -10.744 -9.448  -6.145  1.00 45.50  ? 12  GLN A OE1 1 
ATOM   95  N NE2 . GLN A 1 12  ? -11.092 -10.765 -4.310  1.00 21.29  ? 12  GLN A NE2 1 
ATOM   96  N N   . ASP A 1 13  ? -12.870 -9.439  -0.791  1.00 19.34  ? 13  ASP A N   1 
ATOM   97  C CA  . ASP A 1 13  ? -12.288 -9.731  0.511   1.00 26.00  ? 13  ASP A CA  1 
ATOM   98  C C   . ASP A 1 13  ? -10.825 -10.116 0.468   1.00 13.57  ? 13  ASP A C   1 
ATOM   99  O O   . ASP A 1 13  ? -10.119 -10.012 1.455   1.00 19.84  ? 13  ASP A O   1 
ATOM   100 C CB  . ASP A 1 13  ? -13.128 -10.822 1.234   1.00 43.17  ? 13  ASP A CB  1 
ATOM   101 C CG  . ASP A 1 13  ? -14.388 -10.246 1.847   1.00 100.00 ? 13  ASP A CG  1 
ATOM   102 O OD1 . ASP A 1 13  ? -14.594 -9.047  1.954   1.00 64.02  ? 13  ASP A OD1 1 
ATOM   103 O OD2 . ASP A 1 13  ? -15.265 -11.169 2.201   1.00 100.00 ? 13  ASP A OD2 1 
ATOM   104 N N   . ASN A 1 14  ? -10.388 -10.575 -0.659  1.00 13.78  ? 14  ASN A N   1 
ATOM   105 C CA  . ASN A 1 14  ? -9.032  -10.993 -0.751  1.00 11.48  ? 14  ASN A CA  1 
ATOM   106 C C   . ASN A 1 14  ? -8.143  -9.781  -0.931  1.00 16.57  ? 14  ASN A C   1 
ATOM   107 O O   . ASN A 1 14  ? -8.575  -8.687  -1.332  1.00 13.79  ? 14  ASN A O   1 
ATOM   108 C CB  . ASN A 1 14  ? -8.856  -11.897 -1.963  1.00 11.86  ? 14  ASN A CB  1 
ATOM   109 C CG  . ASN A 1 14  ? -9.481  -13.266 -1.774  1.00 24.90  ? 14  ASN A CG  1 
ATOM   110 O OD1 . ASN A 1 14  ? -9.700  -13.689 -0.666  1.00 18.04  ? 14  ASN A OD1 1 
ATOM   111 N ND2 . ASN A 1 14  ? -9.729  -13.974 -2.845  1.00 32.30  ? 14  ASN A ND2 1 
ATOM   112 N N   . CYS A 1 15  ? -6.889  -10.018 -0.681  1.00 11.92  ? 15  CYS A N   1 
ATOM   113 C CA  . CYS A 1 15  ? -5.846  -9.028  -0.826  1.00 13.20  ? 15  CYS A CA  1 
ATOM   114 C C   . CYS A 1 15  ? -6.003  -8.263  -2.156  1.00 12.87  ? 15  CYS A C   1 
ATOM   115 O O   . CYS A 1 15  ? -6.010  -8.855  -3.250  1.00 10.48  ? 15  CYS A O   1 
ATOM   116 C CB  . CYS A 1 15  ? -4.464  -9.753  -0.822  1.00 9.11   ? 15  CYS A CB  1 
ATOM   117 S SG  . CYS A 1 15  ? -3.048  -8.659  -1.091  1.00 11.94  ? 15  CYS A SG  1 
ATOM   118 N N   . CYS A 1 16  ? -6.037  -6.945  -2.056  1.00 9.45   ? 16  CYS A N   1 
ATOM   119 C CA  . CYS A 1 16  ? -6.200  -6.109  -3.231  1.00 14.20  ? 16  CYS A CA  1 
ATOM   120 C C   . CYS A 1 16  ? -5.780  -4.673  -2.865  1.00 13.81  ? 16  CYS A C   1 
ATOM   121 O O   . CYS A 1 16  ? -5.755  -4.289  -1.712  1.00 11.76  ? 16  CYS A O   1 
ATOM   122 C CB  . CYS A 1 16  ? -7.702  -6.129  -3.721  1.00 14.49  ? 16  CYS A CB  1 
ATOM   123 S SG  . CYS A 1 16  ? -7.953  -6.638  -5.459  1.00 14.86  ? 16  CYS A SG  1 
ATOM   124 N N   . LEU A 1 17  ? -5.486  -3.886  -3.895  1.00 11.03  ? 17  LEU A N   1 
ATOM   125 C CA  . LEU A 1 17  ? -5.175  -2.491  -3.762  1.00 10.70  ? 17  LEU A CA  1 
ATOM   126 C C   . LEU A 1 17  ? -6.461  -1.756  -3.335  1.00 13.48  ? 17  LEU A C   1 
ATOM   127 O O   . LEU A 1 17  ? -7.551  -1.978  -3.849  1.00 15.05  ? 17  LEU A O   1 
ATOM   128 C CB  . LEU A 1 17  ? -4.612  -1.926  -5.131  1.00 11.53  ? 17  LEU A CB  1 
ATOM   129 C CG  . LEU A 1 17  ? -4.191  -0.439  -5.051  1.00 10.18  ? 17  LEU A CG  1 
ATOM   130 C CD1 . LEU A 1 17  ? -2.879  -0.335  -4.232  1.00 10.97  ? 17  LEU A CD1 1 
ATOM   131 C CD2 . LEU A 1 17  ? -4.015  0.096   -6.469  1.00 11.53  ? 17  LEU A CD2 1 
ATOM   132 N N   . ARG A 1 18  ? -6.338  -0.863  -2.375  1.00 11.19  ? 18  ARG A N   1 
ATOM   133 C CA  . ARG A 1 18  ? -7.441  -0.066  -1.894  1.00 8.90   ? 18  ARG A CA  1 
ATOM   134 C C   . ARG A 1 18  ? -7.061  1.403   -2.083  1.00 16.44  ? 18  ARG A C   1 
ATOM   135 O O   . ARG A 1 18  ? -5.938  1.841   -1.829  1.00 10.79  ? 18  ARG A O   1 
ATOM   136 C CB  . ARG A 1 18  ? -7.664  -0.304  -0.432  1.00 11.30  ? 18  ARG A CB  1 
ATOM   137 C CG  . ARG A 1 18  ? -7.636  -1.786  -0.090  1.00 16.47  ? 18  ARG A CG  1 
ATOM   138 C CD  . ARG A 1 18  ? -8.927  -2.522  -0.448  1.00 20.29  ? 18  ARG A CD  1 
ATOM   139 N NE  . ARG A 1 18  ? -8.824  -4.005  -0.289  1.00 24.73  ? 18  ARG A NE  1 
ATOM   140 C CZ  . ARG A 1 18  ? -9.742  -4.934  -0.601  1.00 33.53  ? 18  ARG A CZ  1 
ATOM   141 N NH1 . ARG A 1 18  ? -10.913 -4.549  -1.108  1.00 35.54  ? 18  ARG A NH1 1 
ATOM   142 N NH2 . ARG A 1 18  ? -9.514  -6.248  -0.425  1.00 19.55  ? 18  ARG A NH2 1 
ATOM   143 N N   . PRO A 1 19  ? -8.013  2.205   -2.562  1.00 15.47  ? 19  PRO A N   1 
ATOM   144 C CA  . PRO A 1 19  ? -7.715  3.590   -2.814  1.00 18.19  ? 19  PRO A CA  1 
ATOM   145 C C   . PRO A 1 19  ? -7.629  4.433   -1.544  1.00 15.19  ? 19  PRO A C   1 
ATOM   146 O O   . PRO A 1 19  ? -8.429  4.286   -0.626  1.00 15.07  ? 19  PRO A O   1 
ATOM   147 C CB  . PRO A 1 19  ? -8.890  4.101   -3.660  1.00 20.28  ? 19  PRO A CB  1 
ATOM   148 C CG  . PRO A 1 19  ? -10.032 3.133   -3.406  1.00 22.09  ? 19  PRO A CG  1 
ATOM   149 C CD  . PRO A 1 19  ? -9.414  1.834   -2.942  1.00 15.18  ? 19  PRO A CD  1 
ATOM   150 N N   . LEU A 1 20  ? -6.702  5.371   -1.525  1.00 9.75   ? 20  LEU A N   1 
ATOM   151 C CA  . LEU A 1 20  ? -6.598  6.259   -0.392  1.00 11.39  ? 20  LEU A CA  1 
ATOM   152 C C   . LEU A 1 20  ? -5.848  7.508   -0.817  1.00 9.98   ? 20  LEU A C   1 
ATOM   153 O O   . LEU A 1 20  ? -4.667  7.469   -1.218  1.00 14.32  ? 20  LEU A O   1 
ATOM   154 C CB  . LEU A 1 20  ? -5.893  5.631   0.820   1.00 11.31  ? 20  LEU A CB  1 
ATOM   155 C CG  . LEU A 1 20  ? -5.700  6.552   2.020   1.00 14.72  ? 20  LEU A CG  1 
ATOM   156 C CD1 . LEU A 1 20  ? -7.032  6.775   2.677   1.00 16.68  ? 20  LEU A CD1 1 
ATOM   157 C CD2 . LEU A 1 20  ? -4.816  5.855   3.023   1.00 17.81  ? 20  LEU A CD2 1 
ATOM   158 N N   . TYR A 1 21  ? -6.575  8.614   -0.723  1.00 10.62  ? 21  TYR A N   1 
ATOM   159 C CA  . TYR A 1 21  ? -5.987  9.898   -1.033  1.00 14.00  ? 21  TYR A CA  1 
ATOM   160 C C   . TYR A 1 21  ? -5.707  10.554  0.317   1.00 15.97  ? 21  TYR A C   1 
ATOM   161 O O   . TYR A 1 21  ? -6.615  10.607  1.146   1.00 16.61  ? 21  TYR A O   1 
ATOM   162 C CB  . TYR A 1 21  ? -6.945  10.774  -1.889  1.00 20.26  ? 21  TYR A CB  1 
ATOM   163 C CG  . TYR A 1 21  ? -6.372  12.143  -2.249  1.00 14.69  ? 21  TYR A CG  1 
ATOM   164 C CD1 . TYR A 1 21  ? -5.596  12.270  -3.402  1.00 14.51  ? 21  TYR A CD1 1 
ATOM   165 C CD2 . TYR A 1 21  ? -6.583  13.255  -1.421  1.00 20.78  ? 21  TYR A CD2 1 
ATOM   166 C CE1 . TYR A 1 21  ? -5.025  13.500  -3.732  1.00 15.86  ? 21  TYR A CE1 1 
ATOM   167 C CE2 . TYR A 1 21  ? -6.051  14.505  -1.748  1.00 19.16  ? 21  TYR A CE2 1 
ATOM   168 C CZ  . TYR A 1 21  ? -5.278  14.605  -2.910  1.00 20.63  ? 21  TYR A CZ  1 
ATOM   169 O OH  . TYR A 1 21  ? -4.744  15.816  -3.251  1.00 23.32  ? 21  TYR A OH  1 
ATOM   170 N N   . ILE A 1 22  ? -4.468  11.010  0.545   1.00 16.87  ? 22  ILE A N   1 
ATOM   171 C CA  . ILE A 1 22  ? -4.122  11.663  1.796   1.00 12.52  ? 22  ILE A CA  1 
ATOM   172 C C   . ILE A 1 22  ? -3.897  13.132  1.508   1.00 14.19  ? 22  ILE A C   1 
ATOM   173 O O   . ILE A 1 22  ? -3.179  13.465  0.586   1.00 17.51  ? 22  ILE A O   1 
ATOM   174 C CB  . ILE A 1 22  ? -2.849  11.046  2.369   1.00 14.06  ? 22  ILE A CB  1 
ATOM   175 C CG1 . ILE A 1 22  ? -3.174  9.627   2.783   1.00 18.40  ? 22  ILE A CG1 1 
ATOM   176 C CG2 . ILE A 1 22  ? -2.331  11.816  3.577   1.00 16.16  ? 22  ILE A CG2 1 
ATOM   177 C CD1 . ILE A 1 22  ? -1.947  8.871   3.260   1.00 20.22  ? 22  ILE A CD1 1 
ATOM   178 N N   . ASP A 1 23  ? -4.581  13.966  2.285   1.00 17.37  ? 23  ASP A N   1 
ATOM   179 C CA  . ASP A 1 23  ? -4.456  15.432  2.276   1.00 13.90  ? 23  ASP A CA  1 
ATOM   180 C C   . ASP A 1 23  ? -3.449  15.708  3.399   1.00 19.70  ? 23  ASP A C   1 
ATOM   181 O O   . ASP A 1 23  ? -3.696  15.328  4.545   1.00 19.13  ? 23  ASP A O   1 
ATOM   182 C CB  . ASP A 1 23  ? -5.796  16.068  2.674   1.00 19.78  ? 23  ASP A CB  1 
ATOM   183 C CG  . ASP A 1 23  ? -5.722  17.555  2.449   1.00 27.30  ? 23  ASP A CG  1 
ATOM   184 O OD1 . ASP A 1 23  ? -5.010  18.184  3.351   1.00 24.56  ? 23  ASP A OD1 1 
ATOM   185 O OD2 . ASP A 1 23  ? -6.089  18.072  1.418   1.00 49.94  ? 23  ASP A OD2 1 
ATOM   186 N N   . PHE A 1 24  ? -2.277  16.246  3.108   1.00 16.75  ? 24  PHE A N   1 
ATOM   187 C CA  . PHE A 1 24  ? -1.270  16.393  4.137   1.00 21.77  ? 24  PHE A CA  1 
ATOM   188 C C   . PHE A 1 24  ? -1.738  17.133  5.387   1.00 34.51  ? 24  PHE A C   1 
ATOM   189 O O   . PHE A 1 24  ? -1.623  16.656  6.510   1.00 26.85  ? 24  PHE A O   1 
ATOM   190 C CB  . PHE A 1 24  ? 0.053   16.978  3.626   1.00 25.38  ? 24  PHE A CB  1 
ATOM   191 C CG  . PHE A 1 24  ? 0.813   16.126  2.657   1.00 22.41  ? 24  PHE A CG  1 
ATOM   192 C CD1 . PHE A 1 24  ? 1.369   14.905  3.051   1.00 24.79  ? 24  PHE A CD1 1 
ATOM   193 C CD2 . PHE A 1 24  ? 0.995   16.561  1.343   1.00 15.92  ? 24  PHE A CD2 1 
ATOM   194 C CE1 . PHE A 1 24  ? 2.117   14.135  2.156   1.00 26.62  ? 24  PHE A CE1 1 
ATOM   195 C CE2 . PHE A 1 24  ? 1.723   15.799  0.431   1.00 21.90  ? 24  PHE A CE2 1 
ATOM   196 C CZ  . PHE A 1 24  ? 2.277   14.582  0.843   1.00 26.03  ? 24  PHE A CZ  1 
ATOM   197 N N   . LYS A 1 25  ? -2.286  18.307  5.209   1.00 22.72  ? 25  LYS A N   1 
ATOM   198 C CA  . LYS A 1 25  ? -2.707  19.097  6.370   1.00 40.49  ? 25  LYS A CA  1 
ATOM   199 C C   . LYS A 1 25  ? -3.909  18.537  7.130   1.00 34.02  ? 25  LYS A C   1 
ATOM   200 O O   . LYS A 1 25  ? -3.912  18.448  8.359   1.00 33.94  ? 25  LYS A O   1 
ATOM   201 C CB  . LYS A 1 25  ? -2.871  20.576  6.027   1.00 29.43  ? 25  LYS A CB  1 
ATOM   202 C CG  . LYS A 1 25  ? -4.123  21.197  6.628   1.00 99.96  ? 25  LYS A CG  1 
ATOM   203 C CD  . LYS A 1 25  ? -4.016  22.699  6.821   1.00 100.00 ? 25  LYS A CD  1 
ATOM   204 C CE  . LYS A 1 25  ? -3.783  23.446  5.510   1.00 100.00 ? 25  LYS A CE  1 
ATOM   205 N NZ  . LYS A 1 25  ? -4.804  24.483  5.222   1.00 100.00 ? 25  LYS A NZ  1 
ATOM   206 N N   . ARG A 1 26  ? -4.949  18.172  6.381   1.00 24.34  ? 26  ARG A N   1 
ATOM   207 C CA  . ARG A 1 26  ? -6.170  17.656  6.938   1.00 25.53  ? 26  ARG A CA  1 
ATOM   208 C C   . ARG A 1 26  ? -6.017  16.310  7.625   1.00 42.16  ? 26  ARG A C   1 
ATOM   209 O O   . ARG A 1 26  ? -6.603  16.095  8.655   1.00 29.03  ? 26  ARG A O   1 
ATOM   210 C CB  . ARG A 1 26  ? -7.269  17.599  5.864   1.00 29.10  ? 26  ARG A CB  1 
ATOM   211 C CG  . ARG A 1 26  ? -8.380  16.564  6.123   1.00 43.74  ? 26  ARG A CG  1 
ATOM   212 C CD  . ARG A 1 26  ? -9.171  16.089  4.881   1.00 71.91  ? 26  ARG A CD  1 
ATOM   213 N NE  . ARG A 1 26  ? -8.778  14.757  4.360   1.00 53.18  ? 26  ARG A NE  1 
ATOM   214 C CZ  . ARG A 1 26  ? -8.844  14.369  3.074   1.00 100.00 ? 26  ARG A CZ  1 
ATOM   215 N NH1 . ARG A 1 26  ? -9.320  15.177  2.131   1.00 61.87  ? 26  ARG A NH1 1 
ATOM   216 N NH2 . ARG A 1 26  ? -8.434  13.143  2.711   1.00 47.68  ? 26  ARG A NH2 1 
ATOM   217 N N   . ASP A 1 27  ? -5.231  15.401  7.060   1.00 27.14  ? 27  ASP A N   1 
ATOM   218 C CA  . ASP A 1 27  ? -5.144  14.067  7.579   1.00 16.50  ? 27  ASP A CA  1 
ATOM   219 C C   . ASP A 1 27  ? -3.963  13.826  8.499   1.00 22.00  ? 27  ASP A C   1 
ATOM   220 O O   . ASP A 1 27  ? -4.010  12.940  9.348   1.00 27.22  ? 27  ASP A O   1 
ATOM   221 C CB  . ASP A 1 27  ? -5.074  13.104  6.365   1.00 20.74  ? 27  ASP A CB  1 
ATOM   222 C CG  . ASP A 1 27  ? -6.371  13.069  5.631   1.00 22.94  ? 27  ASP A CG  1 
ATOM   223 O OD1 . ASP A 1 27  ? -7.409  13.128  6.194   1.00 35.20  ? 27  ASP A OD1 1 
ATOM   224 O OD2 . ASP A 1 27  ? -6.284  12.910  4.341   1.00 21.09  ? 27  ASP A OD2 1 
ATOM   225 N N   . LEU A 1 28  ? -2.855  14.481  8.236   1.00 21.38  ? 28  LEU A N   1 
ATOM   226 C CA  . LEU A 1 28  ? -1.676  14.196  9.004   1.00 17.11  ? 28  LEU A CA  1 
ATOM   227 C C   . LEU A 1 28  ? -1.280  15.368  9.878   1.00 31.08  ? 28  LEU A C   1 
ATOM   228 O O   . LEU A 1 28  ? -0.426  15.240  10.744  1.00 30.56  ? 28  LEU A O   1 
ATOM   229 C CB  . LEU A 1 28  ? -0.489  13.898  8.079   1.00 25.96  ? 28  LEU A CB  1 
ATOM   230 C CG  . LEU A 1 28  ? -0.686  12.718  7.115   1.00 23.96  ? 28  LEU A CG  1 
ATOM   231 C CD1 . LEU A 1 28  ? 0.622   12.461  6.360   1.00 18.54  ? 28  LEU A CD1 1 
ATOM   232 C CD2 . LEU A 1 28  ? -1.081  11.482  7.902   1.00 28.39  ? 28  LEU A CD2 1 
ATOM   233 N N   . GLY A 1 29  ? -1.865  16.527  9.607   1.00 32.95  ? 29  GLY A N   1 
ATOM   234 C CA  . GLY A 1 29  ? -1.519  17.757  10.299  1.00 34.23  ? 29  GLY A CA  1 
ATOM   235 C C   . GLY A 1 29  ? -0.182  18.355  9.812   1.00 39.84  ? 29  GLY A C   1 
ATOM   236 O O   . GLY A 1 29  ? 0.358   19.211  10.471  1.00 55.24  ? 29  GLY A O   1 
ATOM   237 N N   . TRP A 1 30  ? 0.376   17.881  8.693   1.00 31.31  ? 30  TRP A N   1 
ATOM   238 C CA  . TRP A 1 30  ? 1.597   18.415  8.085   1.00 26.32  ? 30  TRP A CA  1 
ATOM   239 C C   . TRP A 1 30  ? 1.300   19.683  7.278   1.00 41.93  ? 30  TRP A C   1 
ATOM   240 O O   . TRP A 1 30  ? 0.990   19.638  6.088   1.00 47.40  ? 30  TRP A O   1 
ATOM   241 C CB  . TRP A 1 30  ? 2.279   17.425  7.138   1.00 30.91  ? 30  TRP A CB  1 
ATOM   242 C CG  . TRP A 1 30  ? 2.736   16.249  7.880   1.00 47.00  ? 30  TRP A CG  1 
ATOM   243 C CD1 . TRP A 1 30  ? 2.635   16.022  9.234   1.00 35.44  ? 30  TRP A CD1 1 
ATOM   244 C CD2 . TRP A 1 30  ? 3.363   15.133  7.305   1.00 36.40  ? 30  TRP A CD2 1 
ATOM   245 N NE1 . TRP A 1 30  ? 3.203   14.816  9.559   1.00 30.83  ? 30  TRP A NE1 1 
ATOM   246 C CE2 . TRP A 1 30  ? 3.660   14.235  8.379   1.00 42.30  ? 30  TRP A CE2 1 
ATOM   247 C CE3 . TRP A 1 30  ? 3.685   14.796  5.986   1.00 32.27  ? 30  TRP A CE3 1 
ATOM   248 C CZ2 . TRP A 1 30  ? 4.279   13.000  8.127   1.00 45.47  ? 30  TRP A CZ2 1 
ATOM   249 C CZ3 . TRP A 1 30  ? 4.330   13.595  5.755   1.00 29.18  ? 30  TRP A CZ3 1 
ATOM   250 C CH2 . TRP A 1 30  ? 4.623   12.713  6.811   1.00 33.84  ? 30  TRP A CH2 1 
ATOM   251 N N   . LYS A 1 31  ? 1.471   20.816  7.937   1.00 42.51  ? 31  LYS A N   1 
ATOM   252 C CA  . LYS A 1 31  ? 1.224   22.133  7.365   1.00 52.62  ? 31  LYS A CA  1 
ATOM   253 C C   . LYS A 1 31  ? 2.398   22.712  6.560   1.00 26.42  ? 31  LYS A C   1 
ATOM   254 O O   . LYS A 1 31  ? 2.256   23.718  5.870   1.00 68.99  ? 31  LYS A O   1 
ATOM   255 C CB  . LYS A 1 31  ? 0.841   23.093  8.481   1.00 43.07  ? 31  LYS A CB  1 
ATOM   256 C CG  . LYS A 1 31  ? -0.604  22.905  8.911   1.00 100.00 ? 31  LYS A CG  1 
ATOM   257 C CD  . LYS A 1 31  ? -1.302  24.207  9.301   1.00 100.00 ? 31  LYS A CD  1 
ATOM   258 C CE  . LYS A 1 31  ? -1.311  24.453  10.815  1.00 100.00 ? 31  LYS A CE  1 
ATOM   259 N NZ  . LYS A 1 31  ? -2.474  25.227  11.313  1.00 100.00 ? 31  LYS A NZ  1 
ATOM   260 N N   . TRP A 1 32  ? 3.566   22.044  6.671   1.00 29.34  ? 32  TRP A N   1 
ATOM   261 C CA  . TRP A 1 32  ? 4.805   22.463  6.075   1.00 39.44  ? 32  TRP A CA  1 
ATOM   262 C C   . TRP A 1 32  ? 5.086   22.022  4.648   1.00 52.76  ? 32  TRP A C   1 
ATOM   263 O O   . TRP A 1 32  ? 6.085   22.468  4.084   1.00 37.34  ? 32  TRP A O   1 
ATOM   264 C CB  . TRP A 1 32  ? 5.941   22.042  7.001   1.00 43.98  ? 32  TRP A CB  1 
ATOM   265 C CG  . TRP A 1 32  ? 5.797   20.621  7.355   1.00 42.87  ? 32  TRP A CG  1 
ATOM   266 C CD1 . TRP A 1 32  ? 4.933   20.086  8.232   1.00 63.18  ? 32  TRP A CD1 1 
ATOM   267 C CD2 . TRP A 1 32  ? 6.479   19.545  6.722   1.00 39.80  ? 32  TRP A CD2 1 
ATOM   268 N NE1 . TRP A 1 32  ? 5.085   18.719  8.274   1.00 99.53  ? 32  TRP A NE1 1 
ATOM   269 C CE2 . TRP A 1 32  ? 6.019   18.368  7.334   1.00 35.48  ? 32  TRP A CE2 1 
ATOM   270 C CE3 . TRP A 1 32  ? 7.440   19.470  5.707   1.00 30.48  ? 32  TRP A CE3 1 
ATOM   271 C CZ2 . TRP A 1 32  ? 6.533   17.145  6.953   1.00 36.10  ? 32  TRP A CZ2 1 
ATOM   272 C CZ3 . TRP A 1 32  ? 7.972   18.260  5.341   1.00 35.47  ? 32  TRP A CZ3 1 
ATOM   273 C CH2 . TRP A 1 32  ? 7.521   17.115  5.977   1.00 40.41  ? 32  TRP A CH2 1 
ATOM   274 N N   . ILE A 1 33  ? 4.245   21.157  4.067   1.00 33.70  ? 33  ILE A N   1 
ATOM   275 C CA  . ILE A 1 33  ? 4.434   20.752  2.680   1.00 22.55  ? 33  ILE A CA  1 
ATOM   276 C C   . ILE A 1 33  ? 3.677   21.721  1.804   1.00 34.84  ? 33  ILE A C   1 
ATOM   277 O O   . ILE A 1 33  ? 2.470   21.928  1.966   1.00 32.15  ? 33  ILE A O   1 
ATOM   278 C CB  . ILE A 1 33  ? 4.013   19.299  2.389   1.00 30.46  ? 33  ILE A CB  1 
ATOM   279 C CG1 . ILE A 1 33  ? 5.057   18.333  2.949   1.00 27.18  ? 33  ILE A CG1 1 
ATOM   280 C CG2 . ILE A 1 33  ? 3.968   19.107  0.872   1.00 22.74  ? 33  ILE A CG2 1 
ATOM   281 C CD1 . ILE A 1 33  ? 4.451   17.103  3.603   1.00 38.14  ? 33  ILE A CD1 1 
ATOM   282 N N   . HIS A 1 34  ? 4.386   22.343  0.866   1.00 34.27  ? 34  HIS A N   1 
ATOM   283 C CA  . HIS A 1 34  ? 3.742   23.337  0.024   1.00 28.09  ? 34  HIS A CA  1 
ATOM   284 C C   . HIS A 1 34  ? 2.987   22.806  -1.214  1.00 32.18  ? 34  HIS A C   1 
ATOM   285 O O   . HIS A 1 34  ? 1.884   23.242  -1.570  1.00 31.79  ? 34  HIS A O   1 
ATOM   286 C CB  . HIS A 1 34  ? 4.792   24.394  -0.363  1.00 34.74  ? 34  HIS A CB  1 
ATOM   287 C CG  . HIS A 1 34  ? 4.143   25.535  -1.034  1.00 100.00 ? 34  HIS A CG  1 
ATOM   288 N ND1 . HIS A 1 34  ? 3.442   26.478  -0.309  1.00 82.71  ? 34  HIS A ND1 1 
ATOM   289 C CD2 . HIS A 1 34  ? 4.053   25.832  -2.356  1.00 100.00 ? 34  HIS A CD2 1 
ATOM   290 C CE1 . HIS A 1 34  ? 2.962   27.332  -1.190  1.00 100.00 ? 34  HIS A CE1 1 
ATOM   291 N NE2 . HIS A 1 34  ? 3.309   26.971  -2.426  1.00 43.35  ? 34  HIS A NE2 1 
ATOM   292 N N   . GLU A 1 35  ? 3.611   21.882  -1.904  1.00 22.48  ? 35  GLU A N   1 
ATOM   293 C CA  . GLU A 1 35  ? 3.044   21.301  -3.089  1.00 16.20  ? 35  GLU A CA  1 
ATOM   294 C C   . GLU A 1 35  ? 3.592   19.874  -3.063  1.00 24.52  ? 35  GLU A C   1 
ATOM   295 O O   . GLU A 1 35  ? 4.762   19.694  -2.720  1.00 22.01  ? 35  GLU A O   1 
ATOM   296 C CB  . GLU A 1 35  ? 3.615   22.102  -4.274  1.00 20.52  ? 35  GLU A CB  1 
ATOM   297 C CG  . GLU A 1 35  ? 3.137   21.631  -5.665  1.00 31.87  ? 35  GLU A CG  1 
ATOM   298 C CD  . GLU A 1 35  ? 1.675   21.816  -5.867  1.00 30.73  ? 35  GLU A CD  1 
ATOM   299 O OE1 . GLU A 1 35  ? 1.292   22.998  -5.532  1.00 32.19  ? 35  GLU A OE1 1 
ATOM   300 O OE2 . GLU A 1 35  ? 0.943   20.956  -6.321  1.00 33.81  ? 35  GLU A OE2 1 
ATOM   301 N N   . PRO A 1 36  ? 2.787   18.830  -3.341  1.00 22.68  ? 36  PRO A N   1 
ATOM   302 C CA  . PRO A 1 36  ? 1.378   18.950  -3.663  1.00 17.33  ? 36  PRO A CA  1 
ATOM   303 C C   . PRO A 1 36  ? 0.601   19.075  -2.373  1.00 18.12  ? 36  PRO A C   1 
ATOM   304 O O   . PRO A 1 36  ? 1.134   18.932  -1.268  1.00 21.78  ? 36  PRO A O   1 
ATOM   305 C CB  . PRO A 1 36  ? 1.051   17.599  -4.332  1.00 21.46  ? 36  PRO A CB  1 
ATOM   306 C CG  . PRO A 1 36  ? 2.122   16.593  -3.900  1.00 15.42  ? 36  PRO A CG  1 
ATOM   307 C CD  . PRO A 1 36  ? 3.299   17.414  -3.443  1.00 17.85  ? 36  PRO A CD  1 
ATOM   308 N N   . LYS A 1 37  ? -0.679  19.298  -2.466  1.00 12.99  ? 37  LYS A N   1 
ATOM   309 C CA  . LYS A 1 37  ? -1.452  19.389  -1.244  1.00 17.46  ? 37  LYS A CA  1 
ATOM   310 C C   . LYS A 1 37  ? -1.851  18.017  -0.661  1.00 21.70  ? 37  LYS A C   1 
ATOM   311 O O   . LYS A 1 37  ? -2.210  17.883  0.507   1.00 16.84  ? 37  LYS A O   1 
ATOM   312 C CB  . LYS A 1 37  ? -2.745  20.185  -1.433  1.00 29.51  ? 37  LYS A CB  1 
ATOM   313 C CG  . LYS A 1 37  ? -2.531  21.696  -1.586  1.00 91.47  ? 37  LYS A CG  1 
ATOM   314 C CD  . LYS A 1 37  ? -1.179  22.220  -1.071  1.00 100.00 ? 37  LYS A CD  1 
ATOM   315 C CE  . LYS A 1 37  ? -0.881  23.696  -1.395  1.00 100.00 ? 37  LYS A CE  1 
ATOM   316 N NZ  . LYS A 1 37  ? -0.563  23.998  -2.821  1.00 64.80  ? 37  LYS A NZ  1 
ATOM   317 N N   . GLY A 1 38  ? -1.826  17.004  -1.499  1.00 19.96  ? 38  GLY A N   1 
ATOM   318 C CA  . GLY A 1 38  ? -2.224  15.650  -1.123  1.00 13.25  ? 38  GLY A CA  1 
ATOM   319 C C   . GLY A 1 38  ? -1.750  14.727  -2.238  1.00 16.24  ? 38  GLY A C   1 
ATOM   320 O O   . GLY A 1 38  ? -1.161  15.156  -3.249  1.00 14.41  ? 38  GLY A O   1 
ATOM   321 N N   . TYR A 1 39  ? -1.973  13.431  -2.068  1.00 14.64  ? 39  TYR A N   1 
ATOM   322 C CA  . TYR A 1 39  ? -1.517  12.501  -3.092  1.00 12.11  ? 39  TYR A CA  1 
ATOM   323 C C   . TYR A 1 39  ? -2.269  11.154  -2.874  1.00 11.54  ? 39  TYR A C   1 
ATOM   324 O O   . TYR A 1 39  ? -2.816  10.903  -1.771  1.00 11.35  ? 39  TYR A O   1 
ATOM   325 C CB  . TYR A 1 39  ? 0.056   12.302  -3.148  1.00 10.80  ? 39  TYR A CB  1 
ATOM   326 C CG  . TYR A 1 39  ? 0.543   11.497  -1.930  1.00 14.01  ? 39  TYR A CG  1 
ATOM   327 C CD1 . TYR A 1 39  ? 0.345   12.029  -0.657  1.00 18.93  ? 39  TYR A CD1 1 
ATOM   328 C CD2 . TYR A 1 39  ? 1.103   10.213  -2.041  1.00 16.47  ? 39  TYR A CD2 1 
ATOM   329 C CE1 . TYR A 1 39  ? 0.754   11.344  0.488   1.00 22.93  ? 39  TYR A CE1 1 
ATOM   330 C CE2 . TYR A 1 39  ? 1.540   9.507   -0.907  1.00 16.24  ? 39  TYR A CE2 1 
ATOM   331 C CZ  . TYR A 1 39  ? 1.326   10.076  0.352   1.00 24.23  ? 39  TYR A CZ  1 
ATOM   332 O OH  . TYR A 1 39  ? 1.684   9.387   1.486   1.00 36.12  ? 39  TYR A OH  1 
ATOM   333 N N   . ASN A 1 40  ? -2.213  10.301  -3.896  1.00 10.72  ? 40  ASN A N   1 
ATOM   334 C CA  . ASN A 1 40  ? -2.823  8.974   -3.820  1.00 15.00  ? 40  ASN A CA  1 
ATOM   335 C C   . ASN A 1 40  ? -1.862  7.975   -3.216  1.00 16.85  ? 40  ASN A C   1 
ATOM   336 O O   . ASN A 1 40  ? -1.178  7.276   -3.951  1.00 22.27  ? 40  ASN A O   1 
ATOM   337 C CB  . ASN A 1 40  ? -3.212  8.475   -5.197  1.00 12.47  ? 40  ASN A CB  1 
ATOM   338 C CG  . ASN A 1 40  ? -4.319  9.319   -5.770  1.00 11.65  ? 40  ASN A CG  1 
ATOM   339 O OD1 . ASN A 1 40  ? -5.455  9.284   -5.293  1.00 16.70  ? 40  ASN A OD1 1 
ATOM   340 N ND2 . ASN A 1 40  ? -3.929  10.238  -6.663  1.00 23.53  ? 40  ASN A ND2 1 
ATOM   341 N N   . ALA A 1 41  ? -1.847  7.888   -1.885  1.00 13.85  ? 41  ALA A N   1 
ATOM   342 C CA  . ALA A 1 41  ? -0.988  6.970   -1.195  1.00 11.50  ? 41  ALA A CA  1 
ATOM   343 C C   . ALA A 1 41  ? -1.441  5.504   -1.496  1.00 9.81   ? 41  ALA A C   1 
ATOM   344 O O   . ALA A 1 41  ? -0.601  4.645   -1.820  1.00 12.12  ? 41  ALA A O   1 
ATOM   345 C CB  . ALA A 1 41  ? -1.075  7.247   0.317   1.00 13.03  ? 41  ALA A CB  1 
ATOM   346 N N   . ASN A 1 42  ? -2.755  5.264   -1.390  1.00 9.45   ? 42  ASN A N   1 
ATOM   347 C CA  . ASN A 1 42  ? -3.395  3.937   -1.525  1.00 12.06  ? 42  ASN A CA  1 
ATOM   348 C C   . ASN A 1 42  ? -2.862  2.975   -0.427  1.00 13.84  ? 42  ASN A C   1 
ATOM   349 O O   . ASN A 1 42  ? -2.010  3.349   0.386   1.00 11.98  ? 42  ASN A O   1 
ATOM   350 C CB  . ASN A 1 42  ? -3.233  3.267   -2.904  1.00 10.16  ? 42  ASN A CB  1 
ATOM   351 C CG  . ASN A 1 42  ? -3.764  4.131   -4.017  1.00 9.74   ? 42  ASN A CG  1 
ATOM   352 O OD1 . ASN A 1 42  ? -4.752  4.786   -3.827  1.00 12.51  ? 42  ASN A OD1 1 
ATOM   353 N ND2 . ASN A 1 42  ? -3.076  4.109   -5.151  1.00 10.69  ? 42  ASN A ND2 1 
ATOM   354 N N   . PHE A 1 43  ? -3.369  1.751   -0.378  1.00 12.44  ? 43  PHE A N   1 
ATOM   355 C CA  . PHE A 1 43  ? -2.884  0.760   0.603   1.00 10.76  ? 43  PHE A CA  1 
ATOM   356 C C   . PHE A 1 43  ? -3.316  -0.621  0.163   1.00 14.00  ? 43  PHE A C   1 
ATOM   357 O O   . PHE A 1 43  ? -4.202  -0.776  -0.682  1.00 14.02  ? 43  PHE A O   1 
ATOM   358 C CB  . PHE A 1 43  ? -3.306  1.032   2.092   1.00 5.89   ? 43  PHE A CB  1 
ATOM   359 C CG  . PHE A 1 43  ? -4.776  0.954   2.380   1.00 10.52  ? 43  PHE A CG  1 
ATOM   360 C CD1 . PHE A 1 43  ? -5.633  2.025   2.071   1.00 15.61  ? 43  PHE A CD1 1 
ATOM   361 C CD2 . PHE A 1 43  ? -5.327  -0.194  2.971   1.00 10.84  ? 43  PHE A CD2 1 
ATOM   362 C CE1 . PHE A 1 43  ? -6.994  1.981   2.376   1.00 14.66  ? 43  PHE A CE1 1 
ATOM   363 C CE2 . PHE A 1 43  ? -6.689  -0.261  3.296   1.00 14.97  ? 43  PHE A CE2 1 
ATOM   364 C CZ  . PHE A 1 43  ? -7.514  0.822   2.967   1.00 15.69  ? 43  PHE A CZ  1 
ATOM   365 N N   . CYS A 1 44  ? -2.708  -1.623  0.763   1.00 11.65  ? 44  CYS A N   1 
ATOM   366 C CA  . CYS A 1 44  ? -3.036  -3.017  0.454   1.00 8.83   ? 44  CYS A CA  1 
ATOM   367 C C   . CYS A 1 44  ? -3.709  -3.658  1.645   1.00 12.91  ? 44  CYS A C   1 
ATOM   368 O O   . CYS A 1 44  ? -3.314  -3.469  2.787   1.00 12.45  ? 44  CYS A O   1 
ATOM   369 C CB  . CYS A 1 44  ? -1.736  -3.787  0.164   1.00 10.35  ? 44  CYS A CB  1 
ATOM   370 S SG  . CYS A 1 44  ? -0.930  -3.214  -1.323  1.00 12.37  ? 44  CYS A SG  1 
ATOM   371 N N   . ALA A 1 45  ? -4.781  -4.351  1.397   1.00 10.28  ? 45  ALA A N   1 
ATOM   372 C CA  . ALA A 1 45  ? -5.514  -5.024  2.458   1.00 10.81  ? 45  ALA A CA  1 
ATOM   373 C C   . ALA A 1 45  ? -6.358  -6.153  1.885   1.00 11.48  ? 45  ALA A C   1 
ATOM   374 O O   . ALA A 1 45  ? -6.819  -6.089  0.731   1.00 12.06  ? 45  ALA A O   1 
ATOM   375 C CB  . ALA A 1 45  ? -6.371  -4.079  3.276   1.00 10.90  ? 45  ALA A CB  1 
ATOM   376 N N   . GLY A 1 46  ? -6.549  -7.194  2.700   1.00 11.15  ? 46  GLY A N   1 
ATOM   377 C CA  . GLY A 1 46  ? -7.382  -8.329  2.313   1.00 12.77  ? 46  GLY A CA  1 
ATOM   378 C C   . GLY A 1 46  ? -6.738  -9.672  2.633   1.00 16.83  ? 46  GLY A C   1 
ATOM   379 O O   . GLY A 1 46  ? -5.552  -9.774  2.957   1.00 14.67  ? 46  GLY A O   1 
ATOM   380 N N   . ALA A 1 47  ? -7.554  -10.719 2.491   1.00 13.53  ? 47  ALA A N   1 
ATOM   381 C CA  . ALA A 1 47  ? -7.151  -12.096 2.803   1.00 14.91  ? 47  ALA A CA  1 
ATOM   382 C C   . ALA A 1 47  ? -6.156  -12.651 1.855   1.00 12.92  ? 47  ALA A C   1 
ATOM   383 O O   . ALA A 1 47  ? -6.118  -12.299 0.677   1.00 14.85  ? 47  ALA A O   1 
ATOM   384 C CB  . ALA A 1 47  ? -8.378  -13.010 2.873   1.00 13.15  ? 47  ALA A CB  1 
ATOM   385 N N   . CYS A 1 48  ? -5.368  -13.574 2.376   1.00 7.35   ? 48  CYS A N   1 
ATOM   386 C CA  . CYS A 1 48  ? -4.362  -14.241 1.570   1.00 4.13   ? 48  CYS A CA  1 
ATOM   387 C C   . CYS A 1 48  ? -4.566  -15.750 1.536   1.00 19.47  ? 48  CYS A C   1 
ATOM   388 O O   . CYS A 1 48  ? -3.875  -16.479 2.226   1.00 14.40  ? 48  CYS A O   1 
ATOM   389 C CB  . CYS A 1 48  ? -2.941  -13.934 2.091   1.00 10.67  ? 48  CYS A CB  1 
ATOM   390 S SG  . CYS A 1 48  ? -2.436  -12.227 1.681   1.00 12.28  ? 48  CYS A SG  1 
ATOM   391 N N   . PRO A 1 49  ? -5.490  -16.235 0.701   1.00 15.69  ? 49  PRO A N   1 
ATOM   392 C CA  . PRO A 1 49  ? -5.741  -17.678 0.596   1.00 16.87  ? 49  PRO A CA  1 
ATOM   393 C C   . PRO A 1 49  ? -4.613  -18.367 -0.133  1.00 16.13  ? 49  PRO A C   1 
ATOM   394 O O   . PRO A 1 49  ? -3.746  -17.716 -0.732  1.00 13.45  ? 49  PRO A O   1 
ATOM   395 C CB  . PRO A 1 49  ? -7.023  -17.829 -0.253  1.00 20.37  ? 49  PRO A CB  1 
ATOM   396 C CG  . PRO A 1 49  ? -7.356  -16.436 -0.805  1.00 16.86  ? 49  PRO A CG  1 
ATOM   397 C CD  . PRO A 1 49  ? -6.561  -15.429 0.033   1.00 12.75  ? 49  PRO A CD  1 
ATOM   398 N N   . TYR A 1 50  ? -4.651  -19.697 -0.163  1.00 10.82  ? 50  TYR A N   1 
ATOM   399 C CA  . TYR A 1 50  ? -3.594  -20.447 -0.784  1.00 9.04   ? 50  TYR A CA  1 
ATOM   400 C C   . TYR A 1 50  ? -3.319  -20.063 -2.216  1.00 13.56  ? 50  TYR A C   1 
ATOM   401 O O   . TYR A 1 50  ? -4.183  -20.096 -3.090  1.00 15.62  ? 50  TYR A O   1 
ATOM   402 C CB  . TYR A 1 50  ? -3.974  -21.947 -0.614  1.00 15.26  ? 50  TYR A CB  1 
ATOM   403 C CG  . TYR A 1 50  ? -2.956  -22.854 -1.177  1.00 17.44  ? 50  TYR A CG  1 
ATOM   404 C CD1 . TYR A 1 50  ? -1.648  -22.778 -0.701  1.00 15.71  ? 50  TYR A CD1 1 
ATOM   405 C CD2 . TYR A 1 50  ? -3.275  -23.754 -2.198  1.00 28.36  ? 50  TYR A CD2 1 
ATOM   406 C CE1 . TYR A 1 50  ? -0.643  -23.593 -1.211  1.00 19.67  ? 50  TYR A CE1 1 
ATOM   407 C CE2 . TYR A 1 50  ? -2.284  -24.573 -2.731  1.00 21.39  ? 50  TYR A CE2 1 
ATOM   408 C CZ  . TYR A 1 50  ? -0.998  -24.525 -2.187  1.00 36.24  ? 50  TYR A CZ  1 
ATOM   409 O OH  . TYR A 1 50  ? -0.032  -25.314 -2.705  1.00 38.92  ? 50  TYR A OH  1 
ATOM   410 N N   . LEU A 1 51  ? -2.077  -19.672 -2.469  1.00 11.00  ? 51  LEU A N   1 
ATOM   411 C CA  . LEU A 1 51  ? -1.590  -19.251 -3.783  1.00 11.58  ? 51  LEU A CA  1 
ATOM   412 C C   . LEU A 1 51  ? -2.137  -17.928 -4.331  1.00 10.80  ? 51  LEU A C   1 
ATOM   413 O O   . LEU A 1 51  ? -1.979  -17.676 -5.501  1.00 17.83  ? 51  LEU A O   1 
ATOM   414 C CB  . LEU A 1 51  ? -1.620  -20.340 -4.899  1.00 16.00  ? 51  LEU A CB  1 
ATOM   415 C CG  . LEU A 1 51  ? -0.890  -21.631 -4.514  1.00 30.00  ? 51  LEU A CG  1 
ATOM   416 C CD1 . LEU A 1 51  ? -1.048  -22.638 -5.643  1.00 27.02  ? 51  LEU A CD1 1 
ATOM   417 C CD2 . LEU A 1 51  ? 0.610   -21.434 -4.268  1.00 19.24  ? 51  LEU A CD2 1 
ATOM   418 N N   . TRP A 1 52  ? -2.835  -17.125 -3.533  1.00 13.95  ? 52  TRP A N   1 
ATOM   419 C CA  . TRP A 1 52  ? -3.327  -15.831 -4.003  1.00 15.62  ? 52  TRP A CA  1 
ATOM   420 C C   . TRP A 1 52  ? -2.136  -14.837 -4.004  1.00 21.00  ? 52  TRP A C   1 
ATOM   421 O O   . TRP A 1 52  ? -1.669  -14.430 -2.916  1.00 12.86  ? 52  TRP A O   1 
ATOM   422 C CB  . TRP A 1 52  ? -4.424  -15.349 -3.043  1.00 10.68  ? 52  TRP A CB  1 
ATOM   423 C CG  . TRP A 1 52  ? -5.059  -14.077 -3.503  1.00 13.65  ? 52  TRP A CG  1 
ATOM   424 C CD1 . TRP A 1 52  ? -4.753  -12.791 -3.122  1.00 13.66  ? 52  TRP A CD1 1 
ATOM   425 C CD2 . TRP A 1 52  ? -6.139  -13.994 -4.444  1.00 18.50  ? 52  TRP A CD2 1 
ATOM   426 N NE1 . TRP A 1 52  ? -5.583  -11.892 -3.760  1.00 14.23  ? 52  TRP A NE1 1 
ATOM   427 C CE2 . TRP A 1 52  ? -6.453  -12.611 -4.593  1.00 15.86  ? 52  TRP A CE2 1 
ATOM   428 C CE3 . TRP A 1 52  ? -6.861  -14.968 -5.182  1.00 14.90  ? 52  TRP A CE3 1 
ATOM   429 C CZ2 . TRP A 1 52  ? -7.511  -12.199 -5.444  1.00 18.35  ? 52  TRP A CZ2 1 
ATOM   430 C CZ3 . TRP A 1 52  ? -7.892  -14.545 -6.031  1.00 15.50  ? 52  TRP A CZ3 1 
ATOM   431 C CH2 . TRP A 1 52  ? -8.233  -13.186 -6.134  1.00 17.98  ? 52  TRP A CH2 1 
ATOM   432 N N   . SER A 1 53  ? -1.556  -14.561 -5.196  1.00 12.61  ? 53  SER A N   1 
ATOM   433 C CA  . SER A 1 53  ? -0.410  -13.636 -5.360  1.00 17.34  ? 53  SER A CA  1 
ATOM   434 C C   . SER A 1 53  ? 0.725   -13.820 -4.322  1.00 19.55  ? 53  SER A C   1 
ATOM   435 O O   . SER A 1 53  ? 1.208   -12.822 -3.739  1.00 15.51  ? 53  SER A O   1 
ATOM   436 C CB  . SER A 1 53  ? -0.824  -12.146 -5.400  1.00 23.00  ? 53  SER A CB  1 
ATOM   437 O OG  . SER A 1 53  ? -1.852  -11.931 -6.370  1.00 28.46  ? 53  SER A OG  1 
ATOM   438 N N   . SER A 1 54  ? 1.130   -15.067 -4.141  1.00 16.97  ? 54  SER A N   1 
ATOM   439 C CA  . SER A 1 54  ? 2.144   -15.502 -3.193  1.00 15.62  ? 54  SER A CA  1 
ATOM   440 C C   . SER A 1 54  ? 3.498   -14.916 -3.533  1.00 19.22  ? 54  SER A C   1 
ATOM   441 O O   . SER A 1 54  ? 3.934   -14.986 -4.631  1.00 22.21  ? 54  SER A O   1 
ATOM   442 C CB  . SER A 1 54  ? 2.149   -17.021 -3.066  1.00 20.31  ? 54  SER A CB  1 
ATOM   443 O OG  . SER A 1 54  ? 0.953   -17.446 -2.404  1.00 21.10  ? 54  SER A OG  1 
ATOM   444 N N   . ASP A 1 55  ? 4.117   -14.221 -2.586  1.00 14.86  ? 55  ASP A N   1 
ATOM   445 C CA  . ASP A 1 55  ? 5.408   -13.601 -2.806  1.00 15.09  ? 55  ASP A CA  1 
ATOM   446 C C   . ASP A 1 55  ? 6.527   -14.670 -2.834  1.00 23.05  ? 55  ASP A C   1 
ATOM   447 O O   . ASP A 1 55  ? 7.166   -14.860 -3.835  1.00 20.09  ? 55  ASP A O   1 
ATOM   448 C CB  . ASP A 1 55  ? 5.663   -12.595 -1.650  1.00 12.09  ? 55  ASP A CB  1 
ATOM   449 C CG  . ASP A 1 55  ? 6.873   -11.740 -1.856  1.00 22.16  ? 55  ASP A CG  1 
ATOM   450 O OD1 . ASP A 1 55  ? 7.441   -11.620 -2.918  1.00 24.17  ? 55  ASP A OD1 1 
ATOM   451 O OD2 . ASP A 1 55  ? 7.248   -11.125 -0.779  1.00 22.78  ? 55  ASP A OD2 1 
ATOM   452 N N   . THR A 1 56  ? 6.756   -15.398 -1.740  1.00 15.11  ? 56  THR A N   1 
ATOM   453 C CA  . THR A 1 56  ? 7.866   -16.350 -1.667  1.00 15.50  ? 56  THR A CA  1 
ATOM   454 C C   . THR A 1 56  ? 7.367   -17.768 -1.389  1.00 16.58  ? 56  THR A C   1 
ATOM   455 O O   . THR A 1 56  ? 6.182   -17.978 -1.139  1.00 14.85  ? 56  THR A O   1 
ATOM   456 C CB  . THR A 1 56  ? 8.720   -15.929 -0.431  1.00 14.45  ? 56  THR A CB  1 
ATOM   457 O OG1 . THR A 1 56  ? 7.924   -15.976 0.737   1.00 13.94  ? 56  THR A OG1 1 
ATOM   458 C CG2 . THR A 1 56  ? 9.325   -14.537 -0.585  1.00 14.67  ? 56  THR A CG2 1 
ATOM   459 N N   . GLN A 1 57  ? 8.273   -18.761 -1.320  1.00 14.93  ? 57  GLN A N   1 
ATOM   460 C CA  . GLN A 1 57  ? 7.857   -20.116 -0.925  1.00 14.01  ? 57  GLN A CA  1 
ATOM   461 C C   . GLN A 1 57  ? 7.244   -20.120 0.464   1.00 9.40   ? 57  GLN A C   1 
ATOM   462 O O   . GLN A 1 57  ? 6.272   -20.817 0.718   1.00 12.28  ? 57  GLN A O   1 
ATOM   463 C CB  . GLN A 1 57  ? 9.054   -21.097 -0.948  1.00 19.02  ? 57  GLN A CB  1 
ATOM   464 C CG  . GLN A 1 57  ? 9.623   -21.293 -2.366  1.00 28.04  ? 57  GLN A CG  1 
ATOM   465 C CD  . GLN A 1 57  ? 8.654   -22.076 -3.270  1.00 29.05  ? 57  GLN A CD  1 
ATOM   466 O OE1 . GLN A 1 57  ? 8.733   -21.921 -4.493  1.00 91.29  ? 57  GLN A OE1 1 
ATOM   467 N NE2 . GLN A 1 57  ? 7.744   -22.898 -2.658  1.00 27.34  ? 57  GLN A NE2 1 
ATOM   468 N N   . HIS A 1 58  ? 7.808   -19.272 1.369   1.00 12.70  ? 58  HIS A N   1 
ATOM   469 C CA  . HIS A 1 58  ? 7.260   -19.129 2.709   1.00 15.48  ? 58  HIS A CA  1 
ATOM   470 C C   . HIS A 1 58  ? 5.793   -18.668 2.646   1.00 8.78   ? 58  HIS A C   1 
ATOM   471 O O   . HIS A 1 58  ? 4.963   -19.207 3.369   1.00 10.64  ? 58  HIS A O   1 
ATOM   472 C CB  . HIS A 1 58  ? 8.089   -18.126 3.553   1.00 14.02  ? 58  HIS A CB  1 
ATOM   473 C CG  . HIS A 1 58  ? 7.639   -18.075 4.985   1.00 16.15  ? 58  HIS A CG  1 
ATOM   474 N ND1 . HIS A 1 58  ? 6.618   -17.243 5.414   1.00 10.97  ? 58  HIS A ND1 1 
ATOM   475 C CD2 . HIS A 1 58  ? 8.101   -18.758 6.090   1.00 14.16  ? 58  HIS A CD2 1 
ATOM   476 C CE1 . HIS A 1 58  ? 6.473   -17.432 6.726   1.00 12.31  ? 58  HIS A CE1 1 
ATOM   477 N NE2 . HIS A 1 58  ? 7.359   -18.315 7.166   1.00 11.56  ? 58  HIS A NE2 1 
ATOM   478 N N   . SER A 1 59  ? 5.468   -17.667 1.786   1.00 10.37  ? 59  SER A N   1 
ATOM   479 C CA  . SER A 1 59  ? 4.047   -17.209 1.629   1.00 14.11  ? 59  SER A CA  1 
ATOM   480 C C   . SER A 1 59  ? 3.173   -18.366 1.129   1.00 10.01  ? 59  SER A C   1 
ATOM   481 O O   . SER A 1 59  ? 2.028   -18.494 1.549   1.00 11.96  ? 59  SER A O   1 
ATOM   482 C CB  . SER A 1 59  ? 3.887   -16.048 0.642   1.00 12.86  ? 59  SER A CB  1 
ATOM   483 O OG  . SER A 1 59  ? 5.036   -15.256 0.634   1.00 18.48  ? 59  SER A OG  1 
ATOM   484 N N   . ARG A 1 60  ? 3.702   -19.161 0.183   1.00 11.44  ? 60  ARG A N   1 
ATOM   485 C CA  . ARG A 1 60  ? 2.925   -20.330 -0.333  1.00 16.63  ? 60  ARG A CA  1 
ATOM   486 C C   . ARG A 1 60  ? 2.618   -21.341 0.758   1.00 13.68  ? 60  ARG A C   1 
ATOM   487 O O   . ARG A 1 60  ? 1.480   -21.720 0.984   1.00 13.91  ? 60  ARG A O   1 
ATOM   488 C CB  . ARG A 1 60  ? 3.621   -21.031 -1.461  1.00 14.58  ? 60  ARG A CB  1 
ATOM   489 C CG  . ARG A 1 60  ? 3.782   -20.145 -2.674  1.00 20.89  ? 60  ARG A CG  1 
ATOM   490 C CD  . ARG A 1 60  ? 4.364   -20.878 -3.902  1.00 30.97  ? 60  ARG A CD  1 
ATOM   491 N NE  . ARG A 1 60  ? 5.430   -20.089 -4.503  1.00 87.19  ? 60  ARG A NE  1 
ATOM   492 C CZ  . ARG A 1 60  ? 5.257   -19.041 -5.305  1.00 100.00 ? 60  ARG A CZ  1 
ATOM   493 N NH1 . ARG A 1 60  ? 4.025   -18.681 -5.670  1.00 100.00 ? 60  ARG A NH1 1 
ATOM   494 N NH2 . ARG A 1 60  ? 6.296   -18.342 -5.756  1.00 85.43  ? 60  ARG A NH2 1 
ATOM   495 N N   . VAL A 1 61  ? 3.651   -21.764 1.492   1.00 14.66  ? 61  VAL A N   1 
ATOM   496 C CA  . VAL A 1 61  ? 3.464   -22.709 2.593   1.00 12.76  ? 61  VAL A CA  1 
ATOM   497 C C   . VAL A 1 61  ? 2.532   -22.190 3.697   1.00 7.88   ? 61  VAL A C   1 
ATOM   498 O O   . VAL A 1 61  ? 1.617   -22.893 4.131   1.00 13.23  ? 61  VAL A O   1 
ATOM   499 C CB  . VAL A 1 61  ? 4.812   -23.195 3.140   1.00 18.15  ? 61  VAL A CB  1 
ATOM   500 C CG1 . VAL A 1 61  ? 4.582   -24.205 4.252   1.00 18.04  ? 61  VAL A CG1 1 
ATOM   501 C CG2 . VAL A 1 61  ? 5.642   -23.818 2.043   1.00 14.29  ? 61  VAL A CG2 1 
ATOM   502 N N   . LEU A 1 62  ? 2.744   -20.937 4.178   1.00 11.05  ? 62  LEU A N   1 
ATOM   503 C CA  . LEU A 1 62  ? 1.954   -20.324 5.272   1.00 11.41  ? 62  LEU A CA  1 
ATOM   504 C C   . LEU A 1 62  ? 0.455   -20.091 4.879   1.00 10.44  ? 62  LEU A C   1 
ATOM   505 O O   . LEU A 1 62  ? -0.483  -20.197 5.717   1.00 15.54  ? 62  LEU A O   1 
ATOM   506 C CB  . LEU A 1 62  ? 2.636   -19.077 5.897   1.00 8.20   ? 62  LEU A CB  1 
ATOM   507 C CG  . LEU A 1 62  ? 3.609   -19.426 7.062   1.00 12.33  ? 62  LEU A CG  1 
ATOM   508 C CD1 . LEU A 1 62  ? 2.871   -20.110 8.216   1.00 14.90  ? 62  LEU A CD1 1 
ATOM   509 C CD2 . LEU A 1 62  ? 4.731   -20.374 6.553   1.00 16.09  ? 62  LEU A CD2 1 
ATOM   510 N N   . SER A 1 63  ? 0.259   -19.790 3.573   1.00 13.16  ? 63  SER A N   1 
ATOM   511 C CA  . SER A 1 63  ? -1.118  -19.607 3.068   1.00 14.80  ? 63  SER A CA  1 
ATOM   512 C C   . SER A 1 63  ? -1.899  -20.953 3.155   1.00 14.15  ? 63  SER A C   1 
ATOM   513 O O   . SER A 1 63  ? -3.058  -20.947 3.477   1.00 16.90  ? 63  SER A O   1 
ATOM   514 C CB  . SER A 1 63  ? -1.166  -18.953 1.673   1.00 12.96  ? 63  SER A CB  1 
ATOM   515 O OG  . SER A 1 63  ? -0.664  -19.838 0.674   1.00 14.16  ? 63  SER A OG  1 
ATOM   516 N N   . LEU A 1 64  ? -1.215  -22.089 2.915   1.00 12.55  ? 64  LEU A N   1 
ATOM   517 C CA  . LEU A 1 64  ? -1.823  -23.407 3.094   1.00 15.54  ? 64  LEU A CA  1 
ATOM   518 C C   . LEU A 1 64  ? -2.004  -23.722 4.584   1.00 14.75  ? 64  LEU A C   1 
ATOM   519 O O   . LEU A 1 64  ? -3.077  -24.089 5.029   1.00 15.10  ? 64  LEU A O   1 
ATOM   520 C CB  . LEU A 1 64  ? -0.981  -24.478 2.379   1.00 16.13  ? 64  LEU A CB  1 
ATOM   521 C CG  . LEU A 1 64  ? -1.535  -25.900 2.528   1.00 25.50  ? 64  LEU A CG  1 
ATOM   522 C CD1 . LEU A 1 64  ? -3.022  -25.979 2.156   1.00 21.11  ? 64  LEU A CD1 1 
ATOM   523 C CD2 . LEU A 1 64  ? -0.717  -26.774 1.602   1.00 19.29  ? 64  LEU A CD2 1 
ATOM   524 N N   . TYR A 1 65  ? -0.981  -23.465 5.414   1.00 18.12  ? 65  TYR A N   1 
ATOM   525 C CA  . TYR A 1 65  ? -1.041  -23.695 6.874   1.00 12.79  ? 65  TYR A CA  1 
ATOM   526 C C   . TYR A 1 65  ? -2.171  -22.916 7.517   1.00 18.68  ? 65  TYR A C   1 
ATOM   527 O O   . TYR A 1 65  ? -2.919  -23.440 8.347   1.00 16.31  ? 65  TYR A O   1 
ATOM   528 C CB  . TYR A 1 65  ? 0.311   -23.253 7.506   1.00 12.18  ? 65  TYR A CB  1 
ATOM   529 C CG  . TYR A 1 65  ? 0.380   -23.563 8.965   1.00 14.65  ? 65  TYR A CG  1 
ATOM   530 C CD1 . TYR A 1 65  ? -0.088  -22.654 9.918   1.00 21.62  ? 65  TYR A CD1 1 
ATOM   531 C CD2 . TYR A 1 65  ? 0.916   -24.790 9.366   1.00 21.27  ? 65  TYR A CD2 1 
ATOM   532 C CE1 . TYR A 1 65  ? -0.045  -22.953 11.278  1.00 20.10  ? 65  TYR A CE1 1 
ATOM   533 C CE2 . TYR A 1 65  ? 0.978   -25.100 10.725  1.00 28.21  ? 65  TYR A CE2 1 
ATOM   534 C CZ  . TYR A 1 65  ? 0.500   -24.178 11.658  1.00 30.06  ? 65  TYR A CZ  1 
ATOM   535 O OH  . TYR A 1 65  ? 0.561   -24.477 12.969  1.00 25.84  ? 65  TYR A OH  1 
ATOM   536 N N   . ASN A 1 66  ? -2.299  -21.636 7.119   1.00 11.96  ? 66  ASN A N   1 
ATOM   537 C CA  . ASN A 1 66  ? -3.344  -20.820 7.687   1.00 12.97  ? 66  ASN A CA  1 
ATOM   538 C C   . ASN A 1 66  ? -4.782  -21.275 7.287   1.00 16.61  ? 66  ASN A C   1 
ATOM   539 O O   . ASN A 1 66  ? -5.747  -21.003 7.976   1.00 18.00  ? 66  ASN A O   1 
ATOM   540 C CB  . ASN A 1 66  ? -3.096  -19.383 7.241   1.00 17.49  ? 66  ASN A CB  1 
ATOM   541 C CG  . ASN A 1 66  ? -4.184  -18.432 7.715   1.00 15.84  ? 66  ASN A CG  1 
ATOM   542 O OD1 . ASN A 1 66  ? -4.280  -18.139 8.890   1.00 19.83  ? 66  ASN A OD1 1 
ATOM   543 N ND2 . ASN A 1 66  ? -5.001  -17.942 6.771   1.00 16.52  ? 66  ASN A ND2 1 
ATOM   544 N N   . THR A 1 67  ? -4.927  -21.950 6.154   1.00 14.91  ? 67  THR A N   1 
ATOM   545 C CA  . THR A 1 67  ? -6.233  -22.462 5.680   1.00 19.83  ? 67  THR A CA  1 
ATOM   546 C C   . THR A 1 67  ? -6.721  -23.598 6.606   1.00 19.40  ? 67  THR A C   1 
ATOM   547 O O   . THR A 1 67  ? -7.882  -23.673 7.005   1.00 21.23  ? 67  THR A O   1 
ATOM   548 C CB  . THR A 1 67  ? -6.135  -22.964 4.207   1.00 22.73  ? 67  THR A CB  1 
ATOM   549 O OG1 . THR A 1 67  ? -5.733  -21.916 3.348   1.00 18.83  ? 67  THR A OG1 1 
ATOM   550 C CG2 . THR A 1 67  ? -7.457  -23.575 3.741   1.00 20.72  ? 67  THR A CG2 1 
ATOM   551 N N   . ILE A 1 68  ? -5.789  -24.454 6.957   1.00 22.60  ? 68  ILE A N   1 
ATOM   552 C CA  . ILE A 1 68  ? -5.992  -25.561 7.860   1.00 23.09  ? 68  ILE A CA  1 
ATOM   553 C C   . ILE A 1 68  ? -6.047  -25.096 9.304   1.00 31.19  ? 68  ILE A C   1 
ATOM   554 O O   . ILE A 1 68  ? -6.889  -25.530 10.052  1.00 29.74  ? 68  ILE A O   1 
ATOM   555 C CB  . ILE A 1 68  ? -4.891  -26.583 7.661   1.00 18.35  ? 68  ILE A CB  1 
ATOM   556 C CG1 . ILE A 1 68  ? -4.904  -27.086 6.223   1.00 18.26  ? 68  ILE A CG1 1 
ATOM   557 C CG2 . ILE A 1 68  ? -5.060  -27.735 8.610   1.00 26.92  ? 68  ILE A CG2 1 
ATOM   558 C CD1 . ILE A 1 68  ? -3.645  -27.860 5.842   1.00 19.76  ? 68  ILE A CD1 1 
ATOM   559 N N   . ASN A 1 69  ? -5.171  -24.191 9.723   1.00 23.27  ? 69  ASN A N   1 
ATOM   560 C CA  . ASN A 1 69  ? -5.151  -23.798 11.109  1.00 16.86  ? 69  ASN A CA  1 
ATOM   561 C C   . ASN A 1 69  ? -5.152  -22.294 11.322  1.00 20.50  ? 69  ASN A C   1 
ATOM   562 O O   . ASN A 1 69  ? -4.150  -21.655 11.651  1.00 29.14  ? 69  ASN A O   1 
ATOM   563 C CB  . ASN A 1 69  ? -3.872  -24.421 11.727  1.00 23.78  ? 69  ASN A CB  1 
ATOM   564 C CG  . ASN A 1 69  ? -3.853  -24.229 13.253  1.00 100.00 ? 69  ASN A CG  1 
ATOM   565 O OD1 . ASN A 1 69  ? -4.729  -23.585 13.839  1.00 38.61  ? 69  ASN A OD1 1 
ATOM   566 N ND2 . ASN A 1 69  ? -2.848  -24.761 13.930  1.00 50.79  ? 69  ASN A ND2 1 
ATOM   567 N N   . PRO A 1 70  ? -6.307  -21.725 11.153  1.00 32.32  ? 70  PRO A N   1 
ATOM   568 C CA  . PRO A 1 70  ? -6.526  -20.304 11.261  1.00 39.02  ? 70  PRO A CA  1 
ATOM   569 C C   . PRO A 1 70  ? -6.248  -19.718 12.627  1.00 40.47  ? 70  PRO A C   1 
ATOM   570 O O   . PRO A 1 70  ? -5.895  -18.544 12.727  1.00 36.35  ? 70  PRO A O   1 
ATOM   571 C CB  . PRO A 1 70  ? -7.974  -20.058 10.852  1.00 29.93  ? 70  PRO A CB  1 
ATOM   572 C CG  . PRO A 1 70  ? -8.553  -21.416 10.472  1.00 35.90  ? 70  PRO A CG  1 
ATOM   573 C CD  . PRO A 1 70  ? -7.503  -22.473 10.746  1.00 34.54  ? 70  PRO A CD  1 
ATOM   574 N N   . GLU A 1 71  ? -6.374  -20.538 13.675  1.00 36.36  ? 71  GLU A N   1 
ATOM   575 C CA  . GLU A 1 71  ? -6.097  -20.034 15.014  1.00 45.68  ? 71  GLU A CA  1 
ATOM   576 C C   . GLU A 1 71  ? -4.646  -19.670 15.225  1.00 39.36  ? 71  GLU A C   1 
ATOM   577 O O   . GLU A 1 71  ? -4.329  -18.912 16.138  1.00 43.15  ? 71  GLU A O   1 
ATOM   578 C CB  . GLU A 1 71  ? -6.478  -21.012 16.137  1.00 76.42  ? 71  GLU A CB  1 
ATOM   579 C CG  . GLU A 1 71  ? -6.556  -22.466 15.678  1.00 70.72  ? 71  GLU A CG  1 
ATOM   580 C CD  . GLU A 1 71  ? -7.893  -22.740 15.078  1.00 100.00 ? 71  GLU A CD  1 
ATOM   581 O OE1 . GLU A 1 71  ? -8.940  -22.633 15.710  1.00 75.14  ? 71  GLU A OE1 1 
ATOM   582 O OE2 . GLU A 1 71  ? -7.796  -23.052 13.804  1.00 46.87  ? 71  GLU A OE2 1 
ATOM   583 N N   . ALA A 1 72  ? -3.756  -20.253 14.441  1.00 29.08  ? 72  ALA A N   1 
ATOM   584 C CA  . ALA A 1 72  ? -2.357  -19.966 14.613  1.00 22.46  ? 72  ALA A CA  1 
ATOM   585 C C   . ALA A 1 72  ? -2.034  -18.472 14.377  1.00 34.20  ? 72  ALA A C   1 
ATOM   586 O O   . ALA A 1 72  ? -1.034  -17.949 14.872  1.00 25.90  ? 72  ALA A O   1 
ATOM   587 C CB  . ALA A 1 72  ? -1.501  -20.911 13.775  1.00 25.77  ? 72  ALA A CB  1 
ATOM   588 N N   . SER A 1 73  ? -2.921  -17.775 13.633  1.00 23.06  ? 73  SER A N   1 
ATOM   589 C CA  . SER A 1 73  ? -2.738  -16.371 13.246  1.00 22.93  ? 73  SER A CA  1 
ATOM   590 C C   . SER A 1 73  ? -1.435  -16.140 12.441  1.00 23.49  ? 73  SER A C   1 
ATOM   591 O O   . SER A 1 73  ? -0.779  -15.105 12.534  1.00 29.05  ? 73  SER A O   1 
ATOM   592 C CB  . SER A 1 73  ? -2.855  -15.417 14.438  1.00 46.29  ? 73  SER A CB  1 
ATOM   593 O OG  . SER A 1 73  ? -4.208  -15.394 14.903  1.00 76.94  ? 73  SER A OG  1 
ATOM   594 N N   . ALA A 1 74  ? -1.050  -17.137 11.636  1.00 17.83  ? 74  ALA A N   1 
ATOM   595 C CA  . ALA A 1 74  ? 0.176   -17.157 10.839  1.00 16.16  ? 74  ALA A CA  1 
ATOM   596 C C   . ALA A 1 74  ? -0.049  -16.861 9.328   1.00 17.56  ? 74  ALA A C   1 
ATOM   597 O O   . ALA A 1 74  ? 0.812   -17.218 8.479   1.00 19.96  ? 74  ALA A O   1 
ATOM   598 C CB  . ALA A 1 74  ? 0.885   -18.500 11.011  1.00 15.02  ? 74  ALA A CB  1 
ATOM   599 N N   . SER A 1 75  ? -1.181  -16.210 8.992   1.00 12.86  ? 75  SER A N   1 
ATOM   600 C CA  . SER A 1 75  ? -1.435  -15.920 7.584   1.00 14.83  ? 75  SER A CA  1 
ATOM   601 C C   . SER A 1 75  ? -0.391  -15.001 6.947   1.00 13.84  ? 75  SER A C   1 
ATOM   602 O O   . SER A 1 75  ? 0.140   -14.082 7.629   1.00 13.19  ? 75  SER A O   1 
ATOM   603 C CB  . SER A 1 75  ? -2.753  -15.176 7.508   1.00 12.82  ? 75  SER A CB  1 
ATOM   604 O OG  . SER A 1 75  ? -3.006  -14.883 6.163   1.00 20.75  ? 75  SER A OG  1 
ATOM   605 N N   . PRO A 1 76  ? -0.136  -15.161 5.636   1.00 16.88  ? 76  PRO A N   1 
ATOM   606 C CA  . PRO A 1 76  ? 0.682   -14.160 4.950   1.00 12.37  ? 76  PRO A CA  1 
ATOM   607 C C   . PRO A 1 76  ? -0.109  -12.812 4.935   1.00 11.88  ? 76  PRO A C   1 
ATOM   608 O O   . PRO A 1 76  ? -1.341  -12.763 5.101   1.00 13.52  ? 76  PRO A O   1 
ATOM   609 C CB  . PRO A 1 76  ? 0.845   -14.691 3.535   1.00 14.76  ? 76  PRO A CB  1 
ATOM   610 C CG  . PRO A 1 76  ? 0.510   -16.169 3.598   1.00 10.88  ? 76  PRO A CG  1 
ATOM   611 C CD  . PRO A 1 76  ? -0.387  -16.351 4.766   1.00 10.95  ? 76  PRO A CD  1 
ATOM   612 N N   . CYS A 1 77  ? 0.579   -11.697 4.754   1.00 12.59  ? 77  CYS A N   1 
ATOM   613 C CA  . CYS A 1 77  ? -0.108  -10.430 4.784   1.00 10.83  ? 77  CYS A CA  1 
ATOM   614 C C   . CYS A 1 77  ? -0.102  -9.718  3.426   1.00 7.11   ? 77  CYS A C   1 
ATOM   615 O O   . CYS A 1 77  ? 0.864   -9.796  2.664   1.00 10.61  ? 77  CYS A O   1 
ATOM   616 C CB  . CYS A 1 77  ? 0.541   -9.508  5.830   1.00 15.29  ? 77  CYS A CB  1 
ATOM   617 S SG  . CYS A 1 77  ? -0.697  -8.319  6.446   1.00 21.98  ? 77  CYS A SG  1 
ATOM   618 N N   . CYS A 1 78  ? -1.211  -9.027  3.178   1.00 11.58  ? 78  CYS A N   1 
ATOM   619 C CA  . CYS A 1 78  ? -1.425  -8.216  1.965   1.00 9.87   ? 78  CYS A CA  1 
ATOM   620 C C   . CYS A 1 78  ? -0.600  -6.923  2.095   1.00 7.90   ? 78  CYS A C   1 
ATOM   621 O O   . CYS A 1 78  ? -0.933  -6.058  2.924   1.00 11.22  ? 78  CYS A O   1 
ATOM   622 C CB  . CYS A 1 78  ? -2.939  -7.866  1.845   1.00 8.68   ? 78  CYS A CB  1 
ATOM   623 S SG  . CYS A 1 78  ? -3.277  -7.161  0.220   1.00 10.35  ? 78  CYS A SG  1 
ATOM   624 N N   . VAL A 1 79  ? 0.458   -6.817  1.276   1.00 7.89   ? 79  VAL A N   1 
ATOM   625 C CA  . VAL A 1 79  ? 1.393   -5.714  1.355   1.00 12.34  ? 79  VAL A CA  1 
ATOM   626 C C   . VAL A 1 79  ? 1.734   -5.164  -0.012  1.00 14.30  ? 79  VAL A C   1 
ATOM   627 O O   . VAL A 1 79  ? 1.454   -5.789  -1.001  1.00 10.72  ? 79  VAL A O   1 
ATOM   628 C CB  . VAL A 1 79  ? 2.710   -6.079  2.105   1.00 14.28  ? 79  VAL A CB  1 
ATOM   629 C CG1 . VAL A 1 79  ? 2.498   -6.176  3.609   1.00 19.67  ? 79  VAL A CG1 1 
ATOM   630 C CG2 . VAL A 1 79  ? 3.418   -7.288  1.496   1.00 12.40  ? 79  VAL A CG2 1 
ATOM   631 N N   . SER A 1 80  ? 2.335   -3.975  -0.039  1.00 10.66  ? 80  SER A N   1 
ATOM   632 C CA  . SER A 1 80  ? 2.770   -3.314  -1.254  1.00 13.85  ? 80  SER A CA  1 
ATOM   633 C C   . SER A 1 80  ? 3.698   -4.182  -2.097  1.00 22.22  ? 80  SER A C   1 
ATOM   634 O O   . SER A 1 80  ? 4.627   -4.859  -1.604  1.00 14.95  ? 80  SER A O   1 
ATOM   635 C CB  . SER A 1 80  ? 3.586   -2.034  -0.919  1.00 13.49  ? 80  SER A CB  1 
ATOM   636 O OG  . SER A 1 80  ? 2.839   -1.219  -0.063  1.00 17.59  ? 80  SER A OG  1 
ATOM   637 N N   . GLN A 1 81  ? 3.497   -4.071  -3.408  1.00 11.91  ? 81  GLN A N   1 
ATOM   638 C CA  . GLN A 1 81  ? 4.367   -4.719  -4.328  1.00 12.19  ? 81  GLN A CA  1 
ATOM   639 C C   . GLN A 1 81  ? 5.095   -3.644  -5.131  1.00 17.21  ? 81  GLN A C   1 
ATOM   640 O O   . GLN A 1 81  ? 6.246   -3.416  -4.923  1.00 23.62  ? 81  GLN A O   1 
ATOM   641 C CB  . GLN A 1 81  ? 3.631   -5.718  -5.211  1.00 13.96  ? 81  GLN A CB  1 
ATOM   642 C CG  . GLN A 1 81  ? 4.608   -6.233  -6.251  1.00 16.27  ? 81  GLN A CG  1 
ATOM   643 C CD  . GLN A 1 81  ? 3.895   -7.213  -7.111  1.00 76.01  ? 81  GLN A CD  1 
ATOM   644 O OE1 . GLN A 1 81  ? 4.037   -8.419  -6.884  1.00 46.60  ? 81  GLN A OE1 1 
ATOM   645 N NE2 . GLN A 1 81  ? 3.054   -6.693  -8.007  1.00 41.24  ? 81  GLN A NE2 1 
ATOM   646 N N   . ASP A 1 82  ? 4.409   -2.939  -6.021  1.00 14.78  ? 82  ASP A N   1 
ATOM   647 C CA  . ASP A 1 82  ? 5.039   -1.872  -6.781  1.00 18.40  ? 82  ASP A CA  1 
ATOM   648 C C   . ASP A 1 82  ? 4.675   -0.519  -6.177  1.00 14.43  ? 82  ASP A C   1 
ATOM   649 O O   . ASP A 1 82  ? 3.535   -0.269  -5.835  1.00 14.27  ? 82  ASP A O   1 
ATOM   650 C CB  . ASP A 1 82  ? 4.576   -1.875  -8.262  1.00 19.94  ? 82  ASP A CB  1 
ATOM   651 C CG  . ASP A 1 82  ? 4.890   -3.174  -8.966  1.00 31.24  ? 82  ASP A CG  1 
ATOM   652 O OD1 . ASP A 1 82  ? 5.918   -3.793  -8.774  1.00 37.67  ? 82  ASP A OD1 1 
ATOM   653 O OD2 . ASP A 1 82  ? 3.917   -3.583  -9.745  1.00 66.22  ? 82  ASP A OD2 1 
ATOM   654 N N   . LEU A 1 83  ? 5.669   0.343   -6.085  1.00 14.79  ? 83  LEU A N   1 
ATOM   655 C CA  . LEU A 1 83  ? 5.480   1.654   -5.527  1.00 14.64  ? 83  LEU A CA  1 
ATOM   656 C C   . LEU A 1 83  ? 6.117   2.709   -6.438  1.00 20.08  ? 83  LEU A C   1 
ATOM   657 O O   . LEU A 1 83  ? 7.022   2.423   -7.228  1.00 18.43  ? 83  LEU A O   1 
ATOM   658 C CB  . LEU A 1 83  ? 6.109   1.745   -4.141  1.00 16.85  ? 83  LEU A CB  1 
ATOM   659 C CG  . LEU A 1 83  ? 5.489   0.853   -3.058  1.00 15.06  ? 83  LEU A CG  1 
ATOM   660 C CD1 . LEU A 1 83  ? 6.536   -0.157  -2.648  1.00 18.08  ? 83  LEU A CD1 1 
ATOM   661 C CD2 . LEU A 1 83  ? 5.136   1.704   -1.862  1.00 19.35  ? 83  LEU A CD2 1 
ATOM   662 N N   . GLU A 1 84  ? 5.642   3.952   -6.282  1.00 18.58  ? 84  GLU A N   1 
ATOM   663 C CA  . GLU A 1 84  ? 6.136   5.096   -7.017  1.00 18.35  ? 84  GLU A CA  1 
ATOM   664 C C   . GLU A 1 84  ? 6.574   6.223   -6.080  1.00 12.62  ? 84  GLU A C   1 
ATOM   665 O O   . GLU A 1 84  ? 6.131   6.301   -4.923  1.00 13.85  ? 84  GLU A O   1 
ATOM   666 C CB  . GLU A 1 84  ? 5.070   5.598   -7.986  1.00 13.99  ? 84  GLU A CB  1 
ATOM   667 C CG  . GLU A 1 84  ? 5.213   4.841   -9.305  1.00 37.49  ? 84  GLU A CG  1 
ATOM   668 C CD  . GLU A 1 84  ? 4.006   5.071   -10.121 1.00 56.62  ? 84  GLU A CD  1 
ATOM   669 O OE1 . GLU A 1 84  ? 3.239   6.006   -9.906  1.00 45.81  ? 84  GLU A OE1 1 
ATOM   670 O OE2 . GLU A 1 84  ? 3.842   4.140   -11.019 1.00 100.00 ? 84  GLU A OE2 1 
ATOM   671 N N   . PRO A 1 85  ? 7.462   7.114   -6.577  1.00 15.85  ? 85  PRO A N   1 
ATOM   672 C CA  . PRO A 1 85  ? 7.952   8.178   -5.722  1.00 17.23  ? 85  PRO A CA  1 
ATOM   673 C C   . PRO A 1 85  ? 7.035   9.359   -5.775  1.00 18.69  ? 85  PRO A C   1 
ATOM   674 O O   . PRO A 1 85  ? 6.090   9.407   -6.556  1.00 16.05  ? 85  PRO A O   1 
ATOM   675 C CB  . PRO A 1 85  ? 9.336   8.548   -6.287  1.00 19.49  ? 85  PRO A CB  1 
ATOM   676 C CG  . PRO A 1 85  ? 9.337   8.078   -7.727  1.00 21.03  ? 85  PRO A CG  1 
ATOM   677 C CD  . PRO A 1 85  ? 8.252   7.022   -7.849  1.00 16.57  ? 85  PRO A CD  1 
ATOM   678 N N   . LEU A 1 86  ? 7.320   10.346  -4.953  1.00 16.08  ? 86  LEU A N   1 
ATOM   679 C CA  . LEU A 1 86  ? 6.554   11.578  -4.950  1.00 14.62  ? 86  LEU A CA  1 
ATOM   680 C C   . LEU A 1 86  ? 7.532   12.719  -4.661  1.00 20.31  ? 86  LEU A C   1 
ATOM   681 O O   . LEU A 1 86  ? 8.322   12.643  -3.740  1.00 17.96  ? 86  LEU A O   1 
ATOM   682 C CB  . LEU A 1 86  ? 5.374   11.570  -3.920  1.00 15.45  ? 86  LEU A CB  1 
ATOM   683 C CG  . LEU A 1 86  ? 4.623   12.894  -3.816  1.00 14.10  ? 86  LEU A CG  1 
ATOM   684 C CD1 . LEU A 1 86  ? 3.538   12.945  -4.885  1.00 18.00  ? 86  LEU A CD1 1 
ATOM   685 C CD2 . LEU A 1 86  ? 3.974   13.025  -2.461  1.00 13.51  ? 86  LEU A CD2 1 
ATOM   686 N N   . THR A 1 87  ? 7.466   13.784  -5.454  1.00 18.03  ? 87  THR A N   1 
ATOM   687 C CA  . THR A 1 87  ? 8.307   14.970  -5.265  1.00 17.15  ? 87  THR A CA  1 
ATOM   688 C C   . THR A 1 87  ? 7.555   16.006  -4.506  1.00 14.31  ? 87  THR A C   1 
ATOM   689 O O   . THR A 1 87  ? 6.403   16.355  -4.817  1.00 15.70  ? 87  THR A O   1 
ATOM   690 C CB  . THR A 1 87  ? 8.787   15.580  -6.586  1.00 19.72  ? 87  THR A CB  1 
ATOM   691 O OG1 . THR A 1 87  ? 9.571   14.640  -7.240  1.00 18.75  ? 87  THR A OG1 1 
ATOM   692 C CG2 . THR A 1 87  ? 9.636   16.810  -6.302  1.00 21.14  ? 87  THR A CG2 1 
ATOM   693 N N   . ILE A 1 88  ? 8.168   16.484  -3.438  1.00 17.12  ? 88  ILE A N   1 
ATOM   694 C CA  . ILE A 1 88  ? 7.535   17.514  -2.632  1.00 15.84  ? 88  ILE A CA  1 
ATOM   695 C C   . ILE A 1 88  ? 8.421   18.793  -2.573  1.00 13.59  ? 88  ILE A C   1 
ATOM   696 O O   . ILE A 1 88  ? 9.652   18.756  -2.802  1.00 21.16  ? 88  ILE A O   1 
ATOM   697 C CB  . ILE A 1 88  ? 7.252   17.087  -1.169  1.00 22.19  ? 88  ILE A CB  1 
ATOM   698 C CG1 . ILE A 1 88  ? 8.561   16.700  -0.433  1.00 20.05  ? 88  ILE A CG1 1 
ATOM   699 C CG2 . ILE A 1 88  ? 6.210   15.968  -1.100  1.00 18.13  ? 88  ILE A CG2 1 
ATOM   700 C CD1 . ILE A 1 88  ? 8.353   16.573  1.084   1.00 21.40  ? 88  ILE A CD1 1 
ATOM   701 N N   . LEU A 1 89  ? 7.738   19.891  -2.271  1.00 20.87  ? 89  LEU A N   1 
ATOM   702 C CA  . LEU A 1 89  ? 8.317   21.215  -2.125  1.00 23.79  ? 89  LEU A CA  1 
ATOM   703 C C   . LEU A 1 89  ? 7.910   21.703  -0.765  1.00 18.50  ? 89  LEU A C   1 
ATOM   704 O O   . LEU A 1 89  ? 6.700   21.805  -0.442  1.00 24.66  ? 89  LEU A O   1 
ATOM   705 C CB  . LEU A 1 89  ? 7.790   22.255  -3.156  1.00 22.11  ? 89  LEU A CB  1 
ATOM   706 C CG  . LEU A 1 89  ? 8.336   23.680  -2.989  1.00 26.65  ? 89  LEU A CG  1 
ATOM   707 C CD1 . LEU A 1 89  ? 9.830   23.656  -3.241  1.00 24.50  ? 89  LEU A CD1 1 
ATOM   708 C CD2 . LEU A 1 89  ? 7.740   24.551  -4.075  1.00 25.89  ? 89  LEU A CD2 1 
ATOM   709 N N   . TYR A 1 90  ? 8.927   22.031  0.046   1.00 25.87  ? 90  TYR A N   1 
ATOM   710 C CA  . TYR A 1 90  ? 8.608   22.642  1.321   1.00 43.34  ? 90  TYR A CA  1 
ATOM   711 C C   . TYR A 1 90  ? 9.621   23.749  1.625   1.00 28.72  ? 90  TYR A C   1 
ATOM   712 O O   . TYR A 1 90  ? 10.741  23.825  1.047   1.00 31.80  ? 90  TYR A O   1 
ATOM   713 C CB  . TYR A 1 90  ? 8.468   21.660  2.485   1.00 31.09  ? 90  TYR A CB  1 
ATOM   714 C CG  . TYR A 1 90  ? 9.764   20.960  2.654   1.00 37.02  ? 90  TYR A CG  1 
ATOM   715 C CD1 . TYR A 1 90  ? 10.068  19.875  1.841   1.00 29.23  ? 90  TYR A CD1 1 
ATOM   716 C CD2 . TYR A 1 90  ? 10.694  21.371  3.605   1.00 48.13  ? 90  TYR A CD2 1 
ATOM   717 C CE1 . TYR A 1 90  ? 11.262  19.178  1.974   1.00 33.60  ? 90  TYR A CE1 1 
ATOM   718 C CE2 . TYR A 1 90  ? 11.895  20.678  3.765   1.00 35.46  ? 90  TYR A CE2 1 
ATOM   719 C CZ  . TYR A 1 90  ? 12.173  19.586  2.947   1.00 49.83  ? 90  TYR A CZ  1 
ATOM   720 O OH  . TYR A 1 90  ? 13.361  18.933  3.051   1.00 45.82  ? 90  TYR A OH  1 
ATOM   721 N N   . TYR A 1 91  ? 9.208   24.642  2.514   1.00 72.82  ? 91  TYR A N   1 
ATOM   722 C CA  . TYR A 1 91  ? 10.170  25.660  2.841   1.00 100.00 ? 91  TYR A CA  1 
ATOM   723 C C   . TYR A 1 91  ? 10.869  25.484  4.121   1.00 100.00 ? 91  TYR A C   1 
ATOM   724 O O   . TYR A 1 91  ? 10.344  25.036  5.149   1.00 85.94  ? 91  TYR A O   1 
ATOM   725 C CB  . TYR A 1 91  ? 9.749   27.115  2.817   1.00 100.00 ? 91  TYR A CB  1 
ATOM   726 C CG  . TYR A 1 91  ? 9.559   27.514  1.416   1.00 94.15  ? 91  TYR A CG  1 
ATOM   727 C CD1 . TYR A 1 91  ? 10.606  27.955  0.610   1.00 46.01  ? 91  TYR A CD1 1 
ATOM   728 C CD2 . TYR A 1 91  ? 8.297   27.308  0.870   1.00 69.42  ? 91  TYR A CD2 1 
ATOM   729 C CE1 . TYR A 1 91  ? 10.349  28.273  -0.723  1.00 68.23  ? 91  TYR A CE1 1 
ATOM   730 C CE2 . TYR A 1 91  ? 8.038   27.596  -0.464  1.00 45.94  ? 91  TYR A CE2 1 
ATOM   731 C CZ  . TYR A 1 91  ? 9.067   28.100  -1.254  1.00 100.00 ? 91  TYR A CZ  1 
ATOM   732 O OH  . TYR A 1 91  ? 8.845   28.377  -2.586  1.00 60.66  ? 91  TYR A OH  1 
ATOM   733 N N   . ILE A 1 92  ? 12.071  25.947  4.021   1.00 61.11  ? 92  ILE A N   1 
ATOM   734 C CA  . ILE A 1 92  ? 12.902  26.027  5.174   1.00 100.00 ? 92  ILE A CA  1 
ATOM   735 C C   . ILE A 1 92  ? 13.298  27.512  5.263   1.00 100.00 ? 92  ILE A C   1 
ATOM   736 O O   . ILE A 1 92  ? 14.229  28.026  4.570   1.00 49.94  ? 92  ILE A O   1 
ATOM   737 C CB  . ILE A 1 92  ? 13.976  24.958  5.199   1.00 68.59  ? 92  ILE A CB  1 
ATOM   738 C CG1 . ILE A 1 92  ? 14.554  24.820  6.579   1.00 100.00 ? 92  ILE A CG1 1 
ATOM   739 C CG2 . ILE A 1 92  ? 15.052  25.201  4.163   1.00 75.96  ? 92  ILE A CG2 1 
ATOM   740 C CD1 . ILE A 1 92  ? 14.256  23.438  7.126   1.00 100.00 ? 92  ILE A CD1 1 
ATOM   741 N N   . GLY A 1 93  ? 12.418  28.208  6.034   1.00 66.02  ? 93  GLY A N   1 
ATOM   742 C CA  . GLY A 1 93  ? 12.446  29.644  6.175   1.00 100.00 ? 93  GLY A CA  1 
ATOM   743 C C   . GLY A 1 93  ? 11.957  30.234  4.849   1.00 100.00 ? 93  GLY A C   1 
ATOM   744 O O   . GLY A 1 93  ? 10.756  30.398  4.598   1.00 100.00 ? 93  GLY A O   1 
ATOM   745 N N   . LYS A 1 94  ? 12.915  30.525  3.978   1.00 100.00 ? 94  LYS A N   1 
ATOM   746 C CA  . LYS A 1 94  ? 12.611  31.030  2.652   1.00 100.00 ? 94  LYS A CA  1 
ATOM   747 C C   . LYS A 1 94  ? 13.464  30.347  1.649   1.00 100.00 ? 94  LYS A C   1 
ATOM   748 O O   . LYS A 1 94  ? 13.602  30.732  0.475   1.00 65.14  ? 94  LYS A O   1 
ATOM   749 C CB  . LYS A 1 94  ? 12.480  32.529  2.461   1.00 100.00 ? 94  LYS A CB  1 
ATOM   750 C CG  . LYS A 1 94  ? 13.616  33.356  3.057   1.00 100.00 ? 94  LYS A CG  1 
ATOM   751 C CD  . LYS A 1 94  ? 13.742  34.708  2.358   1.00 100.00 ? 94  LYS A CD  1 
ATOM   752 C CE  . LYS A 1 94  ? 12.512  35.052  1.507   1.00 100.00 ? 94  LYS A CE  1 
ATOM   753 N NZ  . LYS A 1 94  ? 12.552  36.383  0.856   1.00 100.00 ? 94  LYS A NZ  1 
ATOM   754 N N   . THR A 1 95  ? 14.027  29.282  2.183   1.00 57.68  ? 95  THR A N   1 
ATOM   755 C CA  . THR A 1 95  ? 14.798  28.351  1.378   1.00 100.00 ? 95  THR A CA  1 
ATOM   756 C C   . THR A 1 95  ? 13.901  27.198  0.985   1.00 100.00 ? 95  THR A C   1 
ATOM   757 O O   . THR A 1 95  ? 13.535  26.295  1.765   1.00 61.23  ? 95  THR A O   1 
ATOM   758 C CB  . THR A 1 95  ? 16.045  27.858  2.064   1.00 100.00 ? 95  THR A CB  1 
ATOM   759 O OG1 . THR A 1 95  ? 16.795  28.988  2.447   1.00 100.00 ? 95  THR A OG1 1 
ATOM   760 C CG2 . THR A 1 95  ? 16.829  26.931  1.140   1.00 100.00 ? 95  THR A CG2 1 
ATOM   761 N N   . PRO A 1 96  ? 13.514  27.283  -0.264  1.00 49.96  ? 96  PRO A N   1 
ATOM   762 C CA  . PRO A 1 96  ? 12.662  26.298  -0.845  1.00 100.00 ? 96  PRO A CA  1 
ATOM   763 C C   . PRO A 1 96  ? 13.418  24.989  -0.890  1.00 73.65  ? 96  PRO A C   1 
ATOM   764 O O   . PRO A 1 96  ? 14.511  24.992  -1.496  1.00 95.59  ? 96  PRO A O   1 
ATOM   765 C CB  . PRO A 1 96  ? 12.434  26.727  -2.309  1.00 49.51  ? 96  PRO A CB  1 
ATOM   766 C CG  . PRO A 1 96  ? 13.451  27.815  -2.619  1.00 87.25  ? 96  PRO A CG  1 
ATOM   767 C CD  . PRO A 1 96  ? 14.024  28.235  -1.286  1.00 88.20  ? 96  PRO A CD  1 
ATOM   768 N N   . LYS A 1 97  ? 12.820  23.948  -0.347  1.00 44.82  ? 97  LYS A N   1 
ATOM   769 C CA  . LYS A 1 97  ? 13.462  22.628  -0.420  1.00 58.72  ? 97  LYS A CA  1 
ATOM   770 C C   . LYS A 1 97  ? 12.575  21.746  -1.271  1.00 34.84  ? 97  LYS A C   1 
ATOM   771 O O   . LYS A 1 97  ? 11.379  21.808  -1.162  1.00 27.26  ? 97  LYS A O   1 
ATOM   772 C CB  . LYS A 1 97  ? 13.726  22.130  0.999   1.00 31.18  ? 97  LYS A CB  1 
ATOM   773 C CG  . LYS A 1 97  ? 15.216  21.943  1.239   1.00 96.53  ? 97  LYS A CG  1 
ATOM   774 C CD  . LYS A 1 97  ? 15.608  20.462  1.247   1.00 100.00 ? 97  LYS A CD  1 
ATOM   775 C CE  . LYS A 1 97  ? 16.296  19.909  -0.009  1.00 100.00 ? 97  LYS A CE  1 
ATOM   776 N NZ  . LYS A 1 97  ? 15.815  18.558  -0.377  1.00 100.00 ? 97  LYS A NZ  1 
ATOM   777 N N   . ILE A 1 98  ? 13.185  21.043  -2.181  1.00 28.87  ? 98  ILE A N   1 
ATOM   778 C CA  . ILE A 1 98  ? 12.604  20.079  -3.128  1.00 41.88  ? 98  ILE A CA  1 
ATOM   779 C C   . ILE A 1 98  ? 13.173  18.708  -2.818  1.00 43.43  ? 98  ILE A C   1 
ATOM   780 O O   . ILE A 1 98  ? 14.395  18.500  -2.838  1.00 33.96  ? 98  ILE A O   1 
ATOM   781 C CB  . ILE A 1 98  ? 12.881  20.453  -4.587  1.00 41.76  ? 98  ILE A CB  1 
ATOM   782 C CG1 . ILE A 1 98  ? 11.795  21.416  -5.002  1.00 57.51  ? 98  ILE A CG1 1 
ATOM   783 C CG2 . ILE A 1 98  ? 12.778  19.237  -5.530  1.00 40.80  ? 98  ILE A CG2 1 
ATOM   784 C CD1 . ILE A 1 98  ? 10.770  20.561  -5.697  1.00 38.14  ? 98  ILE A CD1 1 
ATOM   785 N N   . GLU A 1 99  ? 12.288  17.766  -2.528  1.00 26.48  ? 99  GLU A N   1 
ATOM   786 C CA  . GLU A 1 99  ? 12.736  16.403  -2.337  1.00 26.10  ? 99  GLU A CA  1 
ATOM   787 C C   . GLU A 1 99  ? 11.883  15.329  -2.977  1.00 20.35  ? 99  GLU A C   1 
ATOM   788 O O   . GLU A 1 99  ? 10.654  15.376  -2.968  1.00 26.21  ? 99  GLU A O   1 
ATOM   789 C CB  . GLU A 1 99  ? 13.349  15.999  -1.002  1.00 36.14  ? 99  GLU A CB  1 
ATOM   790 C CG  . GLU A 1 99  ? 12.540  16.335  0.238   1.00 88.10  ? 99  GLU A CG  1 
ATOM   791 C CD  . GLU A 1 99  ? 13.207  15.721  1.429   1.00 100.00 ? 99  GLU A CD  1 
ATOM   792 O OE1 . GLU A 1 99  ? 13.991  14.707  1.106   1.00 66.28  ? 99  GLU A OE1 1 
ATOM   793 O OE2 . GLU A 1 99  ? 13.033  16.118  2.566   1.00 100.00 ? 99  GLU A OE2 1 
ATOM   794 N N   . GLN A 1 100 ? 12.576  14.395  -3.597  1.00 22.96  ? 100 GLN A N   1 
ATOM   795 C CA  . GLN A 1 100 ? 11.914  13.273  -4.204  1.00 29.28  ? 100 GLN A CA  1 
ATOM   796 C C   . GLN A 1 100 ? 11.903  12.096  -3.242  1.00 27.26  ? 100 GLN A C   1 
ATOM   797 O O   . GLN A 1 100 ? 12.934  11.496  -2.994  1.00 36.18  ? 100 GLN A O   1 
ATOM   798 C CB  . GLN A 1 100 ? 12.518  12.859  -5.536  1.00 25.70  ? 100 GLN A CB  1 
ATOM   799 C CG  . GLN A 1 100 ? 11.610  11.808  -6.222  1.00 29.28  ? 100 GLN A CG  1 
ATOM   800 C CD  . GLN A 1 100 ? 12.219  11.058  -7.396  1.00 54.15  ? 100 GLN A CD  1 
ATOM   801 O OE1 . GLN A 1 100 ? 12.907  10.033  -7.202  1.00 100.00 ? 100 GLN A OE1 1 
ATOM   802 N NE2 . GLN A 1 100 ? 11.874  11.507  -8.606  1.00 98.20  ? 100 GLN A NE2 1 
ATOM   803 N N   . LEU A 1 101 ? 10.758  11.812  -2.669  1.00 19.83  ? 101 LEU A N   1 
ATOM   804 C CA  . LEU A 1 101 ? 10.620  10.712  -1.708  1.00 13.26  ? 101 LEU A CA  1 
ATOM   805 C C   . LEU A 1 101 ? 10.300  9.426   -2.480  1.00 22.80  ? 101 LEU A C   1 
ATOM   806 O O   . LEU A 1 101 ? 9.338   9.360   -3.240  1.00 20.94  ? 101 LEU A O   1 
ATOM   807 C CB  . LEU A 1 101 ? 9.503   11.099  -0.738  1.00 17.05  ? 101 LEU A CB  1 
ATOM   808 C CG  . LEU A 1 101 ? 9.730   12.460  -0.075  1.00 22.27  ? 101 LEU A CG  1 
ATOM   809 C CD1 . LEU A 1 101 ? 8.482   12.841  0.680   1.00 21.35  ? 101 LEU A CD1 1 
ATOM   810 C CD2 . LEU A 1 101 ? 10.845  12.305  0.920   1.00 29.65  ? 101 LEU A CD2 1 
ATOM   811 N N   . SER A 1 102 ? 11.125  8.392   -2.326  1.00 18.98  ? 102 SER A N   1 
ATOM   812 C CA  . SER A 1 102 ? 10.869  7.167   -3.046  1.00 20.15  ? 102 SER A CA  1 
ATOM   813 C C   . SER A 1 102 ? 9.784   6.335   -2.343  1.00 17.56  ? 102 SER A C   1 
ATOM   814 O O   . SER A 1 102 ? 9.552   6.484   -1.149  1.00 17.50  ? 102 SER A O   1 
ATOM   815 C CB  . SER A 1 102 ? 12.136  6.345   -3.039  1.00 30.19  ? 102 SER A CB  1 
ATOM   816 O OG  . SER A 1 102 ? 12.357  6.059   -1.665  1.00 38.99  ? 102 SER A OG  1 
ATOM   817 N N   . ASN A 1 103 ? 9.124   5.465   -3.104  1.00 15.99  ? 103 ASN A N   1 
ATOM   818 C CA  . ASN A 1 103 ? 8.154   4.530   -2.537  1.00 13.43  ? 103 ASN A CA  1 
ATOM   819 C C   . ASN A 1 103 ? 7.116   5.155   -1.685  1.00 17.69  ? 103 ASN A C   1 
ATOM   820 O O   . ASN A 1 103 ? 6.863   4.685   -0.555  1.00 16.47  ? 103 ASN A O   1 
ATOM   821 C CB  . ASN A 1 103 ? 8.853   3.471   -1.672  1.00 14.20  ? 103 ASN A CB  1 
ATOM   822 C CG  . ASN A 1 103 ? 9.914   2.712   -2.434  1.00 24.46  ? 103 ASN A CG  1 
ATOM   823 O OD1 . ASN A 1 103 ? 9.764   2.380   -3.622  1.00 24.33  ? 103 ASN A OD1 1 
ATOM   824 N ND2 . ASN A 1 103 ? 11.014  2.438   -1.759  1.00 28.42  ? 103 ASN A ND2 1 
ATOM   825 N N   . MET A 1 104 ? 6.474   6.162   -2.249  1.00 14.64  ? 104 MET A N   1 
ATOM   826 C CA  . MET A 1 104 ? 5.423   6.855   -1.547  1.00 14.08  ? 104 MET A CA  1 
ATOM   827 C C   . MET A 1 104 ? 4.011   6.382   -1.900  1.00 13.10  ? 104 MET A C   1 
ATOM   828 O O   . MET A 1 104 ? 3.073   6.472   -1.080  1.00 16.18  ? 104 MET A O   1 
ATOM   829 C CB  . MET A 1 104 ? 5.554   8.367   -1.794  1.00 13.14  ? 104 MET A CB  1 
ATOM   830 C CG  . MET A 1 104 ? 6.668   9.015   -0.967  1.00 13.62  ? 104 MET A CG  1 
ATOM   831 S SD  . MET A 1 104 ? 6.089   9.248   0.703   1.00 19.70  ? 104 MET A SD  1 
ATOM   832 C CE  . MET A 1 104 ? 4.958   10.640  0.587   1.00 14.55  ? 104 MET A CE  1 
ATOM   833 N N   . ILE A 1 105 ? 3.823   5.996   -3.163  1.00 14.40  ? 105 ILE A N   1 
ATOM   834 C CA  . ILE A 1 105 ? 2.523   5.604   -3.710  1.00 16.90  ? 105 ILE A CA  1 
ATOM   835 C C   . ILE A 1 105 ? 2.519   4.112   -4.042  1.00 16.74  ? 105 ILE A C   1 
ATOM   836 O O   . ILE A 1 105 ? 3.418   3.646   -4.759  1.00 16.26  ? 105 ILE A O   1 
ATOM   837 C CB  . ILE A 1 105 ? 2.285   6.403   -5.003  1.00 16.87  ? 105 ILE A CB  1 
ATOM   838 C CG1 . ILE A 1 105 ? 2.089   7.880   -4.606  1.00 19.20  ? 105 ILE A CG1 1 
ATOM   839 C CG2 . ILE A 1 105 ? 1.099   5.847   -5.808  1.00 10.03  ? 105 ILE A CG2 1 
ATOM   840 C CD1 . ILE A 1 105 ? 2.363   8.811   -5.762  1.00 16.76  ? 105 ILE A CD1 1 
ATOM   841 N N   . VAL A 1 106 ? 1.517   3.383   -3.532  1.00 13.41  ? 106 VAL A N   1 
ATOM   842 C CA  . VAL A 1 106 ? 1.449   1.940   -3.853  1.00 10.81  ? 106 VAL A CA  1 
ATOM   843 C C   . VAL A 1 106 ? 0.592   1.698   -5.100  1.00 14.29  ? 106 VAL A C   1 
ATOM   844 O O   . VAL A 1 106 ? -0.467  2.275   -5.240  1.00 17.70  ? 106 VAL A O   1 
ATOM   845 C CB  . VAL A 1 106 ? 1.169   1.008   -2.662  1.00 18.47  ? 106 VAL A CB  1 
ATOM   846 C CG1 . VAL A 1 106 ? -0.059  1.424   -1.962  1.00 24.37  ? 106 VAL A CG1 1 
ATOM   847 C CG2 . VAL A 1 106 ? 0.928   -0.448  -3.143  1.00 15.09  ? 106 VAL A CG2 1 
ATOM   848 N N   . LYS A 1 107 ? 1.103   0.944   -6.058  1.00 11.06  ? 107 LYS A N   1 
ATOM   849 C CA  . LYS A 1 107 ? 0.349   0.713   -7.298  1.00 12.96  ? 107 LYS A CA  1 
ATOM   850 C C   . LYS A 1 107 ? -0.185  -0.727  -7.397  1.00 15.35  ? 107 LYS A C   1 
ATOM   851 O O   . LYS A 1 107 ? -1.061  -1.002  -8.227  1.00 13.46  ? 107 LYS A O   1 
ATOM   852 C CB  . LYS A 1 107 ? 1.265   0.879   -8.505  1.00 15.61  ? 107 LYS A CB  1 
ATOM   853 C CG  . LYS A 1 107 ? 1.909   2.226   -8.659  1.00 37.26  ? 107 LYS A CG  1 
ATOM   854 C CD  . LYS A 1 107 ? 0.862   3.300   -8.829  1.00 42.65  ? 107 LYS A CD  1 
ATOM   855 C CE  . LYS A 1 107 ? 0.720   3.758   -10.262 1.00 82.89  ? 107 LYS A CE  1 
ATOM   856 N NZ  . LYS A 1 107 ? -0.145  4.937   -10.391 1.00 100.00 ? 107 LYS A NZ  1 
ATOM   857 N N   . SER A 1 108 ? 0.420   -1.666  -6.657  1.00 14.95  ? 108 SER A N   1 
ATOM   858 C CA  . SER A 1 108 ? 0.026   -3.078  -6.679  1.00 14.94  ? 108 SER A CA  1 
ATOM   859 C C   . SER A 1 108 ? 0.384   -3.710  -5.361  1.00 12.83  ? 108 SER A C   1 
ATOM   860 O O   . SER A 1 108 ? 1.241   -3.198  -4.600  1.00 11.04  ? 108 SER A O   1 
ATOM   861 C CB  . SER A 1 108 ? 0.634   -3.882  -7.805  1.00 7.72   ? 108 SER A CB  1 
ATOM   862 O OG  . SER A 1 108 ? 2.033   -3.917  -7.599  1.00 14.67  ? 108 SER A OG  1 
ATOM   863 N N   . CYS A 1 109 ? -0.293  -4.835  -5.125  1.00 14.26  ? 109 CYS A N   1 
ATOM   864 C CA  . CYS A 1 109 ? -0.155  -5.586  -3.874  1.00 12.96  ? 109 CYS A CA  1 
ATOM   865 C C   . CYS A 1 109 ? 0.293   -7.038  -4.067  1.00 13.97  ? 109 CYS A C   1 
ATOM   866 O O   . CYS A 1 109 ? 0.219   -7.591  -5.152  1.00 14.62  ? 109 CYS A O   1 
ATOM   867 C CB  . CYS A 1 109 ? -1.498  -5.569  -3.093  1.00 10.77  ? 109 CYS A CB  1 
ATOM   868 S SG  . CYS A 1 109 ? -2.119  -3.908  -2.802  1.00 12.36  ? 109 CYS A SG  1 
ATOM   869 N N   . LYS A 1 110 ? 0.693   -7.689  -2.978  1.00 11.42  ? 110 LYS A N   1 
ATOM   870 C CA  . LYS A 1 110 ? 1.063   -9.074  -2.999  1.00 10.65  ? 110 LYS A CA  1 
ATOM   871 C C   . LYS A 1 110 ? 0.797   -9.663  -1.596  1.00 13.92  ? 110 LYS A C   1 
ATOM   872 O O   . LYS A 1 110 ? 0.612   -8.925  -0.636  1.00 11.71  ? 110 LYS A O   1 
ATOM   873 C CB  . LYS A 1 110 ? 2.512   -9.280  -3.409  1.00 10.51  ? 110 LYS A CB  1 
ATOM   874 C CG  . LYS A 1 110 ? 3.429   -8.681  -2.337  1.00 12.80  ? 110 LYS A CG  1 
ATOM   875 C CD  . LYS A 1 110 ? 4.863   -8.797  -2.749  1.00 15.30  ? 110 LYS A CD  1 
ATOM   876 C CE  . LYS A 1 110 ? 5.744   -8.197  -1.687  1.00 20.88  ? 110 LYS A CE  1 
ATOM   877 N NZ  . LYS A 1 110 ? 7.159   -8.223  -2.098  1.00 30.88  ? 110 LYS A NZ  1 
ATOM   878 N N   . CYS A 1 111 ? 0.776   -11.003 -1.505  1.00 9.75   ? 111 CYS A N   1 
ATOM   879 C CA  . CYS A 1 111 ? 0.619   -11.733 -0.252  1.00 9.20   ? 111 CYS A CA  1 
ATOM   880 C C   . CYS A 1 111 ? 2.000   -12.218 0.136   1.00 14.40  ? 111 CYS A C   1 
ATOM   881 O O   . CYS A 1 111 ? 2.573   -13.071 -0.519  1.00 15.94  ? 111 CYS A O   1 
ATOM   882 C CB  . CYS A 1 111 ? -0.359  -12.903 -0.392  1.00 10.27  ? 111 CYS A CB  1 
ATOM   883 S SG  . CYS A 1 111 ? -2.061  -12.300 -0.289  1.00 11.79  ? 111 CYS A SG  1 
ATOM   884 N N   . SER A 1 112 ? 2.529   -11.637 1.202   1.00 14.50  ? 112 SER A N   1 
ATOM   885 C CA  . SER A 1 112 ? 3.882   -11.969 1.612   1.00 10.59  ? 112 SER A CA  1 
ATOM   886 C C   . SER A 1 112 ? 3.931   -12.715 2.971   1.00 13.20  ? 112 SER A C   1 
ATOM   887 O O   . SER A 1 112 ? 3.298   -12.215 3.924   1.00 13.49  ? 112 SER A O   1 
ATOM   888 C CB  . SER A 1 112 ? 4.700   -10.672 1.590   1.00 14.72  ? 112 SER A CB  1 
ATOM   889 O OG  . SER A 1 112 ? 6.057   -10.974 1.694   1.00 32.54  ? 112 SER A OG  1 
ATOM   890 O OXT . SER A 1 112 ? 4.602   -13.797 3.085   1.00 16.00  ? 112 SER A OXT 1 
HETATM 891 O O   . HOH B 2 .   ? -5.062  -6.544  -13.247 1.00 27.35  ? 251 HOH A O   1 
HETATM 892 O O   . HOH B 2 .   ? -4.607  -12.953 -7.465  1.00 24.82  ? 252 HOH A O   1 
HETATM 893 O O   . HOH B 2 .   ? -0.005  -7.729  -8.007  1.00 21.82  ? 253 HOH A O   1 
HETATM 894 O O   . HOH B 2 .   ? -2.799  0.433   -9.826  1.00 14.59  ? 254 HOH A O   1 
HETATM 895 O O   . HOH B 2 .   ? -12.463 -12.776 -5.412  1.00 29.30  ? 256 HOH A O   1 
HETATM 896 O O   . HOH B 2 .   ? -3.644  -9.548  4.877   1.00 21.20  ? 257 HOH A O   1 
HETATM 897 O O   . HOH B 2 .   ? -2.701  -5.396  5.100   1.00 21.46  ? 258 HOH A O   1 
HETATM 898 O O   . HOH B 2 .   ? -5.050  -7.206  5.365   1.00 30.85  ? 259 HOH A O   1 
HETATM 899 O O   . HOH B 2 .   ? 0.093   -0.862  1.455   1.00 15.92  ? 260 HOH A O   1 
HETATM 900 O O   . HOH B 2 .   ? -8.342  -19.430 6.998   1.00 37.61  ? 261 HOH A O   1 
HETATM 901 O O   . HOH B 2 .   ? -2.831  15.802  -5.467  1.00 21.35  ? 262 HOH A O   1 
HETATM 902 O O   . HOH B 2 .   ? -2.714  13.432  -6.955  1.00 14.45  ? 263 HOH A O   1 
HETATM 903 O O   . HOH B 2 .   ? -2.735  19.744  2.449   1.00 32.88  ? 264 HOH A O   1 
HETATM 904 O O   . HOH B 2 .   ? -1.078  11.314  -6.571  1.00 18.62  ? 265 HOH A O   1 
HETATM 905 O O   . HOH B 2 .   ? -6.535  6.810   -4.829  1.00 30.32  ? 266 HOH A O   1 
HETATM 906 O O   . HOH B 2 .   ? -9.377  8.394   -0.300  1.00 37.85  ? 267 HOH A O   1 
HETATM 907 O O   . HOH B 2 .   ? -3.821  5.321   -7.710  1.00 26.89  ? 268 HOH A O   1 
HETATM 908 O O   . HOH B 2 .   ? -7.684  10.601  3.923   1.00 36.77  ? 269 HOH A O   1 
HETATM 909 O O   . HOH B 2 .   ? 2.302   0.833   4.144   1.00 12.55  ? 270 HOH A O   1 
HETATM 910 O O   . HOH B 2 .   ? 4.532   0.002   1.738   1.00 21.88  ? 271 HOH A O   1 
HETATM 911 O O   . HOH B 2 .   ? -1.250  -2.188  4.183   1.00 19.69  ? 272 HOH A O   1 
HETATM 912 O O   . HOH B 2 .   ? -5.810  2.973   9.287   1.00 19.96  ? 273 HOH A O   1 
HETATM 913 O O   . HOH B 2 .   ? -0.445  0.577   4.585   1.00 16.85  ? 274 HOH A O   1 
HETATM 914 O O   . HOH B 2 .   ? -5.533  -14.544 5.080   1.00 18.27  ? 275 HOH A O   1 
HETATM 915 O O   . HOH B 2 .   ? -6.726  -21.083 1.078   1.00 22.81  ? 276 HOH A O   1 
HETATM 916 O O   . HOH B 2 .   ? -4.431  -18.551 4.110   1.00 18.52  ? 277 HOH A O   1 
HETATM 917 O O   . HOH B 2 .   ? -7.813  -19.307 3.737   1.00 50.40  ? 278 HOH A O   1 
HETATM 918 O O   . HOH B 2 .   ? 1.302   -2.655  3.144   1.00 18.15  ? 279 HOH A O   1 
HETATM 919 O O   . HOH B 2 .   ? -1.530  -15.887 -0.516  1.00 14.58  ? 280 HOH A O   1 
HETATM 920 O O   . HOH B 2 .   ? 6.322   -5.031  0.764   1.00 22.46  ? 281 HOH A O   1 
HETATM 921 O O   . HOH B 2 .   ? -0.058  -13.117 10.449  1.00 49.58  ? 282 HOH A O   1 
HETATM 922 O O   . HOH B 2 .   ? 8.571   -0.762  -6.428  1.00 43.48  ? 283 HOH A O   1 
HETATM 923 O O   . HOH B 2 .   ? 10.691  -18.134 -2.902  1.00 19.89  ? 284 HOH A O   1 
HETATM 924 O O   . HOH B 2 .   ? 9.932   4.639   -5.664  1.00 29.45  ? 287 HOH A O   1 
HETATM 925 O O   . HOH B 2 .   ? -15.276 -11.977 -4.994  1.00 30.84  ? 288 HOH A O   1 
HETATM 926 O O   . HOH B 2 .   ? -10.541 -1.980  -3.523  1.00 27.50  ? 289 HOH A O   1 
HETATM 927 O O   . HOH B 2 .   ? -10.069 -17.024 -3.239  1.00 29.15  ? 290 HOH A O   1 
HETATM 928 O O   . HOH B 2 .   ? -12.835 -15.321 -3.412  1.00 37.19  ? 291 HOH A O   1 
HETATM 929 O O   . HOH B 2 .   ? -10.508 2.832   0.879   1.00 40.26  ? 292 HOH A O   1 
HETATM 930 O O   . HOH B 2 .   ? -6.581  10.132  9.609   1.00 40.06  ? 293 HOH A O   1 
HETATM 931 O O   . HOH B 2 .   ? 3.208   7.586   1.275   1.00 29.86  ? 294 HOH A O   1 
HETATM 932 O O   . HOH B 2 .   ? 13.350  8.815   -0.314  1.00 38.76  ? 295 HOH A O   1 
HETATM 933 O O   . HOH B 2 .   ? -1.448  20.503  -4.667  1.00 42.54  ? 296 HOH A O   1 
HETATM 934 O O   . HOH B 2 .   ? -2.457  18.300  -6.682  1.00 33.11  ? 297 HOH A O   1 
HETATM 935 O O   . HOH B 2 .   ? 11.811  15.109  -8.713  1.00 42.22  ? 298 HOH A O   1 
HETATM 936 O O   . HOH B 2 .   ? -1.335  -11.467 -9.144  1.00 43.04  ? 299 HOH A O   1 
HETATM 937 O O   . HOH B 2 .   ? -3.121  3.281   -9.111  1.00 29.43  ? 300 HOH A O   1 
HETATM 938 O O   . HOH B 2 .   ? -6.118  6.637   -7.635  1.00 36.04  ? 301 HOH A O   1 
HETATM 939 O O   . HOH B 2 .   ? -9.691  -1.828  -16.645 1.00 44.43  ? 302 HOH A O   1 
HETATM 940 O O   . HOH B 2 .   ? -11.076 -5.202  -4.052  1.00 35.30  ? 303 HOH A O   1 
HETATM 941 O O   . HOH B 2 .   ? 8.089   -13.250 1.907   1.00 35.49  ? 304 HOH A O   1 
HETATM 942 O O   . HOH B 2 .   ? -7.411  -16.760 4.366   1.00 40.30  ? 305 HOH A O   1 
HETATM 943 O O   . HOH B 2 .   ? -11.233 -18.221 -0.382  1.00 42.95  ? 306 HOH A O   1 
HETATM 944 O O   . HOH B 2 .   ? -14.530 -11.639 -2.063  1.00 44.18  ? 307 HOH A O   1 
HETATM 945 O O   . HOH B 2 .   ? -11.605 -14.568 1.227   1.00 65.01  ? 309 HOH A O   1 
HETATM 946 O O   . HOH B 2 .   ? 0.909   14.605  13.787  1.00 55.99  ? 310 HOH A O   1 
HETATM 947 O O   . HOH B 2 .   ? -8.748  7.691   -3.825  1.00 54.62  ? 311 HOH A O   1 
HETATM 948 O O   . HOH B 2 .   ? -9.692  -20.620 -0.207  1.00 61.19  ? 312 HOH A O   1 
# 
